data_2N93
#
_entry.id   2N93
#
_entity_poly.entity_id   1
_entity_poly.type   'polypeptide(L)'
_entity_poly.pdbx_seq_one_letter_code
;MVQLAGTYKLEKNENFEEYLAALGVPQDSIKKANSPGVVYEIIVNGNKFTFKSSSGMNSTLIVNEEVEEVLGTVNMNIKS
FTKLEGSKLVVNSELPDGRKGTRTYEFCDKGFVLTMCAGDMVAKRYFIRT
;
_entity_poly.pdbx_strand_id   A
#
# COMPACT_ATOMS: atom_id res chain seq x y z
N MET A 1 19.59 -8.45 -3.90
CA MET A 1 20.60 -8.53 -4.98
C MET A 1 20.09 -8.23 -6.41
N VAL A 2 19.15 -8.99 -6.98
CA VAL A 2 18.39 -8.54 -8.19
C VAL A 2 18.00 -7.05 -8.13
N GLN A 3 18.03 -6.39 -9.29
CA GLN A 3 17.58 -5.03 -9.53
C GLN A 3 16.73 -5.06 -10.82
N LEU A 4 15.43 -4.78 -10.74
CA LEU A 4 14.49 -4.75 -11.88
C LEU A 4 14.07 -3.32 -12.19
N ALA A 5 13.76 -2.55 -11.14
CA ALA A 5 13.26 -1.19 -11.26
C ALA A 5 13.66 -0.29 -10.07
N GLY A 6 13.78 -0.83 -8.84
CA GLY A 6 14.40 -0.14 -7.70
C GLY A 6 13.54 -0.16 -6.43
N THR A 7 13.49 0.99 -5.73
CA THR A 7 12.68 1.20 -4.52
C THR A 7 11.97 2.54 -4.54
N TYR A 8 10.74 2.55 -4.05
CA TYR A 8 9.81 3.67 -4.08
C TYR A 8 9.27 3.97 -2.69
N LYS A 9 9.47 5.19 -2.20
CA LYS A 9 8.93 5.67 -0.94
C LYS A 9 7.56 6.37 -1.17
N LEU A 10 6.69 6.47 -0.17
CA LEU A 10 5.42 7.21 -0.33
C LEU A 10 5.67 8.71 -0.52
N GLU A 11 5.21 9.24 -1.65
CA GLU A 11 5.17 10.68 -1.95
C GLU A 11 3.76 11.23 -2.11
N LYS A 12 2.81 10.44 -2.63
CA LYS A 12 1.47 10.91 -2.93
C LYS A 12 0.40 9.89 -2.54
N ASN A 13 -0.35 10.18 -1.48
CA ASN A 13 -1.54 9.41 -1.15
C ASN A 13 -2.78 10.17 -1.62
N GLU A 14 -3.80 9.46 -2.14
CA GLU A 14 -5.10 10.01 -2.50
C GLU A 14 -6.18 9.00 -2.18
N ASN A 15 -7.45 9.41 -2.10
CA ASN A 15 -8.62 8.54 -2.24
C ASN A 15 -8.73 7.45 -1.13
N PHE A 16 -7.73 7.37 -0.23
CA PHE A 16 -7.78 6.77 1.09
C PHE A 16 -8.99 7.30 1.87
N GLU A 17 -9.32 8.58 1.66
CA GLU A 17 -10.49 9.18 2.26
C GLU A 17 -11.77 8.44 1.88
N GLU A 18 -11.87 7.90 0.66
CA GLU A 18 -13.05 7.16 0.22
C GLU A 18 -13.14 5.75 0.81
N TYR A 19 -12.07 4.93 0.90
CA TYR A 19 -12.23 3.70 1.70
C TYR A 19 -12.46 4.04 3.16
N LEU A 20 -11.59 4.80 3.82
CA LEU A 20 -11.69 5.11 5.24
C LEU A 20 -13.03 5.79 5.60
N ALA A 21 -13.62 6.63 4.75
CA ALA A 21 -14.98 7.14 4.92
C ALA A 21 -16.03 6.02 4.73
N ALA A 22 -15.92 5.18 3.70
CA ALA A 22 -16.76 3.98 3.54
C ALA A 22 -16.80 3.13 4.83
N LEU A 23 -15.69 3.08 5.58
CA LEU A 23 -15.55 2.35 6.85
C LEU A 23 -16.03 3.16 8.07
N GLY A 24 -16.05 4.50 8.00
CA GLY A 24 -16.51 5.39 9.08
C GLY A 24 -15.42 6.17 9.80
N VAL A 25 -14.30 6.49 9.15
CA VAL A 25 -13.23 7.35 9.67
C VAL A 25 -13.47 8.83 9.30
N PRO A 26 -13.13 9.82 10.16
CA PRO A 26 -13.32 11.25 9.92
C PRO A 26 -12.40 11.79 8.81
N GLN A 27 -12.93 12.49 7.80
CA GLN A 27 -12.20 12.94 6.60
C GLN A 27 -11.01 13.89 6.84
N ASP A 28 -11.08 14.89 7.72
CA ASP A 28 -9.99 15.87 7.89
C ASP A 28 -8.79 15.25 8.59
N SER A 29 -9.06 14.37 9.56
CA SER A 29 -8.04 13.53 10.18
C SER A 29 -7.52 12.46 9.21
N ILE A 30 -8.37 11.83 8.40
CA ILE A 30 -8.04 10.91 7.28
C ILE A 30 -6.87 11.44 6.44
N LYS A 31 -6.89 12.74 6.12
CA LYS A 31 -5.88 13.41 5.30
C LYS A 31 -4.59 13.74 6.05
N LYS A 32 -4.57 13.65 7.38
CA LYS A 32 -3.35 13.56 8.20
C LYS A 32 -2.90 12.09 8.32
N ALA A 33 -3.87 11.20 8.44
CA ALA A 33 -3.73 9.79 8.80
C ALA A 33 -3.12 8.93 7.69
N ASN A 34 -3.66 9.05 6.48
CA ASN A 34 -3.10 8.53 5.25
C ASN A 34 -2.55 9.68 4.38
N SER A 35 -2.06 10.77 4.98
CA SER A 35 -1.25 11.75 4.24
C SER A 35 0.00 11.09 3.63
N PRO A 36 0.61 11.66 2.57
CA PRO A 36 1.96 11.27 2.19
C PRO A 36 2.98 11.83 3.19
N GLY A 37 4.27 11.69 2.87
CA GLY A 37 5.38 12.03 3.77
C GLY A 37 5.62 10.97 4.84
N VAL A 38 4.61 10.18 5.16
CA VAL A 38 4.76 8.88 5.82
C VAL A 38 5.85 8.10 5.12
N VAL A 39 6.79 7.54 5.88
CA VAL A 39 7.69 6.51 5.35
C VAL A 39 6.90 5.24 5.06
N TYR A 40 6.75 4.95 3.76
CA TYR A 40 6.54 3.61 3.24
C TYR A 40 7.80 3.22 2.45
N GLU A 41 8.17 1.94 2.34
CA GLU A 41 9.29 1.48 1.49
C GLU A 41 8.75 0.32 0.65
N ILE A 42 8.61 0.48 -0.67
CA ILE A 42 8.38 -0.65 -1.58
C ILE A 42 9.62 -0.87 -2.43
N ILE A 43 10.30 -2.00 -2.22
CA ILE A 43 11.38 -2.45 -3.12
C ILE A 43 10.73 -3.38 -4.14
N VAL A 44 10.99 -3.20 -5.45
CA VAL A 44 10.64 -4.21 -6.45
C VAL A 44 11.74 -4.44 -7.45
N ASN A 45 12.14 -5.71 -7.48
CA ASN A 45 13.34 -6.21 -8.11
C ASN A 45 13.21 -7.73 -8.39
N GLY A 46 12.15 -8.13 -9.11
CA GLY A 46 11.97 -9.50 -9.61
C GLY A 46 11.94 -10.54 -8.50
N ASN A 47 13.02 -11.30 -8.33
CA ASN A 47 13.22 -12.19 -7.18
C ASN A 47 13.50 -11.42 -5.85
N LYS A 48 12.76 -10.33 -5.61
CA LYS A 48 12.86 -9.39 -4.50
C LYS A 48 11.68 -8.40 -4.56
N PHE A 49 10.60 -8.61 -3.80
CA PHE A 49 9.55 -7.61 -3.56
C PHE A 49 9.30 -7.46 -2.04
N THR A 50 9.13 -6.22 -1.58
CA THR A 50 9.03 -5.79 -0.16
C THR A 50 8.13 -4.57 -0.12
N PHE A 51 7.17 -4.47 0.82
CA PHE A 51 6.39 -3.25 1.11
C PHE A 51 6.27 -3.07 2.61
N LYS A 52 6.70 -1.94 3.15
CA LYS A 52 6.45 -1.55 4.54
C LYS A 52 5.81 -0.17 4.70
N SER A 53 5.27 0.08 5.88
CA SER A 53 4.80 1.37 6.40
C SER A 53 5.42 1.59 7.78
N SER A 54 5.81 2.84 8.07
CA SER A 54 6.53 3.25 9.29
C SER A 54 5.87 4.51 9.91
N SER A 55 4.57 4.72 9.65
CA SER A 55 3.73 5.90 9.96
C SER A 55 3.40 6.09 11.46
N GLY A 56 4.17 5.47 12.36
CA GLY A 56 3.81 5.25 13.76
C GLY A 56 3.64 3.76 14.08
N MET A 57 3.27 2.96 13.08
CA MET A 57 3.29 1.50 13.13
C MET A 57 4.50 0.99 12.35
N ASN A 58 5.20 0.00 12.90
CA ASN A 58 6.36 -0.64 12.27
C ASN A 58 5.93 -1.88 11.47
N SER A 59 5.27 -1.69 10.32
CA SER A 59 4.60 -2.77 9.56
C SER A 59 5.36 -3.10 8.28
N THR A 60 5.78 -4.35 8.06
CA THR A 60 6.76 -4.71 7.03
C THR A 60 6.50 -6.12 6.51
N LEU A 61 6.31 -6.25 5.20
CA LEU A 61 5.95 -7.50 4.52
C LEU A 61 6.73 -7.70 3.21
N ILE A 62 6.66 -8.89 2.63
CA ILE A 62 7.43 -9.30 1.44
C ILE A 62 6.51 -9.81 0.30
N VAL A 63 7.06 -10.56 -0.66
CA VAL A 63 6.36 -11.22 -1.77
C VAL A 63 5.33 -12.20 -1.19
N ASN A 64 4.08 -12.17 -1.66
CA ASN A 64 3.05 -13.16 -1.28
C ASN A 64 2.99 -13.42 0.25
N GLU A 65 2.50 -12.46 1.04
CA GLU A 65 2.40 -12.56 2.50
C GLU A 65 1.13 -11.90 3.05
N GLU A 66 1.05 -11.67 4.36
CA GLU A 66 -0.01 -10.91 5.01
C GLU A 66 0.62 -9.99 6.07
N VAL A 67 -0.12 -8.96 6.47
CA VAL A 67 0.20 -8.08 7.61
C VAL A 67 -1.08 -7.43 8.15
N GLU A 68 -1.08 -7.04 9.43
CA GLU A 68 -2.12 -6.24 10.07
C GLU A 68 -1.56 -4.87 10.49
N GLU A 69 -2.41 -3.84 10.54
CA GLU A 69 -1.99 -2.51 10.96
C GLU A 69 -3.17 -1.65 11.42
N VAL A 70 -3.06 -1.14 12.66
CA VAL A 70 -3.97 -0.16 13.26
C VAL A 70 -3.30 1.21 13.33
N LEU A 71 -4.00 2.30 13.05
CA LEU A 71 -3.44 3.65 13.11
C LEU A 71 -4.30 4.59 13.96
N GLY A 72 -3.66 5.50 14.69
CA GLY A 72 -4.33 6.42 15.63
C GLY A 72 -5.15 7.50 14.94
N THR A 73 -4.51 8.34 14.13
CA THR A 73 -5.14 9.37 13.27
C THR A 73 -6.16 8.79 12.30
N VAL A 74 -5.97 7.56 11.83
CA VAL A 74 -6.95 6.91 10.94
C VAL A 74 -8.08 6.27 11.75
N ASN A 75 -7.92 6.12 13.07
CA ASN A 75 -8.83 5.42 13.97
C ASN A 75 -9.33 4.04 13.44
N MET A 76 -8.49 3.37 12.65
CA MET A 76 -8.85 2.20 11.84
C MET A 76 -7.83 1.08 11.98
N ASN A 77 -8.32 -0.15 12.16
CA ASN A 77 -7.55 -1.37 12.43
C ASN A 77 -7.92 -2.44 11.41
N ILE A 78 -7.06 -2.65 10.42
CA ILE A 78 -7.39 -3.40 9.20
C ILE A 78 -6.23 -4.31 8.82
N LYS A 79 -6.49 -5.28 7.95
CA LYS A 79 -5.49 -6.26 7.55
C LYS A 79 -5.33 -6.33 6.03
N SER A 80 -4.19 -6.86 5.60
CA SER A 80 -3.76 -6.76 4.21
C SER A 80 -2.96 -8.01 3.82
N PHE A 81 -3.45 -8.74 2.82
CA PHE A 81 -2.89 -10.02 2.36
C PHE A 81 -2.27 -9.84 0.98
N THR A 82 -0.95 -9.66 0.90
CA THR A 82 -0.21 -9.44 -0.35
C THR A 82 -0.07 -10.73 -1.16
N LYS A 83 0.09 -10.54 -2.46
CA LYS A 83 0.18 -11.61 -3.45
C LYS A 83 0.73 -11.09 -4.77
N LEU A 84 1.55 -11.88 -5.46
CA LEU A 84 2.32 -11.40 -6.62
C LEU A 84 1.76 -11.94 -7.93
N GLU A 85 1.16 -11.04 -8.72
CA GLU A 85 0.55 -11.32 -10.00
C GLU A 85 1.51 -10.91 -11.13
N GLY A 86 2.76 -11.38 -11.00
CA GLY A 86 3.81 -11.27 -12.00
C GLY A 86 4.43 -9.89 -12.10
N SER A 87 4.01 -9.10 -13.09
CA SER A 87 4.44 -7.70 -13.21
C SER A 87 3.44 -6.71 -12.60
N LYS A 88 2.77 -7.14 -11.52
CA LYS A 88 2.04 -6.32 -10.55
C LYS A 88 1.87 -7.10 -9.24
N LEU A 89 1.91 -6.42 -8.11
CA LEU A 89 1.55 -7.01 -6.82
C LEU A 89 0.05 -6.72 -6.57
N VAL A 90 -0.59 -7.52 -5.73
CA VAL A 90 -1.96 -7.32 -5.23
C VAL A 90 -1.94 -7.39 -3.70
N VAL A 91 -2.83 -6.73 -2.96
CA VAL A 91 -3.04 -6.99 -1.53
C VAL A 91 -4.54 -7.00 -1.20
N ASN A 92 -5.09 -8.12 -0.76
CA ASN A 92 -6.48 -8.15 -0.31
C ASN A 92 -6.57 -7.42 1.04
N SER A 93 -7.14 -6.21 1.02
CA SER A 93 -7.33 -5.41 2.23
C SER A 93 -8.69 -5.71 2.82
N GLU A 94 -8.70 -6.42 3.94
CA GLU A 94 -9.91 -6.72 4.70
C GLU A 94 -10.15 -5.63 5.74
N LEU A 95 -11.39 -5.20 5.80
CA LEU A 95 -11.88 -4.15 6.68
C LEU A 95 -12.85 -4.84 7.68
N PRO A 96 -12.42 -5.07 8.93
CA PRO A 96 -13.17 -5.83 9.95
C PRO A 96 -14.48 -5.20 10.41
N ASP A 97 -14.74 -3.95 10.01
CA ASP A 97 -15.99 -3.22 10.22
C ASP A 97 -17.16 -3.74 9.35
N GLY A 98 -16.84 -4.52 8.31
CA GLY A 98 -17.78 -5.21 7.42
C GLY A 98 -17.52 -4.99 5.94
N ARG A 99 -17.19 -3.75 5.53
CA ARG A 99 -17.03 -3.37 4.12
C ARG A 99 -15.62 -3.70 3.61
N LYS A 100 -15.31 -5.00 3.56
CA LYS A 100 -14.06 -5.56 3.01
C LYS A 100 -13.88 -5.23 1.50
N GLY A 101 -12.65 -5.28 0.97
CA GLY A 101 -12.38 -5.05 -0.47
C GLY A 101 -11.04 -5.65 -0.95
N THR A 102 -10.52 -5.21 -2.10
CA THR A 102 -9.20 -5.62 -2.61
C THR A 102 -8.38 -4.44 -3.09
N ARG A 103 -7.16 -4.28 -2.55
CA ARG A 103 -6.10 -3.41 -3.07
C ARG A 103 -5.25 -4.15 -4.13
N THR A 104 -4.68 -3.43 -5.09
CA THR A 104 -3.72 -3.86 -6.10
C THR A 104 -2.63 -2.82 -6.26
N TYR A 105 -1.41 -3.26 -6.59
CA TYR A 105 -0.16 -2.49 -6.56
C TYR A 105 0.62 -2.65 -7.89
N GLU A 106 0.52 -1.68 -8.80
CA GLU A 106 1.16 -1.75 -10.12
C GLU A 106 2.67 -1.51 -10.05
N PHE A 107 3.42 -2.25 -10.87
CA PHE A 107 4.87 -2.13 -10.99
C PHE A 107 5.25 -1.06 -12.04
N CYS A 108 5.88 0.03 -11.57
CA CYS A 108 6.49 1.09 -12.38
C CYS A 108 7.62 1.77 -11.57
N ASP A 109 8.72 2.12 -12.23
CA ASP A 109 9.90 2.75 -11.61
C ASP A 109 9.66 4.21 -11.18
N LYS A 110 9.05 5.02 -12.05
CA LYS A 110 8.64 6.40 -11.76
C LYS A 110 7.38 6.46 -10.88
N GLY A 111 6.93 5.35 -10.28
CA GLY A 111 5.71 5.32 -9.48
C GLY A 111 5.07 3.95 -9.36
N PHE A 112 5.09 3.42 -8.15
CA PHE A 112 4.16 2.41 -7.68
C PHE A 112 2.81 3.06 -7.40
N VAL A 113 1.71 2.34 -7.63
CA VAL A 113 0.37 2.82 -7.25
C VAL A 113 -0.38 1.69 -6.60
N LEU A 114 -0.89 1.94 -5.40
CA LEU A 114 -1.76 1.04 -4.67
C LEU A 114 -3.21 1.51 -4.78
N THR A 115 -4.04 0.91 -5.65
CA THR A 115 -5.48 1.20 -5.69
C THR A 115 -6.26 0.05 -5.09
N MET A 116 -7.28 0.33 -4.30
CA MET A 116 -8.38 -0.63 -4.09
C MET A 116 -9.65 -0.16 -4.79
N CYS A 117 -10.40 -1.10 -5.35
CA CYS A 117 -11.76 -0.83 -5.83
C CYS A 117 -12.77 -1.86 -5.30
N ALA A 118 -13.74 -1.37 -4.53
CA ALA A 118 -14.92 -2.09 -4.08
C ALA A 118 -16.18 -1.50 -4.69
N GLY A 119 -17.28 -2.26 -4.65
CA GLY A 119 -18.59 -1.83 -5.10
C GLY A 119 -19.25 -0.79 -4.17
N ASP A 120 -18.64 -0.55 -3.01
CA ASP A 120 -19.05 0.38 -1.97
C ASP A 120 -18.27 1.72 -2.01
N MET A 121 -17.05 1.75 -2.58
CA MET A 121 -16.09 2.88 -2.62
C MET A 121 -14.71 2.45 -3.17
N VAL A 122 -13.80 3.39 -3.47
CA VAL A 122 -12.42 3.10 -3.98
C VAL A 122 -11.33 3.83 -3.16
N ALA A 123 -10.03 3.50 -3.34
CA ALA A 123 -8.90 4.22 -2.70
C ALA A 123 -7.49 3.98 -3.29
N LYS A 124 -6.85 5.00 -3.87
CA LYS A 124 -5.57 4.92 -4.61
C LYS A 124 -4.42 5.86 -4.19
N ARG A 125 -3.25 5.29 -3.91
CA ARG A 125 -2.12 5.93 -3.24
C ARG A 125 -0.77 5.45 -3.81
N TYR A 126 0.09 6.37 -4.22
CA TYR A 126 1.26 6.08 -5.04
C TYR A 126 2.62 6.41 -4.41
N PHE A 127 3.48 5.38 -4.38
CA PHE A 127 4.83 5.40 -3.85
C PHE A 127 5.81 5.64 -5.00
N ILE A 128 6.57 6.73 -5.02
CA ILE A 128 7.47 7.07 -6.15
C ILE A 128 8.93 6.83 -5.73
N ARG A 129 9.81 6.52 -6.69
CA ARG A 129 11.23 6.22 -6.45
C ARG A 129 11.94 7.17 -5.46
N THR A 130 12.85 6.58 -4.67
CA THR A 130 13.74 7.27 -3.71
C THR A 130 14.44 8.44 -4.37
N MET A 1 24.14 -8.65 -8.76
CA MET A 1 23.01 -9.62 -8.86
C MET A 1 22.17 -9.41 -10.15
N VAL A 2 21.07 -10.13 -10.35
CA VAL A 2 20.04 -9.77 -11.35
C VAL A 2 19.50 -8.34 -11.09
N GLN A 3 19.08 -7.65 -12.16
CA GLN A 3 18.43 -6.34 -12.08
C GLN A 3 17.31 -6.26 -13.14
N LEU A 4 16.04 -6.40 -12.71
CA LEU A 4 14.87 -6.35 -13.61
C LEU A 4 14.41 -4.89 -13.82
N ALA A 5 14.28 -4.15 -12.72
CA ALA A 5 13.82 -2.76 -12.73
C ALA A 5 14.66 -1.85 -11.84
N GLY A 6 14.75 -2.15 -10.53
CA GLY A 6 15.34 -1.23 -9.55
C GLY A 6 14.75 -1.40 -8.15
N THR A 7 14.41 -0.26 -7.54
CA THR A 7 13.87 -0.12 -6.18
C THR A 7 12.99 1.11 -6.15
N TYR A 8 11.92 1.06 -5.37
CA TYR A 8 10.95 2.13 -5.21
C TYR A 8 10.62 2.38 -3.72
N LYS A 9 10.41 3.63 -3.34
CA LYS A 9 9.94 4.08 -2.02
C LYS A 9 8.68 4.93 -2.16
N LEU A 10 7.90 5.13 -1.09
CA LEU A 10 6.63 5.85 -1.25
C LEU A 10 6.85 7.25 -1.86
N GLU A 11 6.01 7.59 -2.83
CA GLU A 11 5.89 8.95 -3.39
C GLU A 11 4.55 9.55 -2.97
N LYS A 12 3.43 9.00 -3.45
CA LYS A 12 2.09 9.57 -3.20
C LYS A 12 1.06 8.53 -2.77
N ASN A 13 0.07 8.96 -2.00
CA ASN A 13 -1.14 8.19 -1.73
C ASN A 13 -2.35 8.94 -2.27
N GLU A 14 -3.18 8.27 -3.09
CA GLU A 14 -4.46 8.75 -3.61
C GLU A 14 -5.60 7.81 -3.19
N ASN A 15 -6.85 8.22 -3.43
CA ASN A 15 -8.04 7.39 -3.27
C ASN A 15 -8.25 6.85 -1.84
N PHE A 16 -7.45 7.34 -0.91
CA PHE A 16 -7.71 7.35 0.51
C PHE A 16 -9.19 7.67 0.78
N GLU A 17 -9.85 8.57 0.01
CA GLU A 17 -11.29 8.88 0.13
C GLU A 17 -12.28 7.79 -0.33
N GLU A 18 -11.88 6.70 -1.00
CA GLU A 18 -12.77 5.54 -1.15
C GLU A 18 -12.65 4.66 0.09
N TYR A 19 -11.47 4.13 0.41
CA TYR A 19 -11.28 3.27 1.61
C TYR A 19 -11.32 4.09 2.92
N LEU A 20 -11.70 5.36 2.81
CA LEU A 20 -12.33 6.19 3.81
C LEU A 20 -13.80 5.81 4.04
N ALA A 21 -14.62 5.97 3.00
CA ALA A 21 -16.07 5.99 3.05
C ALA A 21 -16.68 4.61 2.79
N ALA A 22 -16.03 3.79 1.96
CA ALA A 22 -16.26 2.36 1.96
C ALA A 22 -16.00 1.72 3.32
N LEU A 23 -15.18 2.29 4.23
CA LEU A 23 -14.90 1.64 5.54
C LEU A 23 -15.57 2.34 6.74
N GLY A 24 -15.79 3.65 6.65
CA GLY A 24 -16.46 4.46 7.69
C GLY A 24 -15.51 5.34 8.51
N VAL A 25 -14.61 6.02 7.82
CA VAL A 25 -13.56 6.91 8.37
C VAL A 25 -13.83 8.39 7.97
N PRO A 26 -13.34 9.42 8.71
CA PRO A 26 -13.37 10.87 8.38
C PRO A 26 -12.22 11.33 7.44
N GLN A 27 -12.45 12.16 6.40
CA GLN A 27 -11.40 12.45 5.38
C GLN A 27 -10.17 13.09 5.96
N ASP A 28 -10.28 14.15 6.77
CA ASP A 28 -9.09 14.78 7.37
C ASP A 28 -8.48 13.96 8.51
N SER A 29 -9.11 12.85 8.88
CA SER A 29 -8.55 11.81 9.75
C SER A 29 -7.86 10.68 8.96
N ILE A 30 -8.36 10.27 7.79
CA ILE A 30 -7.63 9.32 6.92
C ILE A 30 -6.51 9.99 6.18
N LYS A 31 -6.66 11.24 5.74
CA LYS A 31 -5.67 11.92 4.92
C LYS A 31 -4.44 12.33 5.72
N LYS A 32 -4.57 12.38 7.05
CA LYS A 32 -3.45 12.41 7.98
C LYS A 32 -2.92 11.00 8.39
N ALA A 33 -3.62 9.92 8.03
CA ALA A 33 -3.21 8.53 8.28
C ALA A 33 -2.60 7.84 7.05
N ASN A 34 -3.37 7.74 5.98
CA ASN A 34 -2.94 7.57 4.59
C ASN A 34 -2.17 8.79 4.06
N SER A 35 -1.83 9.75 4.94
CA SER A 35 -0.79 10.71 4.63
C SER A 35 0.46 9.92 4.23
N PRO A 36 1.08 10.26 3.08
CA PRO A 36 2.27 9.60 2.58
C PRO A 36 3.50 10.02 3.41
N GLY A 37 4.69 10.09 2.83
CA GLY A 37 5.94 10.25 3.59
C GLY A 37 6.39 8.95 4.28
N VAL A 38 5.49 7.98 4.43
CA VAL A 38 5.76 6.58 4.83
C VAL A 38 7.02 6.05 4.14
N VAL A 39 7.95 5.51 4.92
CA VAL A 39 8.93 4.55 4.37
C VAL A 39 8.21 3.26 3.95
N TYR A 40 7.79 3.19 2.69
CA TYR A 40 7.65 1.91 2.00
C TYR A 40 8.96 1.62 1.26
N GLU A 41 9.45 0.38 1.22
CA GLU A 41 10.61 -0.01 0.39
C GLU A 41 10.21 -1.24 -0.43
N ILE A 42 10.20 -1.12 -1.76
CA ILE A 42 9.90 -2.21 -2.70
C ILE A 42 11.05 -2.38 -3.68
N ILE A 43 11.79 -3.47 -3.56
CA ILE A 43 13.06 -3.68 -4.27
C ILE A 43 12.94 -4.78 -5.33
N VAL A 44 12.17 -4.58 -6.41
CA VAL A 44 12.00 -5.66 -7.42
C VAL A 44 13.18 -5.75 -8.41
N ASN A 45 13.67 -6.97 -8.54
CA ASN A 45 14.73 -7.40 -9.44
C ASN A 45 14.70 -8.93 -9.57
N GLY A 46 13.75 -9.44 -10.37
CA GLY A 46 13.65 -10.83 -10.85
C GLY A 46 13.78 -11.87 -9.75
N ASN A 47 14.98 -12.42 -9.60
CA ASN A 47 15.38 -13.33 -8.52
C ASN A 47 15.50 -12.66 -7.13
N LYS A 48 14.77 -11.55 -6.92
CA LYS A 48 14.83 -10.72 -5.74
C LYS A 48 13.60 -9.80 -5.76
N PHE A 49 12.61 -10.10 -4.94
CA PHE A 49 11.41 -9.29 -4.77
C PHE A 49 11.11 -9.20 -3.26
N THR A 50 10.81 -8.00 -2.77
CA THR A 50 10.51 -7.60 -1.38
C THR A 50 9.76 -6.28 -1.38
N PHE A 51 8.72 -6.15 -0.55
CA PHE A 51 8.01 -4.91 -0.21
C PHE A 51 7.87 -4.82 1.31
N LYS A 52 8.06 -3.63 1.87
CA LYS A 52 7.85 -3.38 3.30
C LYS A 52 7.26 -2.00 3.58
N SER A 53 6.60 -1.84 4.72
CA SER A 53 6.26 -0.57 5.36
C SER A 53 7.08 -0.42 6.68
N SER A 54 7.52 0.79 6.98
CA SER A 54 8.35 1.16 8.14
C SER A 54 7.79 2.41 8.88
N SER A 55 6.57 2.86 8.58
CA SER A 55 5.90 4.05 9.16
C SER A 55 5.44 3.90 10.62
N GLY A 56 6.19 3.14 11.42
CA GLY A 56 5.88 2.83 12.83
C GLY A 56 5.34 1.42 12.99
N MET A 57 4.71 0.84 11.96
CA MET A 57 4.42 -0.59 11.87
C MET A 57 5.54 -1.30 11.11
N ASN A 58 6.23 -2.24 11.74
CA ASN A 58 7.28 -3.04 11.11
C ASN A 58 6.68 -4.14 10.23
N SER A 59 6.47 -3.86 8.96
CA SER A 59 5.80 -4.77 8.05
C SER A 59 6.69 -5.09 6.85
N THR A 60 7.10 -6.35 6.64
CA THR A 60 7.96 -6.70 5.51
C THR A 60 7.59 -8.07 4.97
N LEU A 61 7.37 -8.11 3.67
CA LEU A 61 6.88 -9.26 2.92
C LEU A 61 7.72 -9.43 1.66
N ILE A 62 8.24 -10.63 1.42
CA ILE A 62 9.09 -10.82 0.23
C ILE A 62 8.22 -10.93 -1.02
N VAL A 63 7.42 -11.99 -1.06
CA VAL A 63 6.72 -12.57 -2.21
C VAL A 63 5.81 -13.65 -1.68
N ASN A 64 4.59 -13.75 -2.22
CA ASN A 64 3.71 -14.90 -2.00
C ASN A 64 3.41 -15.18 -0.51
N GLU A 65 3.35 -14.14 0.33
CA GLU A 65 3.12 -14.24 1.77
C GLU A 65 2.07 -13.20 2.22
N GLU A 66 1.69 -13.16 3.50
CA GLU A 66 0.73 -12.18 3.99
C GLU A 66 1.29 -11.36 5.16
N VAL A 67 0.66 -10.23 5.43
CA VAL A 67 1.03 -9.28 6.48
C VAL A 67 -0.23 -8.61 7.06
N GLU A 68 -0.04 -7.95 8.20
CA GLU A 68 -1.01 -7.07 8.86
C GLU A 68 -0.37 -5.68 9.00
N GLU A 69 -1.16 -4.62 9.10
CA GLU A 69 -0.68 -3.32 9.56
C GLU A 69 -1.81 -2.50 10.18
N VAL A 70 -1.47 -1.76 11.23
CA VAL A 70 -2.32 -0.70 11.80
C VAL A 70 -1.85 0.68 11.33
N LEU A 71 -2.80 1.59 11.13
CA LEU A 71 -2.62 3.01 10.85
C LEU A 71 -2.92 3.87 12.10
N GLY A 72 -2.24 5.02 12.21
CA GLY A 72 -2.28 5.93 13.37
C GLY A 72 -3.64 6.58 13.60
N THR A 73 -3.95 7.70 12.90
CA THR A 73 -5.15 8.50 13.16
C THR A 73 -6.43 7.71 12.88
N VAL A 74 -6.57 7.20 11.67
CA VAL A 74 -7.71 6.40 11.23
C VAL A 74 -7.96 5.16 12.09
N ASN A 75 -6.97 4.72 12.89
CA ASN A 75 -7.08 3.54 13.78
C ASN A 75 -7.38 2.23 13.02
N MET A 76 -7.23 2.20 11.69
CA MET A 76 -7.51 1.02 10.87
C MET A 76 -6.43 -0.02 11.09
N ASN A 77 -6.79 -1.16 11.67
CA ASN A 77 -5.95 -2.35 11.78
C ASN A 77 -6.40 -3.31 10.66
N ILE A 78 -5.62 -3.45 9.57
CA ILE A 78 -6.03 -4.20 8.37
C ILE A 78 -5.01 -5.27 7.98
N LYS A 79 -5.43 -6.23 7.16
CA LYS A 79 -4.55 -7.31 6.70
C LYS A 79 -4.42 -7.37 5.17
N SER A 80 -3.36 -7.98 4.66
CA SER A 80 -2.86 -7.88 3.29
C SER A 80 -2.22 -9.21 2.88
N PHE A 81 -2.59 -9.81 1.74
CA PHE A 81 -2.19 -11.17 1.38
C PHE A 81 -1.53 -11.25 0.00
N THR A 82 -0.21 -11.07 -0.04
CA THR A 82 0.61 -10.83 -1.24
C THR A 82 0.84 -12.12 -2.01
N LYS A 83 0.68 -12.04 -3.33
CA LYS A 83 0.93 -13.13 -4.27
C LYS A 83 1.48 -12.55 -5.58
N LEU A 84 2.60 -13.03 -6.10
CA LEU A 84 3.14 -12.56 -7.38
C LEU A 84 2.52 -13.36 -8.54
N GLU A 85 2.29 -12.67 -9.65
CA GLU A 85 1.74 -13.20 -10.90
C GLU A 85 2.68 -12.72 -12.05
N GLY A 86 3.95 -13.13 -11.99
CA GLY A 86 4.95 -12.90 -13.03
C GLY A 86 5.45 -11.47 -13.12
N SER A 87 4.74 -10.62 -13.85
CA SER A 87 5.06 -9.20 -14.09
C SER A 87 4.15 -8.22 -13.33
N LYS A 88 3.44 -8.72 -12.30
CA LYS A 88 2.60 -7.92 -11.40
C LYS A 88 2.33 -8.66 -10.08
N LEU A 89 2.25 -7.98 -8.95
CA LEU A 89 1.91 -8.58 -7.65
C LEU A 89 0.43 -8.29 -7.35
N VAL A 90 -0.26 -9.21 -6.68
CA VAL A 90 -1.59 -9.02 -6.08
C VAL A 90 -1.44 -9.04 -4.57
N VAL A 91 -2.46 -8.58 -3.84
CA VAL A 91 -2.45 -8.46 -2.38
C VAL A 91 -3.88 -8.50 -1.89
N ASN A 92 -4.33 -9.53 -1.18
CA ASN A 92 -5.74 -9.58 -0.78
C ASN A 92 -5.94 -8.65 0.44
N SER A 93 -6.50 -7.46 0.22
CA SER A 93 -6.65 -6.43 1.26
C SER A 93 -7.94 -6.59 2.02
N GLU A 94 -7.83 -7.07 3.25
CA GLU A 94 -8.98 -7.22 4.11
C GLU A 94 -9.09 -6.11 5.14
N LEU A 95 -10.29 -5.57 5.20
CA LEU A 95 -10.69 -4.51 6.10
C LEU A 95 -11.65 -5.17 7.10
N PRO A 96 -11.26 -5.33 8.38
CA PRO A 96 -12.12 -5.97 9.39
C PRO A 96 -13.43 -5.20 9.65
N ASP A 97 -13.53 -3.93 9.23
CA ASP A 97 -14.77 -3.13 9.15
C ASP A 97 -15.82 -3.66 8.12
N GLY A 98 -15.60 -4.88 7.61
CA GLY A 98 -16.51 -5.63 6.74
C GLY A 98 -16.20 -5.46 5.26
N ARG A 99 -15.88 -4.23 4.85
CA ARG A 99 -15.75 -3.81 3.44
C ARG A 99 -14.37 -4.15 2.84
N LYS A 100 -13.98 -5.41 2.94
CA LYS A 100 -12.76 -6.01 2.38
C LYS A 100 -12.77 -6.15 0.84
N GLY A 101 -11.60 -6.37 0.23
CA GLY A 101 -11.46 -6.61 -1.21
C GLY A 101 -10.10 -7.17 -1.65
N THR A 102 -9.73 -6.91 -2.92
CA THR A 102 -8.46 -7.33 -3.54
C THR A 102 -7.58 -6.14 -3.94
N ARG A 103 -6.47 -5.91 -3.24
CA ARG A 103 -5.40 -5.01 -3.66
C ARG A 103 -4.62 -5.65 -4.84
N THR A 104 -4.06 -4.82 -5.73
CA THR A 104 -3.17 -5.18 -6.84
C THR A 104 -2.02 -4.18 -6.84
N TYR A 105 -0.81 -4.70 -6.98
CA TYR A 105 0.46 -3.98 -6.84
C TYR A 105 1.35 -4.20 -8.10
N GLU A 106 1.32 -3.26 -9.03
CA GLU A 106 2.20 -3.27 -10.22
C GLU A 106 3.60 -2.77 -9.86
N PHE A 107 4.63 -3.20 -10.59
CA PHE A 107 6.02 -2.73 -10.54
C PHE A 107 6.59 -2.27 -11.89
N CYS A 108 7.28 -1.13 -11.83
CA CYS A 108 8.09 -0.45 -12.86
C CYS A 108 9.18 0.39 -12.17
N ASP A 109 10.32 0.65 -12.81
CA ASP A 109 11.34 1.59 -12.30
C ASP A 109 10.77 2.99 -12.00
N LYS A 110 9.89 3.46 -12.89
CA LYS A 110 9.10 4.66 -12.67
C LYS A 110 8.03 4.54 -11.58
N GLY A 111 7.75 3.36 -11.02
CA GLY A 111 6.78 3.23 -9.93
C GLY A 111 6.24 1.82 -9.69
N PHE A 112 6.05 1.54 -8.41
CA PHE A 112 5.13 0.56 -7.87
C PHE A 112 3.78 1.26 -7.63
N VAL A 113 2.64 0.62 -7.87
CA VAL A 113 1.32 1.24 -7.66
C VAL A 113 0.36 0.35 -6.82
N LEU A 114 0.24 0.73 -5.54
CA LEU A 114 -0.62 0.19 -4.48
C LEU A 114 -2.09 0.48 -4.75
N THR A 115 -2.84 -0.51 -5.25
CA THR A 115 -4.23 -0.30 -5.65
C THR A 115 -5.21 -1.20 -4.93
N MET A 116 -6.10 -0.66 -4.09
CA MET A 116 -7.13 -1.42 -3.34
C MET A 116 -8.38 -1.53 -4.19
N CYS A 117 -8.50 -2.60 -4.98
CA CYS A 117 -9.64 -2.84 -5.83
C CYS A 117 -10.77 -3.51 -5.02
N ALA A 118 -12.01 -3.12 -5.25
CA ALA A 118 -13.21 -3.76 -4.75
C ALA A 118 -14.24 -3.93 -5.90
N GLY A 119 -15.32 -4.66 -5.64
CA GLY A 119 -16.50 -4.64 -6.52
C GLY A 119 -17.39 -3.40 -6.31
N ASP A 120 -17.14 -2.65 -5.24
CA ASP A 120 -17.80 -1.38 -4.91
C ASP A 120 -17.01 -0.16 -5.44
N MET A 121 -15.68 -0.22 -5.41
CA MET A 121 -14.76 0.89 -5.72
C MET A 121 -13.37 0.38 -6.09
N VAL A 122 -12.40 1.26 -6.30
CA VAL A 122 -10.97 0.93 -6.55
C VAL A 122 -10.08 2.09 -6.09
N ALA A 123 -9.00 1.78 -5.38
CA ALA A 123 -8.05 2.75 -4.82
C ALA A 123 -6.66 2.68 -5.41
N LYS A 124 -5.87 3.75 -5.33
CA LYS A 124 -4.61 3.90 -6.07
C LYS A 124 -3.62 4.78 -5.29
N ARG A 125 -2.44 4.27 -4.95
CA ARG A 125 -1.32 4.97 -4.30
C ARG A 125 -0.04 4.43 -4.93
N TYR A 126 1.12 5.07 -4.76
CA TYR A 126 2.29 4.71 -5.55
C TYR A 126 3.64 5.17 -5.00
N PHE A 127 4.62 4.31 -5.25
CA PHE A 127 5.95 4.31 -4.65
C PHE A 127 6.96 4.29 -5.79
N ILE A 128 7.81 5.31 -5.94
CA ILE A 128 8.79 5.40 -7.03
C ILE A 128 10.21 5.45 -6.44
N ARG A 129 11.23 5.14 -7.24
CA ARG A 129 12.64 5.16 -6.83
C ARG A 129 13.07 6.32 -5.90
N THR A 130 13.97 6.00 -4.96
CA THR A 130 14.70 6.94 -4.08
C THR A 130 15.55 7.90 -4.89
N MET A 1 23.38 -10.70 -8.19
CA MET A 1 22.25 -9.79 -7.78
C MET A 1 21.25 -9.56 -8.94
N VAL A 2 20.12 -8.91 -8.74
CA VAL A 2 19.14 -8.54 -9.80
C VAL A 2 18.80 -7.06 -9.65
N GLN A 3 18.67 -6.35 -10.78
CA GLN A 3 18.13 -5.00 -10.83
C GLN A 3 17.17 -4.87 -12.01
N LEU A 4 15.91 -4.51 -11.73
CA LEU A 4 14.90 -4.15 -12.73
C LEU A 4 14.81 -2.62 -12.76
N ALA A 5 14.39 -2.05 -11.63
CA ALA A 5 14.22 -0.64 -11.41
C ALA A 5 15.17 -0.17 -10.29
N GLY A 6 14.68 -0.15 -9.06
CA GLY A 6 15.24 0.57 -7.94
C GLY A 6 14.41 0.39 -6.68
N THR A 7 14.47 1.39 -5.80
CA THR A 7 13.63 1.50 -4.61
C THR A 7 12.92 2.82 -4.64
N TYR A 8 11.62 2.78 -4.36
CA TYR A 8 10.76 3.95 -4.28
C TYR A 8 10.40 4.27 -2.82
N LYS A 9 10.44 5.54 -2.46
CA LYS A 9 9.79 6.04 -1.25
C LYS A 9 8.35 6.47 -1.54
N LEU A 10 7.62 6.98 -0.54
CA LEU A 10 6.39 7.75 -0.74
C LEU A 10 6.68 9.01 -1.56
N GLU A 11 5.79 9.30 -2.50
CA GLU A 11 5.55 10.64 -3.05
C GLU A 11 4.26 11.17 -2.43
N LYS A 12 3.14 10.57 -2.82
CA LYS A 12 1.82 11.17 -2.66
C LYS A 12 0.81 10.16 -2.11
N ASN A 13 -0.28 10.70 -1.58
CA ASN A 13 -1.48 9.93 -1.32
C ASN A 13 -2.69 10.68 -1.89
N GLU A 14 -3.59 9.98 -2.59
CA GLU A 14 -4.86 10.48 -3.10
C GLU A 14 -5.94 9.41 -2.89
N ASN A 15 -7.22 9.79 -2.86
CA ASN A 15 -8.33 8.87 -3.16
C ASN A 15 -8.47 7.69 -2.14
N PHE A 16 -7.59 7.61 -1.13
CA PHE A 16 -7.73 6.93 0.15
C PHE A 16 -8.91 7.49 0.93
N GLU A 17 -9.31 8.73 0.64
CA GLU A 17 -10.52 9.34 1.18
C GLU A 17 -11.73 8.47 0.85
N GLU A 18 -11.87 7.99 -0.39
CA GLU A 18 -12.91 7.04 -0.80
C GLU A 18 -12.90 5.70 -0.05
N TYR A 19 -11.78 5.27 0.55
CA TYR A 19 -11.82 4.13 1.49
C TYR A 19 -12.20 4.61 2.85
N LEU A 20 -11.31 5.33 3.51
CA LEU A 20 -11.48 5.77 4.89
C LEU A 20 -12.86 6.44 5.12
N ALA A 21 -13.41 7.20 4.16
CA ALA A 21 -14.74 7.81 4.28
C ALA A 21 -15.89 6.83 3.98
N ALA A 22 -15.72 5.84 3.11
CA ALA A 22 -16.62 4.69 3.04
C ALA A 22 -16.61 3.90 4.36
N LEU A 23 -15.48 3.84 5.09
CA LEU A 23 -15.42 3.30 6.46
C LEU A 23 -15.96 4.29 7.50
N GLY A 24 -16.21 5.56 7.15
CA GLY A 24 -16.81 6.59 8.01
C GLY A 24 -15.87 7.64 8.60
N VAL A 25 -14.65 7.76 8.12
CA VAL A 25 -13.61 8.70 8.62
C VAL A 25 -13.78 10.12 8.01
N PRO A 26 -13.57 11.24 8.76
CA PRO A 26 -13.75 12.62 8.28
C PRO A 26 -12.72 13.04 7.23
N GLN A 27 -13.11 13.68 6.12
CA GLN A 27 -12.16 13.99 5.02
C GLN A 27 -10.94 14.85 5.43
N ASP A 28 -11.12 15.97 6.15
CA ASP A 28 -10.00 16.85 6.50
C ASP A 28 -8.99 16.22 7.48
N SER A 29 -9.44 15.27 8.31
CA SER A 29 -8.61 14.36 9.11
C SER A 29 -8.05 13.19 8.30
N ILE A 30 -8.70 12.80 7.21
CA ILE A 30 -8.31 11.69 6.31
C ILE A 30 -6.99 12.02 5.62
N LYS A 31 -6.85 13.26 5.18
CA LYS A 31 -5.62 13.79 4.57
C LYS A 31 -4.52 14.02 5.61
N LYS A 32 -4.83 13.97 6.92
CA LYS A 32 -3.85 13.78 8.01
C LYS A 32 -3.60 12.27 8.30
N ALA A 33 -4.57 11.39 8.04
CA ALA A 33 -4.52 9.96 8.34
C ALA A 33 -3.62 9.19 7.37
N ASN A 34 -3.87 9.31 6.06
CA ASN A 34 -2.98 8.87 4.98
C ASN A 34 -2.04 10.04 4.58
N SER A 35 -1.61 10.89 5.51
CA SER A 35 -0.70 11.99 5.19
C SER A 35 0.58 11.44 4.52
N PRO A 36 1.09 12.13 3.48
CA PRO A 36 2.43 11.90 2.96
C PRO A 36 3.47 12.41 3.99
N GLY A 37 4.75 12.15 3.72
CA GLY A 37 5.83 12.33 4.71
C GLY A 37 6.10 11.06 5.51
N VAL A 38 5.31 10.00 5.30
CA VAL A 38 5.65 8.62 5.64
C VAL A 38 6.87 8.16 4.84
N VAL A 39 7.76 7.44 5.51
CA VAL A 39 8.75 6.54 4.91
C VAL A 39 8.04 5.26 4.48
N TYR A 40 7.85 5.12 3.16
CA TYR A 40 7.33 3.91 2.53
C TYR A 40 8.35 3.33 1.54
N GLU A 41 9.21 2.39 1.94
CA GLU A 41 10.21 1.82 1.05
C GLU A 41 9.60 0.68 0.22
N ILE A 42 9.57 0.81 -1.10
CA ILE A 42 9.25 -0.27 -2.03
C ILE A 42 10.47 -0.56 -2.90
N ILE A 43 11.24 -1.59 -2.56
CA ILE A 43 12.35 -2.08 -3.36
C ILE A 43 11.76 -2.97 -4.47
N VAL A 44 11.90 -2.65 -5.76
CA VAL A 44 11.54 -3.57 -6.87
C VAL A 44 12.67 -3.75 -7.86
N ASN A 45 13.00 -5.02 -8.06
CA ASN A 45 14.15 -5.53 -8.78
C ASN A 45 13.93 -7.02 -9.09
N GLY A 46 12.89 -7.29 -9.89
CA GLY A 46 12.63 -8.58 -10.53
C GLY A 46 12.33 -9.68 -9.54
N ASN A 47 13.35 -10.47 -9.22
CA ASN A 47 13.28 -11.54 -8.21
C ASN A 47 13.22 -10.99 -6.75
N LYS A 48 13.15 -9.67 -6.59
CA LYS A 48 13.08 -8.96 -5.32
C LYS A 48 12.05 -7.84 -5.41
N PHE A 49 10.94 -7.98 -4.67
CA PHE A 49 9.93 -6.93 -4.43
C PHE A 49 9.70 -6.91 -2.89
N THR A 50 9.80 -5.74 -2.23
CA THR A 50 9.60 -5.56 -0.76
C THR A 50 8.99 -4.20 -0.51
N PHE A 51 7.93 -4.12 0.29
CA PHE A 51 7.16 -2.90 0.59
C PHE A 51 7.14 -2.72 2.11
N LYS A 52 7.39 -1.51 2.62
CA LYS A 52 7.47 -1.29 4.07
C LYS A 52 7.03 0.11 4.48
N SER A 53 6.34 0.23 5.60
CA SER A 53 5.95 1.49 6.25
C SER A 53 6.81 1.63 7.52
N SER A 54 7.48 2.76 7.72
CA SER A 54 8.35 3.01 8.91
C SER A 54 7.83 4.19 9.76
N SER A 55 6.58 4.60 9.55
CA SER A 55 5.91 5.80 10.08
C SER A 55 5.52 5.73 11.56
N GLY A 56 6.16 4.84 12.34
CA GLY A 56 5.88 4.56 13.75
C GLY A 56 5.36 3.15 13.96
N MET A 57 4.57 2.66 13.00
CA MET A 57 4.44 1.23 12.73
C MET A 57 5.72 0.74 12.02
N ASN A 58 6.28 -0.39 12.46
CA ASN A 58 7.48 -1.01 11.87
C ASN A 58 7.10 -2.13 10.87
N SER A 59 6.32 -1.80 9.84
CA SER A 59 5.73 -2.78 8.93
C SER A 59 6.62 -3.04 7.71
N THR A 60 6.92 -4.31 7.38
CA THR A 60 7.57 -4.70 6.13
C THR A 60 7.07 -6.05 5.66
N LEU A 61 6.94 -6.19 4.34
CA LEU A 61 6.52 -7.39 3.64
C LEU A 61 7.37 -7.56 2.38
N ILE A 62 7.65 -8.79 1.98
CA ILE A 62 8.31 -9.09 0.69
C ILE A 62 7.29 -9.61 -0.34
N VAL A 63 7.79 -10.10 -1.48
CA VAL A 63 7.06 -10.81 -2.53
C VAL A 63 6.08 -11.84 -1.96
N ASN A 64 4.79 -11.74 -2.31
CA ASN A 64 3.75 -12.75 -2.03
C ASN A 64 3.48 -13.03 -0.52
N GLU A 65 3.70 -12.05 0.36
CA GLU A 65 3.49 -12.15 1.82
C GLU A 65 2.21 -11.43 2.29
N GLU A 66 2.23 -10.75 3.44
CA GLU A 66 1.14 -10.01 4.04
C GLU A 66 1.65 -9.22 5.25
N VAL A 67 0.93 -8.20 5.70
CA VAL A 67 1.28 -7.38 6.88
C VAL A 67 0.06 -6.67 7.47
N GLU A 68 0.16 -6.22 8.72
CA GLU A 68 -0.79 -5.37 9.41
C GLU A 68 -0.15 -4.02 9.80
N GLU A 69 -0.86 -2.90 9.59
CA GLU A 69 -0.41 -1.56 10.00
C GLU A 69 -1.52 -0.79 10.71
N VAL A 70 -1.15 0.27 11.42
CA VAL A 70 -2.07 1.22 12.08
C VAL A 70 -1.81 2.63 11.58
N LEU A 71 -2.88 3.37 11.33
CA LEU A 71 -2.85 4.72 10.76
C LEU A 71 -2.92 5.80 11.84
N GLY A 72 -2.23 6.94 11.59
CA GLY A 72 -2.06 8.06 12.52
C GLY A 72 -3.36 8.71 13.00
N THR A 73 -3.85 9.73 12.28
CA THR A 73 -5.02 10.56 12.69
C THR A 73 -6.33 9.79 12.82
N VAL A 74 -6.60 8.89 11.88
CA VAL A 74 -7.84 8.09 11.80
C VAL A 74 -7.98 7.06 12.93
N ASN A 75 -6.87 6.68 13.59
CA ASN A 75 -6.79 5.71 14.68
C ASN A 75 -7.16 4.25 14.29
N MET A 76 -7.23 3.95 12.99
CA MET A 76 -7.68 2.66 12.44
C MET A 76 -6.53 1.72 12.09
N ASN A 77 -6.74 0.44 12.43
CA ASN A 77 -5.88 -0.70 12.11
C ASN A 77 -6.34 -1.36 10.80
N ILE A 78 -5.42 -1.59 9.83
CA ILE A 78 -5.75 -2.23 8.54
C ILE A 78 -4.74 -3.33 8.21
N LYS A 79 -5.23 -4.43 7.63
CA LYS A 79 -4.39 -5.53 7.16
C LYS A 79 -4.24 -5.54 5.64
N SER A 80 -3.22 -6.23 5.13
CA SER A 80 -2.80 -6.21 3.74
C SER A 80 -2.20 -7.54 3.33
N PHE A 81 -2.78 -8.24 2.35
CA PHE A 81 -2.31 -9.56 1.90
C PHE A 81 -1.70 -9.51 0.50
N THR A 82 -0.38 -9.66 0.38
CA THR A 82 0.37 -9.34 -0.84
C THR A 82 0.51 -10.54 -1.74
N LYS A 83 0.49 -10.26 -3.03
CA LYS A 83 0.59 -11.24 -4.10
C LYS A 83 1.17 -10.55 -5.36
N LEU A 84 2.35 -11.00 -5.79
CA LEU A 84 3.00 -10.55 -7.02
C LEU A 84 2.42 -11.29 -8.22
N GLU A 85 2.27 -10.60 -9.34
CA GLU A 85 1.69 -11.11 -10.58
C GLU A 85 2.69 -10.93 -11.72
N GLY A 86 3.98 -11.15 -11.44
CA GLY A 86 5.12 -10.87 -12.32
C GLY A 86 5.58 -9.42 -12.18
N SER A 87 5.55 -8.67 -13.29
CA SER A 87 5.97 -7.26 -13.33
C SER A 87 4.95 -6.30 -12.71
N LYS A 88 4.37 -6.64 -11.55
CA LYS A 88 3.32 -5.93 -10.81
C LYS A 88 2.95 -6.62 -9.49
N LEU A 89 2.60 -5.86 -8.44
CA LEU A 89 2.13 -6.41 -7.16
C LEU A 89 0.68 -6.03 -6.90
N VAL A 90 0.00 -6.82 -6.08
CA VAL A 90 -1.30 -6.53 -5.48
C VAL A 90 -1.17 -6.77 -3.96
N VAL A 91 -1.89 -6.02 -3.12
CA VAL A 91 -2.11 -6.37 -1.70
C VAL A 91 -3.59 -6.21 -1.37
N ASN A 92 -4.26 -7.29 -0.99
CA ASN A 92 -5.66 -7.19 -0.61
C ASN A 92 -5.76 -6.51 0.75
N SER A 93 -6.10 -5.23 0.79
CA SER A 93 -6.26 -4.45 2.01
C SER A 93 -7.65 -4.69 2.60
N GLU A 94 -7.68 -5.25 3.81
CA GLU A 94 -8.91 -5.43 4.56
C GLU A 94 -9.09 -4.32 5.59
N LEU A 95 -10.35 -3.90 5.69
CA LEU A 95 -10.81 -2.90 6.63
C LEU A 95 -11.75 -3.63 7.60
N PRO A 96 -11.26 -3.95 8.82
CA PRO A 96 -12.02 -4.50 9.94
C PRO A 96 -13.45 -3.98 10.14
N ASP A 97 -13.75 -2.72 9.81
CA ASP A 97 -15.09 -2.12 9.91
C ASP A 97 -16.19 -2.83 9.08
N GLY A 98 -15.80 -3.74 8.17
CA GLY A 98 -16.71 -4.60 7.37
C GLY A 98 -16.72 -4.29 5.87
N ARG A 99 -15.99 -3.26 5.45
CA ARG A 99 -15.88 -2.75 4.07
C ARG A 99 -14.46 -2.91 3.50
N LYS A 100 -13.93 -4.14 3.52
CA LYS A 100 -12.65 -4.52 2.87
C LYS A 100 -12.65 -4.35 1.33
N GLY A 101 -11.47 -4.28 0.71
CA GLY A 101 -11.31 -4.27 -0.76
C GLY A 101 -9.99 -4.91 -1.20
N THR A 102 -9.37 -4.36 -2.26
CA THR A 102 -8.04 -4.77 -2.74
C THR A 102 -7.19 -3.58 -3.16
N ARG A 103 -5.98 -3.43 -2.63
CA ARG A 103 -4.94 -2.49 -3.11
C ARG A 103 -4.07 -3.19 -4.18
N THR A 104 -3.57 -2.45 -5.18
CA THR A 104 -2.74 -2.92 -6.30
C THR A 104 -1.65 -1.90 -6.56
N TYR A 105 -0.47 -2.35 -6.96
CA TYR A 105 0.73 -1.54 -7.09
C TYR A 105 1.40 -1.87 -8.44
N GLU A 106 1.25 -0.98 -9.44
CA GLU A 106 1.71 -1.24 -10.80
C GLU A 106 2.25 0.01 -11.46
N PHE A 107 3.51 -0.04 -11.91
CA PHE A 107 4.27 1.06 -12.55
C PHE A 107 5.70 0.59 -12.92
N CYS A 108 6.56 1.52 -13.34
CA CYS A 108 7.98 1.29 -13.69
C CYS A 108 8.93 2.01 -12.70
N ASP A 109 10.24 2.08 -12.96
CA ASP A 109 11.24 2.74 -12.10
C ASP A 109 10.93 4.20 -11.73
N LYS A 110 10.11 4.88 -12.52
CA LYS A 110 9.60 6.21 -12.19
C LYS A 110 8.37 6.21 -11.24
N GLY A 111 8.03 5.10 -10.57
CA GLY A 111 6.97 5.10 -9.57
C GLY A 111 6.42 3.74 -9.18
N PHE A 112 5.20 3.74 -8.59
CA PHE A 112 4.44 2.58 -8.13
C PHE A 112 3.13 3.06 -7.54
N VAL A 113 2.05 2.96 -8.32
CA VAL A 113 0.74 3.50 -7.93
C VAL A 113 -0.02 2.45 -7.14
N LEU A 114 -0.06 2.65 -5.82
CA LEU A 114 -0.91 1.96 -4.86
C LEU A 114 -2.37 2.39 -5.04
N THR A 115 -3.10 1.65 -5.88
CA THR A 115 -4.51 1.87 -6.20
C THR A 115 -5.38 0.88 -5.46
N MET A 116 -6.46 1.32 -4.80
CA MET A 116 -7.42 0.39 -4.18
C MET A 116 -8.67 0.25 -5.04
N CYS A 117 -9.36 -0.89 -4.99
CA CYS A 117 -10.58 -1.18 -5.74
C CYS A 117 -11.64 -1.88 -4.87
N ALA A 118 -12.91 -1.62 -5.20
CA ALA A 118 -14.14 -2.09 -4.55
C ALA A 118 -15.32 -1.90 -5.55
N GLY A 119 -16.52 -2.38 -5.20
CA GLY A 119 -17.72 -2.19 -6.05
C GLY A 119 -18.27 -0.76 -5.98
N ASP A 120 -18.16 -0.14 -4.81
CA ASP A 120 -18.63 1.20 -4.50
C ASP A 120 -17.61 2.28 -4.94
N MET A 121 -16.29 2.04 -4.85
CA MET A 121 -15.25 3.06 -5.11
C MET A 121 -13.84 2.52 -5.42
N VAL A 122 -12.85 3.42 -5.58
CA VAL A 122 -11.41 3.14 -5.81
C VAL A 122 -10.51 4.19 -5.12
N ALA A 123 -9.21 3.88 -4.92
CA ALA A 123 -8.15 4.79 -4.42
C ALA A 123 -6.94 4.80 -5.35
N LYS A 124 -6.02 5.75 -5.25
CA LYS A 124 -4.75 5.83 -5.98
C LYS A 124 -3.73 6.64 -5.15
N ARG A 125 -2.55 6.11 -4.84
CA ARG A 125 -1.51 6.82 -4.08
C ARG A 125 -0.15 6.34 -4.54
N TYR A 126 0.83 7.21 -4.76
CA TYR A 126 2.06 6.80 -5.46
C TYR A 126 3.36 6.88 -4.65
N PHE A 127 4.17 5.85 -4.85
CA PHE A 127 5.54 5.70 -4.39
C PHE A 127 6.48 5.99 -5.58
N ILE A 128 7.57 6.75 -5.43
CA ILE A 128 8.55 7.04 -6.52
C ILE A 128 10.01 7.00 -6.00
N ARG A 129 10.97 6.65 -6.89
CA ARG A 129 12.36 6.36 -6.55
C ARG A 129 13.03 7.32 -5.57
N THR A 130 13.92 6.79 -4.73
CA THR A 130 14.59 7.47 -3.59
C THR A 130 15.19 8.81 -3.94
N MET A 1 23.72 -9.45 -7.53
CA MET A 1 23.31 -10.78 -8.10
C MET A 1 22.26 -10.79 -9.25
N VAL A 2 21.21 -9.96 -9.23
CA VAL A 2 20.22 -9.89 -10.33
C VAL A 2 19.43 -8.57 -10.26
N GLN A 3 19.36 -7.81 -11.37
CA GLN A 3 18.87 -6.43 -11.35
C GLN A 3 17.74 -6.21 -12.35
N LEU A 4 16.49 -6.49 -11.94
CA LEU A 4 15.30 -6.15 -12.73
C LEU A 4 15.07 -4.64 -12.73
N ALA A 5 14.59 -4.08 -11.62
CA ALA A 5 14.24 -2.68 -11.50
C ALA A 5 15.22 -1.94 -10.57
N GLY A 6 15.01 -2.02 -9.25
CA GLY A 6 15.81 -1.34 -8.22
C GLY A 6 15.15 -1.38 -6.85
N THR A 7 15.20 -0.27 -6.11
CA THR A 7 14.36 -0.04 -4.92
C THR A 7 13.53 1.21 -5.08
N TYR A 8 12.49 1.29 -4.26
CA TYR A 8 11.59 2.42 -4.08
C TYR A 8 11.39 2.75 -2.59
N LYS A 9 11.74 3.97 -2.17
CA LYS A 9 11.36 4.55 -0.87
C LYS A 9 9.98 5.26 -0.98
N LEU A 10 9.40 5.81 0.09
CA LEU A 10 8.12 6.52 -0.06
C LEU A 10 8.32 7.88 -0.75
N GLU A 11 7.53 8.14 -1.80
CA GLU A 11 7.30 9.47 -2.36
C GLU A 11 5.97 10.06 -1.85
N LYS A 12 4.85 9.50 -2.32
CA LYS A 12 3.50 9.99 -2.05
C LYS A 12 2.54 8.89 -1.62
N ASN A 13 1.40 9.31 -1.13
CA ASN A 13 0.27 8.46 -0.87
C ASN A 13 -1.01 9.23 -1.23
N GLU A 14 -2.01 8.54 -1.75
CA GLU A 14 -3.29 9.07 -2.19
C GLU A 14 -4.29 7.93 -2.11
N ASN A 15 -5.57 8.27 -1.98
CA ASN A 15 -6.71 7.40 -2.24
C ASN A 15 -6.78 6.18 -1.27
N PHE A 16 -5.79 5.96 -0.38
CA PHE A 16 -5.87 5.10 0.80
C PHE A 16 -7.09 5.53 1.62
N GLU A 17 -7.32 6.83 1.69
CA GLU A 17 -8.50 7.46 2.23
C GLU A 17 -9.83 6.90 1.70
N GLU A 18 -9.95 6.48 0.44
CA GLU A 18 -11.26 6.05 -0.06
C GLU A 18 -11.70 4.70 0.52
N TYR A 19 -10.81 3.71 0.72
CA TYR A 19 -11.25 2.51 1.44
C TYR A 19 -11.43 2.76 2.95
N LEU A 20 -10.49 3.40 3.68
CA LEU A 20 -10.69 3.79 5.10
C LEU A 20 -11.97 4.66 5.27
N ALA A 21 -12.39 5.44 4.26
CA ALA A 21 -13.67 6.18 4.26
C ALA A 21 -14.86 5.25 4.01
N ALA A 22 -14.73 4.28 3.09
CA ALA A 22 -15.66 3.16 2.90
C ALA A 22 -15.84 2.29 4.16
N LEU A 23 -14.84 2.22 5.05
CA LEU A 23 -14.96 1.55 6.37
C LEU A 23 -15.58 2.48 7.42
N GLY A 24 -15.17 3.75 7.44
CA GLY A 24 -15.80 4.80 8.26
C GLY A 24 -14.89 5.83 8.95
N VAL A 25 -13.83 6.35 8.31
CA VAL A 25 -12.97 7.41 8.89
C VAL A 25 -13.17 8.80 8.24
N PRO A 26 -13.21 9.91 9.02
CA PRO A 26 -13.34 11.29 8.54
C PRO A 26 -12.20 11.82 7.67
N GLN A 27 -12.51 12.55 6.58
CA GLN A 27 -11.53 13.07 5.57
C GLN A 27 -10.31 13.79 6.16
N ASP A 28 -10.45 14.72 7.12
CA ASP A 28 -9.26 15.42 7.64
C ASP A 28 -8.45 14.60 8.66
N SER A 29 -9.02 13.52 9.18
CA SER A 29 -8.35 12.57 10.09
C SER A 29 -7.70 11.40 9.34
N ILE A 30 -8.37 10.94 8.28
CA ILE A 30 -7.96 9.85 7.40
C ILE A 30 -6.90 10.32 6.40
N LYS A 31 -7.09 11.43 5.69
CA LYS A 31 -6.14 11.96 4.72
C LYS A 31 -4.85 12.38 5.44
N LYS A 32 -4.94 12.87 6.68
CA LYS A 32 -3.76 13.16 7.51
C LYS A 32 -3.08 11.91 8.12
N ALA A 33 -3.80 10.78 8.26
CA ALA A 33 -3.19 9.49 8.59
C ALA A 33 -2.51 8.86 7.37
N ASN A 34 -3.18 8.97 6.24
CA ASN A 34 -2.76 8.44 4.96
C ASN A 34 -1.73 9.31 4.27
N SER A 35 -1.53 10.52 4.80
CA SER A 35 -0.36 11.33 4.59
C SER A 35 0.90 10.43 4.57
N PRO A 36 1.80 10.61 3.59
CA PRO A 36 2.93 9.73 3.38
C PRO A 36 3.98 9.94 4.48
N GLY A 37 5.18 10.44 4.16
CA GLY A 37 6.27 10.61 5.13
C GLY A 37 6.95 9.30 5.58
N VAL A 38 6.18 8.23 5.81
CA VAL A 38 6.61 6.86 6.19
C VAL A 38 7.87 6.43 5.43
N VAL A 39 8.78 5.73 6.11
CA VAL A 39 9.82 4.94 5.43
C VAL A 39 9.20 3.66 4.87
N TYR A 40 8.77 3.65 3.59
CA TYR A 40 8.33 2.45 2.88
C TYR A 40 9.41 1.97 1.88
N GLU A 41 10.16 0.91 2.18
CA GLU A 41 11.26 0.40 1.31
C GLU A 41 10.78 -0.85 0.57
N ILE A 42 10.68 -0.78 -0.74
CA ILE A 42 10.34 -1.90 -1.62
C ILE A 42 11.51 -2.11 -2.57
N ILE A 43 12.32 -3.15 -2.33
CA ILE A 43 13.42 -3.54 -3.21
C ILE A 43 12.88 -4.61 -4.17
N VAL A 44 12.93 -4.39 -5.49
CA VAL A 44 12.44 -5.38 -6.47
C VAL A 44 13.39 -5.51 -7.65
N ASN A 45 13.82 -6.75 -7.83
CA ASN A 45 14.93 -7.12 -8.67
C ASN A 45 14.95 -8.64 -8.88
N GLY A 46 13.94 -9.14 -9.61
CA GLY A 46 13.86 -10.49 -10.18
C GLY A 46 13.80 -11.59 -9.13
N ASN A 47 14.96 -12.18 -8.85
CA ASN A 47 15.20 -13.20 -7.83
C ASN A 47 15.37 -12.58 -6.42
N LYS A 48 14.77 -11.41 -6.15
CA LYS A 48 14.83 -10.68 -4.88
C LYS A 48 13.73 -9.60 -4.86
N PHE A 49 12.71 -9.79 -4.03
CA PHE A 49 11.60 -8.85 -3.81
C PHE A 49 11.39 -8.74 -2.27
N THR A 50 11.55 -7.54 -1.69
CA THR A 50 11.24 -7.19 -0.29
C THR A 50 10.35 -5.98 -0.31
N PHE A 51 9.39 -5.89 0.60
CA PHE A 51 8.67 -4.65 0.89
C PHE A 51 8.58 -4.47 2.41
N LYS A 52 8.71 -3.23 2.87
CA LYS A 52 8.68 -2.90 4.30
C LYS A 52 8.13 -1.51 4.59
N SER A 53 7.82 -1.27 5.84
CA SER A 53 7.47 0.01 6.43
C SER A 53 8.13 0.22 7.79
N SER A 54 8.46 1.48 8.12
CA SER A 54 9.14 1.85 9.38
C SER A 54 8.55 3.13 10.03
N SER A 55 7.25 3.40 9.83
CA SER A 55 6.52 4.54 10.41
C SER A 55 6.13 4.34 11.89
N GLY A 56 7.06 3.83 12.70
CA GLY A 56 6.81 3.50 14.11
C GLY A 56 6.25 2.08 14.28
N MET A 57 5.46 1.60 13.31
CA MET A 57 5.37 0.16 13.05
C MET A 57 6.65 -0.27 12.32
N ASN A 58 7.33 -1.28 12.85
CA ASN A 58 8.36 -2.02 12.12
C ASN A 58 7.69 -3.23 11.44
N SER A 59 7.47 -3.16 10.13
CA SER A 59 6.87 -4.29 9.37
C SER A 59 7.70 -4.54 8.11
N THR A 60 8.31 -5.72 7.96
CA THR A 60 9.14 -6.10 6.80
C THR A 60 8.81 -7.52 6.35
N LEU A 61 8.57 -7.66 5.05
CA LEU A 61 8.03 -8.84 4.39
C LEU A 61 8.76 -9.06 3.04
N ILE A 62 8.70 -10.27 2.50
CA ILE A 62 9.37 -10.65 1.23
C ILE A 62 8.36 -11.27 0.26
N VAL A 63 8.82 -11.81 -0.86
CA VAL A 63 8.00 -12.42 -1.92
C VAL A 63 6.99 -13.43 -1.37
N ASN A 64 5.70 -13.23 -1.67
CA ASN A 64 4.61 -14.14 -1.30
C ASN A 64 4.46 -14.37 0.24
N GLU A 65 4.49 -13.30 1.06
CA GLU A 65 4.32 -13.35 2.53
C GLU A 65 3.26 -12.38 3.07
N GLU A 66 2.88 -12.47 4.35
CA GLU A 66 1.84 -11.64 4.99
C GLU A 66 2.39 -10.80 6.16
N VAL A 67 1.72 -9.70 6.53
CA VAL A 67 2.09 -8.83 7.68
C VAL A 67 0.88 -8.07 8.22
N GLU A 68 0.99 -7.57 9.47
CA GLU A 68 0.11 -6.55 10.05
C GLU A 68 0.82 -5.20 10.17
N GLU A 69 0.05 -4.11 10.14
CA GLU A 69 0.50 -2.75 10.39
C GLU A 69 -0.65 -1.83 10.81
N VAL A 70 -0.36 -0.93 11.75
CA VAL A 70 -1.22 0.18 12.18
C VAL A 70 -0.77 1.54 11.62
N LEU A 71 -1.74 2.42 11.32
CA LEU A 71 -1.53 3.83 10.96
C LEU A 71 -1.59 4.76 12.18
N GLY A 72 -0.92 5.92 12.08
CA GLY A 72 -0.67 6.86 13.18
C GLY A 72 -1.88 7.68 13.63
N THR A 73 -2.53 8.44 12.72
CA THR A 73 -3.64 9.34 13.09
C THR A 73 -4.98 8.61 13.18
N VAL A 74 -5.28 7.80 12.17
CA VAL A 74 -6.53 7.01 12.04
C VAL A 74 -6.58 5.82 13.01
N ASN A 75 -5.44 5.41 13.57
CA ASN A 75 -5.34 4.30 14.52
C ASN A 75 -5.75 2.92 13.93
N MET A 76 -6.04 2.83 12.63
CA MET A 76 -6.45 1.58 11.97
C MET A 76 -5.27 0.61 11.83
N ASN A 77 -5.50 -0.62 12.26
CA ASN A 77 -4.56 -1.75 12.30
C ASN A 77 -5.09 -2.87 11.39
N ILE A 78 -4.38 -3.11 10.27
CA ILE A 78 -4.85 -3.98 9.18
C ILE A 78 -3.79 -4.98 8.76
N LYS A 79 -4.23 -6.21 8.47
CA LYS A 79 -3.37 -7.19 7.83
C LYS A 79 -3.31 -7.01 6.31
N SER A 80 -2.25 -7.53 5.74
CA SER A 80 -1.92 -7.50 4.32
C SER A 80 -1.21 -8.80 3.95
N PHE A 81 -1.73 -9.55 2.98
CA PHE A 81 -1.18 -10.81 2.50
C PHE A 81 -0.63 -10.65 1.08
N THR A 82 0.69 -10.48 0.98
CA THR A 82 1.39 -10.19 -0.26
C THR A 82 1.53 -11.44 -1.11
N LYS A 83 1.38 -11.27 -2.41
CA LYS A 83 1.62 -12.28 -3.42
C LYS A 83 2.16 -11.67 -4.72
N LEU A 84 3.07 -12.37 -5.38
CA LEU A 84 3.68 -11.92 -6.64
C LEU A 84 2.92 -12.51 -7.82
N GLU A 85 2.63 -11.68 -8.84
CA GLU A 85 1.86 -12.02 -10.05
C GLU A 85 2.74 -11.80 -11.30
N GLY A 86 4.01 -12.19 -11.20
CA GLY A 86 5.05 -12.08 -12.22
C GLY A 86 5.62 -10.67 -12.28
N SER A 87 5.13 -9.86 -13.22
CA SER A 87 5.57 -8.46 -13.38
C SER A 87 4.75 -7.45 -12.57
N LYS A 88 4.24 -7.88 -11.41
CA LYS A 88 3.44 -7.05 -10.50
C LYS A 88 3.27 -7.72 -9.12
N LEU A 89 3.56 -6.99 -8.03
CA LEU A 89 3.29 -7.45 -6.67
C LEU A 89 1.83 -7.12 -6.36
N VAL A 90 1.20 -7.89 -5.49
CA VAL A 90 -0.17 -7.68 -5.01
C VAL A 90 -0.18 -7.95 -3.50
N VAL A 91 -1.14 -7.41 -2.74
CA VAL A 91 -1.36 -7.80 -1.33
C VAL A 91 -2.85 -7.71 -0.98
N ASN A 92 -3.44 -8.80 -0.50
CA ASN A 92 -4.83 -8.81 -0.01
C ASN A 92 -4.87 -8.14 1.37
N SER A 93 -5.40 -6.93 1.45
CA SER A 93 -5.49 -6.15 2.68
C SER A 93 -6.85 -6.37 3.33
N GLU A 94 -6.86 -6.93 4.53
CA GLU A 94 -8.09 -7.18 5.27
C GLU A 94 -8.39 -6.02 6.22
N LEU A 95 -9.64 -5.60 6.19
CA LEU A 95 -10.24 -4.58 7.00
C LEU A 95 -11.20 -5.29 7.99
N PRO A 96 -10.81 -5.46 9.27
CA PRO A 96 -11.58 -6.24 10.24
C PRO A 96 -13.02 -5.75 10.43
N ASP A 97 -13.29 -4.44 10.24
CA ASP A 97 -14.62 -3.81 10.25
C ASP A 97 -15.65 -4.47 9.31
N GLY A 98 -15.20 -5.31 8.37
CA GLY A 98 -16.05 -6.21 7.56
C GLY A 98 -15.94 -5.98 6.06
N ARG A 99 -15.41 -4.82 5.66
CA ARG A 99 -15.26 -4.36 4.28
C ARG A 99 -13.82 -4.52 3.76
N LYS A 100 -13.37 -5.77 3.63
CA LYS A 100 -12.01 -6.10 3.16
C LYS A 100 -11.78 -5.78 1.66
N GLY A 101 -10.53 -5.73 1.20
CA GLY A 101 -10.18 -5.51 -0.22
C GLY A 101 -8.81 -6.06 -0.63
N THR A 102 -8.23 -5.52 -1.73
CA THR A 102 -6.94 -5.97 -2.28
C THR A 102 -6.11 -4.82 -2.83
N ARG A 103 -4.97 -4.55 -2.17
CA ARG A 103 -3.86 -3.72 -2.63
C ARG A 103 -3.15 -4.42 -3.80
N THR A 104 -2.69 -3.67 -4.81
CA THR A 104 -1.91 -4.15 -5.96
C THR A 104 -0.78 -3.17 -6.18
N TYR A 105 0.46 -3.63 -6.23
CA TYR A 105 1.65 -2.78 -6.34
C TYR A 105 2.42 -3.09 -7.65
N GLU A 106 2.15 -2.30 -8.68
CA GLU A 106 2.71 -2.46 -10.02
C GLU A 106 3.37 -1.16 -10.44
N PHE A 107 4.61 -1.26 -10.97
CA PHE A 107 5.44 -0.18 -11.56
C PHE A 107 6.85 -0.69 -11.97
N CYS A 108 7.85 0.20 -11.97
CA CYS A 108 9.28 -0.01 -12.25
C CYS A 108 10.12 1.09 -11.56
N ASP A 109 11.44 1.13 -11.74
CA ASP A 109 12.43 2.12 -11.25
C ASP A 109 11.91 3.50 -10.83
N LYS A 110 11.07 4.11 -11.66
CA LYS A 110 10.42 5.40 -11.46
C LYS A 110 9.29 5.40 -10.40
N GLY A 111 9.04 4.32 -9.65
CA GLY A 111 7.98 4.23 -8.65
C GLY A 111 7.46 2.83 -8.28
N PHE A 112 6.28 2.78 -7.66
CA PHE A 112 5.64 1.57 -7.14
C PHE A 112 4.23 1.89 -6.66
N VAL A 113 3.21 1.59 -7.46
CA VAL A 113 1.87 2.17 -7.22
C VAL A 113 0.97 1.14 -6.54
N LEU A 114 0.84 1.25 -5.22
CA LEU A 114 -0.07 0.48 -4.39
C LEU A 114 -1.49 1.00 -4.59
N THR A 115 -2.32 0.21 -5.29
CA THR A 115 -3.73 0.50 -5.53
C THR A 115 -4.58 -0.50 -4.79
N MET A 116 -5.44 -0.09 -3.84
CA MET A 116 -6.37 -1.04 -3.22
C MET A 116 -7.70 -0.99 -3.92
N CYS A 117 -8.05 -2.00 -4.71
CA CYS A 117 -9.39 -2.10 -5.26
C CYS A 117 -10.31 -2.86 -4.29
N ALA A 118 -11.57 -2.42 -4.26
CA ALA A 118 -12.72 -3.10 -3.70
C ALA A 118 -13.95 -2.82 -4.59
N GLY A 119 -15.04 -3.55 -4.38
CA GLY A 119 -16.30 -3.33 -5.10
C GLY A 119 -17.08 -2.10 -4.62
N ASP A 120 -16.64 -1.48 -3.52
CA ASP A 120 -17.30 -0.35 -2.87
C ASP A 120 -16.49 0.97 -2.98
N MET A 121 -15.17 0.86 -3.20
CA MET A 121 -14.23 1.98 -3.41
C MET A 121 -12.83 1.49 -3.88
N VAL A 122 -11.89 2.40 -4.11
CA VAL A 122 -10.51 2.08 -4.55
C VAL A 122 -9.46 3.02 -3.92
N ALA A 123 -8.17 2.64 -3.92
CA ALA A 123 -7.01 3.43 -3.47
C ALA A 123 -5.86 3.43 -4.49
N LYS A 124 -4.91 4.38 -4.45
CA LYS A 124 -3.73 4.53 -5.35
C LYS A 124 -2.65 5.42 -4.69
N ARG A 125 -1.57 4.82 -4.18
CA ARG A 125 -0.47 5.47 -3.44
C ARG A 125 0.88 5.02 -4.02
N TYR A 126 1.99 5.76 -3.88
CA TYR A 126 3.20 5.48 -4.68
C TYR A 126 4.57 5.80 -4.07
N PHE A 127 5.43 4.78 -4.09
CA PHE A 127 6.78 4.78 -3.50
C PHE A 127 7.80 4.88 -4.65
N ILE A 128 8.75 5.83 -4.65
CA ILE A 128 9.79 6.00 -5.69
C ILE A 128 11.20 5.96 -5.04
N ARG A 129 12.20 5.52 -5.82
CA ARG A 129 13.58 5.21 -5.41
C ARG A 129 14.25 6.08 -4.34
N THR A 130 15.07 5.38 -3.54
CA THR A 130 16.06 5.91 -2.58
C THR A 130 16.92 6.95 -3.23
N MET A 1 21.68 -7.46 -4.93
CA MET A 1 21.86 -8.67 -5.81
C MET A 1 21.30 -8.40 -7.23
N VAL A 2 20.11 -8.88 -7.60
CA VAL A 2 19.42 -8.45 -8.84
C VAL A 2 19.09 -6.95 -8.82
N GLN A 3 18.98 -6.33 -10.01
CA GLN A 3 18.40 -5.00 -10.23
C GLN A 3 17.40 -5.03 -11.41
N LEU A 4 16.08 -4.86 -11.16
CA LEU A 4 15.02 -4.75 -12.19
C LEU A 4 14.65 -3.27 -12.42
N ALA A 5 14.44 -2.52 -11.35
CA ALA A 5 13.93 -1.14 -11.41
C ALA A 5 14.45 -0.23 -10.30
N GLY A 6 14.82 -0.79 -9.14
CA GLY A 6 15.30 -0.02 -7.99
C GLY A 6 14.38 -0.13 -6.79
N THR A 7 14.28 1.01 -6.10
CA THR A 7 13.64 1.19 -4.78
C THR A 7 12.72 2.38 -4.84
N TYR A 8 11.60 2.33 -4.11
CA TYR A 8 10.58 3.38 -4.02
C TYR A 8 10.22 3.70 -2.56
N LYS A 9 10.28 4.96 -2.12
CA LYS A 9 9.68 5.45 -0.86
C LYS A 9 8.27 6.05 -1.13
N LEU A 10 7.53 6.61 -0.16
CA LEU A 10 6.25 7.29 -0.47
C LEU A 10 6.43 8.79 -0.76
N GLU A 11 6.00 9.22 -1.96
CA GLU A 11 5.83 10.63 -2.34
C GLU A 11 4.35 11.05 -2.43
N LYS A 12 3.44 10.26 -3.01
CA LYS A 12 2.03 10.63 -3.17
C LYS A 12 1.02 9.56 -2.72
N ASN A 13 -0.13 9.99 -2.24
CA ASN A 13 -1.22 9.10 -1.89
C ASN A 13 -2.57 9.73 -2.33
N GLU A 14 -3.50 8.99 -2.92
CA GLU A 14 -4.83 9.50 -3.33
C GLU A 14 -5.91 8.47 -2.96
N ASN A 15 -7.13 8.90 -2.64
CA ASN A 15 -8.28 7.98 -2.49
C ASN A 15 -8.13 6.96 -1.32
N PHE A 16 -7.03 7.02 -0.55
CA PHE A 16 -6.95 6.61 0.84
C PHE A 16 -8.15 7.12 1.62
N GLU A 17 -8.57 8.36 1.32
CA GLU A 17 -9.75 8.95 1.87
C GLU A 17 -10.99 8.12 1.54
N GLU A 18 -11.18 7.73 0.28
CA GLU A 18 -12.34 6.97 -0.18
C GLU A 18 -12.53 5.59 0.48
N TYR A 19 -11.49 4.75 0.64
CA TYR A 19 -11.68 3.51 1.40
C TYR A 19 -11.77 3.77 2.88
N LEU A 20 -10.84 4.48 3.53
CA LEU A 20 -10.95 4.79 4.96
C LEU A 20 -12.30 5.48 5.31
N ALA A 21 -12.89 6.26 4.39
CA ALA A 21 -14.20 6.88 4.51
C ALA A 21 -15.33 5.87 4.29
N ALA A 22 -15.21 4.98 3.31
CA ALA A 22 -16.06 3.79 3.18
C ALA A 22 -16.09 2.98 4.49
N LEU A 23 -15.01 2.98 5.29
CA LEU A 23 -14.98 2.37 6.63
C LEU A 23 -15.73 3.26 7.63
N GLY A 24 -15.41 4.55 7.62
CA GLY A 24 -16.10 5.60 8.41
C GLY A 24 -15.19 6.72 8.92
N VAL A 25 -13.91 6.72 8.58
CA VAL A 25 -12.90 7.64 9.12
C VAL A 25 -13.13 9.08 8.59
N PRO A 26 -12.95 10.16 9.39
CA PRO A 26 -13.11 11.55 8.97
C PRO A 26 -11.97 12.05 8.07
N GLN A 27 -12.25 12.85 7.03
CA GLN A 27 -11.30 13.23 5.97
C GLN A 27 -10.05 13.98 6.48
N ASP A 28 -10.12 15.09 7.20
CA ASP A 28 -8.89 15.76 7.69
C ASP A 28 -8.04 14.83 8.58
N SER A 29 -8.70 13.91 9.30
CA SER A 29 -8.05 12.83 10.05
C SER A 29 -7.55 11.66 9.18
N ILE A 30 -8.00 11.57 7.93
CA ILE A 30 -7.68 10.58 6.90
C ILE A 30 -6.50 11.04 6.05
N LYS A 31 -6.47 12.32 5.68
CA LYS A 31 -5.41 12.90 4.87
C LYS A 31 -4.22 13.32 5.72
N LYS A 32 -4.39 13.53 7.03
CA LYS A 32 -3.27 13.53 8.01
C LYS A 32 -2.96 12.12 8.58
N ALA A 33 -3.67 11.07 8.13
CA ALA A 33 -3.36 9.67 8.44
C ALA A 33 -2.54 9.01 7.32
N ASN A 34 -3.08 8.99 6.11
CA ASN A 34 -2.40 8.58 4.89
C ASN A 34 -1.69 9.78 4.21
N SER A 35 -1.40 10.84 4.95
CA SER A 35 -0.50 11.92 4.53
C SER A 35 0.82 11.34 4.04
N PRO A 36 1.38 11.79 2.90
CA PRO A 36 2.62 11.28 2.36
C PRO A 36 3.81 11.83 3.15
N GLY A 37 5.04 11.48 2.74
CA GLY A 37 6.23 11.70 3.58
C GLY A 37 6.35 10.70 4.71
N VAL A 38 5.47 9.70 4.70
CA VAL A 38 5.74 8.36 5.23
C VAL A 38 6.90 7.74 4.47
N VAL A 39 7.62 6.88 5.15
CA VAL A 39 8.56 5.92 4.59
C VAL A 39 7.79 4.64 4.29
N TYR A 40 7.58 4.39 2.99
CA TYR A 40 7.11 3.11 2.49
C TYR A 40 8.13 2.57 1.46
N GLU A 41 9.12 1.80 1.90
CA GLU A 41 10.23 1.39 1.04
C GLU A 41 9.89 0.09 0.30
N ILE A 42 9.71 0.13 -1.01
CA ILE A 42 9.56 -1.06 -1.85
C ILE A 42 10.78 -1.22 -2.73
N ILE A 43 11.49 -2.33 -2.59
CA ILE A 43 12.69 -2.63 -3.38
C ILE A 43 12.32 -3.75 -4.35
N VAL A 44 12.09 -3.44 -5.63
CA VAL A 44 11.74 -4.46 -6.64
C VAL A 44 12.80 -4.64 -7.71
N ASN A 45 13.29 -5.87 -7.71
CA ASN A 45 14.43 -6.36 -8.45
C ASN A 45 14.28 -7.85 -8.74
N GLY A 46 13.18 -8.26 -9.38
CA GLY A 46 12.99 -9.61 -9.93
C GLY A 46 13.08 -10.71 -8.89
N ASN A 47 14.23 -11.38 -8.79
CA ASN A 47 14.53 -12.32 -7.70
C ASN A 47 14.97 -11.57 -6.40
N LYS A 48 14.21 -10.53 -6.04
CA LYS A 48 14.44 -9.60 -4.92
C LYS A 48 13.25 -8.62 -4.85
N PHE A 49 12.28 -8.90 -4.00
CA PHE A 49 11.08 -8.08 -3.82
C PHE A 49 10.79 -8.00 -2.31
N THR A 50 10.89 -6.79 -1.72
CA THR A 50 10.53 -6.48 -0.32
C THR A 50 9.75 -5.17 -0.32
N PHE A 51 8.68 -5.07 0.45
CA PHE A 51 7.95 -3.83 0.69
C PHE A 51 7.75 -3.60 2.20
N LYS A 52 8.03 -2.39 2.68
CA LYS A 52 7.84 -2.02 4.08
C LYS A 52 7.11 -0.69 4.29
N SER A 53 6.60 -0.49 5.49
CA SER A 53 5.94 0.71 5.98
C SER A 53 6.56 1.10 7.34
N SER A 54 6.82 2.40 7.56
CA SER A 54 7.44 2.92 8.80
C SER A 54 6.63 4.12 9.36
N SER A 55 5.32 4.15 9.12
CA SER A 55 4.40 5.24 9.50
C SER A 55 4.11 5.31 11.01
N GLY A 56 4.83 4.49 11.79
CA GLY A 56 4.72 4.26 13.24
C GLY A 56 4.56 2.77 13.55
N MET A 57 3.92 2.03 12.64
CA MET A 57 4.07 0.58 12.55
C MET A 57 5.38 0.24 11.83
N ASN A 58 6.25 -0.57 12.44
CA ASN A 58 7.52 -0.99 11.86
C ASN A 58 7.35 -2.29 11.03
N SER A 59 6.58 -2.26 9.94
CA SER A 59 6.17 -3.47 9.19
C SER A 59 6.97 -3.63 7.88
N THR A 60 7.59 -4.79 7.63
CA THR A 60 8.26 -5.13 6.35
C THR A 60 7.79 -6.50 5.93
N LEU A 61 7.38 -6.63 4.68
CA LEU A 61 6.84 -7.85 4.09
C LEU A 61 7.55 -8.19 2.77
N ILE A 62 7.28 -9.35 2.20
CA ILE A 62 7.92 -9.86 0.98
C ILE A 62 6.92 -10.48 -0.03
N VAL A 63 7.38 -11.35 -0.93
CA VAL A 63 6.60 -11.96 -2.01
C VAL A 63 5.60 -13.00 -1.48
N ASN A 64 4.37 -12.93 -1.99
CA ASN A 64 3.37 -13.99 -1.82
C ASN A 64 3.03 -14.27 -0.33
N GLU A 65 3.09 -13.26 0.53
CA GLU A 65 2.84 -13.42 1.97
C GLU A 65 1.84 -12.39 2.50
N GLU A 66 1.71 -12.23 3.82
CA GLU A 66 0.77 -11.26 4.40
C GLU A 66 1.38 -10.56 5.62
N VAL A 67 0.81 -9.41 6.00
CA VAL A 67 1.22 -8.61 7.18
C VAL A 67 0.03 -7.89 7.80
N GLU A 68 0.16 -7.54 9.07
CA GLU A 68 -0.67 -6.53 9.73
C GLU A 68 0.10 -5.22 9.86
N GLU A 69 -0.65 -4.11 9.90
CA GLU A 69 -0.08 -2.80 10.20
C GLU A 69 -1.14 -1.86 10.76
N VAL A 70 -0.70 -0.93 11.61
CA VAL A 70 -1.53 0.19 12.10
C VAL A 70 -1.11 1.51 11.44
N LEU A 71 -2.00 2.49 11.50
CA LEU A 71 -1.82 3.87 11.06
C LEU A 71 -1.86 4.85 12.25
N GLY A 72 -1.19 6.01 12.13
CA GLY A 72 -0.96 6.93 13.26
C GLY A 72 -2.17 7.76 13.68
N THR A 73 -2.71 8.60 12.79
CA THR A 73 -3.83 9.51 13.12
C THR A 73 -5.16 8.77 13.23
N VAL A 74 -5.49 8.03 12.17
CA VAL A 74 -6.73 7.25 12.01
C VAL A 74 -6.81 6.03 12.96
N ASN A 75 -5.69 5.66 13.61
CA ASN A 75 -5.58 4.53 14.55
C ASN A 75 -6.05 3.17 13.99
N MET A 76 -6.24 3.08 12.67
CA MET A 76 -6.80 1.90 12.00
C MET A 76 -5.76 0.79 11.90
N ASN A 77 -6.20 -0.41 12.26
CA ASN A 77 -5.41 -1.64 12.35
C ASN A 77 -5.95 -2.67 11.33
N ILE A 78 -5.32 -2.76 10.16
CA ILE A 78 -5.83 -3.55 9.02
C ILE A 78 -4.78 -4.52 8.51
N LYS A 79 -5.27 -5.63 7.94
CA LYS A 79 -4.42 -6.69 7.41
C LYS A 79 -4.30 -6.65 5.87
N SER A 80 -3.22 -7.23 5.39
CA SER A 80 -2.73 -7.07 4.02
C SER A 80 -2.09 -8.37 3.52
N PHE A 81 -2.61 -8.97 2.45
CA PHE A 81 -2.15 -10.23 1.88
C PHE A 81 -1.57 -10.01 0.48
N THR A 82 -0.24 -9.95 0.37
CA THR A 82 0.52 -9.80 -0.87
C THR A 82 0.48 -11.07 -1.69
N LYS A 83 0.49 -10.90 -3.01
CA LYS A 83 0.61 -11.97 -4.00
C LYS A 83 1.02 -11.43 -5.36
N LEU A 84 2.06 -12.01 -5.95
CA LEU A 84 2.72 -11.51 -7.14
C LEU A 84 2.19 -12.21 -8.38
N GLU A 85 1.88 -11.42 -9.41
CA GLU A 85 1.47 -11.88 -10.73
C GLU A 85 2.53 -11.46 -11.77
N GLY A 86 3.81 -11.71 -11.43
CA GLY A 86 4.98 -11.52 -12.30
C GLY A 86 5.53 -10.10 -12.25
N SER A 87 5.03 -9.25 -13.14
CA SER A 87 5.48 -7.85 -13.29
C SER A 87 4.56 -6.84 -12.59
N LYS A 88 3.72 -7.33 -11.68
CA LYS A 88 2.69 -6.60 -10.94
C LYS A 88 2.35 -7.41 -9.67
N LEU A 89 2.42 -6.80 -8.48
CA LEU A 89 1.99 -7.43 -7.24
C LEU A 89 0.54 -7.03 -6.95
N VAL A 90 -0.20 -7.89 -6.29
CA VAL A 90 -1.57 -7.66 -5.79
C VAL A 90 -1.51 -7.71 -4.26
N VAL A 91 -2.38 -6.98 -3.55
CA VAL A 91 -2.45 -6.99 -2.08
C VAL A 91 -3.91 -7.05 -1.63
N ASN A 92 -4.39 -8.22 -1.22
CA ASN A 92 -5.72 -8.35 -0.65
C ASN A 92 -5.77 -7.61 0.70
N SER A 93 -6.41 -6.45 0.76
CA SER A 93 -6.55 -5.68 1.99
C SER A 93 -7.90 -5.99 2.65
N GLU A 94 -7.85 -6.37 3.92
CA GLU A 94 -9.07 -6.59 4.69
C GLU A 94 -9.24 -5.46 5.69
N LEU A 95 -10.48 -4.97 5.78
CA LEU A 95 -10.84 -3.88 6.66
C LEU A 95 -11.85 -4.47 7.66
N PRO A 96 -11.44 -4.69 8.93
CA PRO A 96 -12.26 -5.32 9.98
C PRO A 96 -13.61 -4.64 10.20
N ASP A 97 -13.69 -3.34 9.89
CA ASP A 97 -14.88 -2.48 9.90
C ASP A 97 -16.03 -3.01 9.02
N GLY A 98 -15.77 -4.06 8.23
CA GLY A 98 -16.73 -4.88 7.49
C GLY A 98 -16.61 -4.75 5.98
N ARG A 99 -16.06 -3.63 5.48
CA ARG A 99 -15.98 -3.27 4.05
C ARG A 99 -14.61 -3.60 3.46
N LYS A 100 -14.36 -4.87 3.11
CA LYS A 100 -13.05 -5.31 2.60
C LYS A 100 -12.80 -4.86 1.14
N GLY A 101 -11.56 -4.87 0.63
CA GLY A 101 -11.27 -4.52 -0.77
C GLY A 101 -9.89 -4.92 -1.24
N THR A 102 -9.76 -5.58 -2.40
CA THR A 102 -8.45 -5.99 -2.96
C THR A 102 -7.68 -4.77 -3.47
N ARG A 103 -6.53 -4.48 -2.86
CA ARG A 103 -5.50 -3.55 -3.36
C ARG A 103 -4.55 -4.27 -4.36
N THR A 104 -3.70 -3.52 -5.05
CA THR A 104 -2.68 -4.02 -6.00
C THR A 104 -1.54 -3.02 -6.10
N TYR A 105 -0.30 -3.48 -6.28
CA TYR A 105 0.93 -2.68 -6.40
C TYR A 105 1.67 -2.93 -7.74
N GLU A 106 1.56 -2.01 -8.71
CA GLU A 106 2.27 -2.12 -10.00
C GLU A 106 3.77 -1.77 -9.87
N PHE A 107 4.60 -2.34 -10.76
CA PHE A 107 6.06 -2.21 -10.69
C PHE A 107 6.60 -1.23 -11.76
N CYS A 108 7.07 -0.05 -11.33
CA CYS A 108 7.68 0.96 -12.21
C CYS A 108 8.85 1.64 -11.51
N ASP A 109 9.99 1.85 -12.18
CA ASP A 109 11.13 2.56 -11.57
C ASP A 109 10.74 3.95 -11.06
N LYS A 110 9.86 4.61 -11.83
CA LYS A 110 9.24 5.89 -11.55
C LYS A 110 8.03 5.83 -10.61
N GLY A 111 7.64 4.68 -10.05
CA GLY A 111 6.52 4.58 -9.11
C GLY A 111 5.93 3.19 -8.88
N PHE A 112 5.39 3.01 -7.69
CA PHE A 112 4.71 1.81 -7.23
C PHE A 112 3.29 2.22 -6.89
N VAL A 113 2.35 1.89 -7.76
CA VAL A 113 0.99 2.42 -7.64
C VAL A 113 0.14 1.40 -6.94
N LEU A 114 -0.32 1.79 -5.76
CA LEU A 114 -1.28 1.09 -4.95
C LEU A 114 -2.67 1.44 -5.41
N THR A 115 -3.28 0.66 -6.30
CA THR A 115 -4.70 0.78 -6.59
C THR A 115 -5.54 -0.20 -5.77
N MET A 116 -6.85 -0.03 -5.68
CA MET A 116 -7.85 -0.89 -5.01
C MET A 116 -9.13 -0.86 -5.84
N CYS A 117 -9.92 -1.93 -5.78
CA CYS A 117 -11.30 -1.89 -6.20
C CYS A 117 -12.26 -2.28 -5.06
N ALA A 118 -13.47 -1.71 -5.13
CA ALA A 118 -14.68 -2.15 -4.45
C ALA A 118 -15.83 -2.15 -5.46
N GLY A 119 -17.06 -2.50 -5.06
CA GLY A 119 -18.24 -2.29 -5.92
C GLY A 119 -18.58 -0.80 -6.06
N ASP A 120 -18.38 -0.07 -4.96
CA ASP A 120 -18.81 1.32 -4.78
C ASP A 120 -17.82 2.31 -5.42
N MET A 121 -16.51 2.06 -5.25
CA MET A 121 -15.41 3.01 -5.49
C MET A 121 -14.11 2.31 -5.91
N VAL A 122 -13.07 3.06 -6.31
CA VAL A 122 -11.74 2.52 -6.68
C VAL A 122 -10.64 3.48 -6.22
N ALA A 123 -9.63 2.98 -5.50
CA ALA A 123 -8.67 3.82 -4.78
C ALA A 123 -7.25 3.75 -5.29
N LYS A 124 -6.45 4.82 -5.30
CA LYS A 124 -5.13 4.82 -5.97
C LYS A 124 -4.09 5.77 -5.35
N ARG A 125 -2.98 5.24 -4.84
CA ARG A 125 -1.85 5.96 -4.24
C ARG A 125 -0.53 5.52 -4.88
N TYR A 126 0.58 6.23 -4.69
CA TYR A 126 1.81 5.91 -5.43
C TYR A 126 3.15 6.30 -4.75
N PHE A 127 3.95 5.27 -4.51
CA PHE A 127 5.22 5.33 -3.80
C PHE A 127 6.36 5.36 -4.85
N ILE A 128 7.20 6.38 -4.91
CA ILE A 128 8.24 6.58 -5.95
C ILE A 128 9.65 6.60 -5.32
N ARG A 129 10.71 6.31 -6.10
CA ARG A 129 12.11 6.39 -5.67
C ARG A 129 12.48 7.62 -4.80
N THR A 130 13.30 7.38 -3.78
CA THR A 130 13.79 8.34 -2.76
C THR A 130 14.42 9.58 -3.37
N MET A 1 23.12 -9.90 -6.52
CA MET A 1 22.99 -11.13 -7.37
C MET A 1 22.28 -10.95 -8.75
N VAL A 2 21.27 -10.09 -8.86
CA VAL A 2 20.59 -9.77 -10.13
C VAL A 2 20.02 -8.35 -10.06
N GLN A 3 19.83 -7.68 -11.21
CA GLN A 3 19.34 -6.31 -11.26
C GLN A 3 18.30 -6.13 -12.37
N LEU A 4 17.01 -6.30 -12.03
CA LEU A 4 15.90 -6.09 -12.98
C LEU A 4 15.62 -4.60 -13.18
N ALA A 5 15.53 -3.85 -12.08
CA ALA A 5 15.29 -2.40 -12.10
C ALA A 5 16.23 -1.69 -11.09
N GLY A 6 15.90 -1.73 -9.81
CA GLY A 6 16.49 -0.88 -8.76
C GLY A 6 15.81 -1.07 -7.41
N THR A 7 15.33 0.02 -6.81
CA THR A 7 14.52 0.05 -5.57
C THR A 7 13.60 1.24 -5.58
N TYR A 8 12.45 1.19 -4.91
CA TYR A 8 11.51 2.31 -4.80
C TYR A 8 11.12 2.68 -3.36
N LYS A 9 11.23 3.94 -2.98
CA LYS A 9 10.69 4.47 -1.72
C LYS A 9 9.41 5.29 -1.98
N LEU A 10 8.72 5.82 -0.97
CA LEU A 10 7.48 6.59 -1.25
C LEU A 10 7.77 7.85 -2.10
N GLU A 11 6.81 8.23 -2.93
CA GLU A 11 6.76 9.51 -3.67
C GLU A 11 5.42 10.22 -3.41
N LYS A 12 4.32 9.64 -3.90
CA LYS A 12 2.99 10.26 -3.89
C LYS A 12 1.91 9.25 -3.48
N ASN A 13 0.73 9.77 -3.17
CA ASN A 13 -0.43 8.95 -2.83
C ASN A 13 -1.75 9.64 -3.21
N GLU A 14 -2.64 8.90 -3.86
CA GLU A 14 -3.95 9.32 -4.38
C GLU A 14 -4.97 8.24 -3.98
N ASN A 15 -6.23 8.60 -3.75
CA ASN A 15 -7.30 7.65 -3.35
C ASN A 15 -6.99 6.78 -2.11
N PHE A 16 -5.89 7.00 -1.37
CA PHE A 16 -5.76 6.64 0.05
C PHE A 16 -7.09 6.85 0.78
N GLU A 17 -7.68 8.01 0.54
CA GLU A 17 -8.95 8.41 1.10
C GLU A 17 -10.14 7.60 0.58
N GLU A 18 -10.14 7.10 -0.67
CA GLU A 18 -11.22 6.24 -1.19
C GLU A 18 -11.21 4.91 -0.47
N TYR A 19 -10.09 4.18 -0.39
CA TYR A 19 -10.12 2.96 0.42
C TYR A 19 -10.33 3.32 1.88
N LEU A 20 -9.50 4.15 2.53
CA LEU A 20 -9.67 4.43 3.96
C LEU A 20 -11.09 4.93 4.33
N ALA A 21 -11.82 5.67 3.48
CA ALA A 21 -13.24 6.01 3.69
C ALA A 21 -14.22 4.90 3.25
N ALA A 22 -13.92 4.10 2.22
CA ALA A 22 -14.61 2.84 1.91
C ALA A 22 -14.56 1.84 3.07
N LEU A 23 -13.64 2.04 4.00
CA LEU A 23 -13.45 1.20 5.19
C LEU A 23 -14.08 1.86 6.41
N GLY A 24 -13.80 3.15 6.58
CA GLY A 24 -14.54 4.06 7.45
C GLY A 24 -13.69 4.93 8.37
N VAL A 25 -12.54 5.41 7.88
CA VAL A 25 -11.62 6.30 8.60
C VAL A 25 -11.96 7.79 8.30
N PRO A 26 -11.83 8.73 9.26
CA PRO A 26 -12.17 10.15 9.04
C PRO A 26 -11.23 10.82 8.04
N GLN A 27 -11.74 11.71 7.18
CA GLN A 27 -11.06 12.22 5.99
C GLN A 27 -9.83 13.13 6.23
N ASP A 28 -9.84 14.01 7.24
CA ASP A 28 -8.69 14.87 7.56
C ASP A 28 -7.66 14.10 8.39
N SER A 29 -8.11 13.12 9.18
CA SER A 29 -7.26 12.13 9.84
C SER A 29 -6.61 11.19 8.81
N ILE A 30 -7.35 10.81 7.76
CA ILE A 30 -6.92 10.02 6.57
C ILE A 30 -5.77 10.66 5.84
N LYS A 31 -5.80 11.98 5.71
CA LYS A 31 -4.79 12.75 5.00
C LYS A 31 -3.50 12.73 5.81
N LYS A 32 -3.49 13.06 7.11
CA LYS A 32 -2.32 12.88 7.99
C LYS A 32 -1.93 11.41 8.29
N ALA A 33 -2.76 10.44 7.92
CA ALA A 33 -2.60 9.00 8.13
C ALA A 33 -1.87 8.30 6.99
N ASN A 34 -2.49 8.34 5.81
CA ASN A 34 -1.90 7.85 4.58
C ASN A 34 -1.01 8.91 3.92
N SER A 35 -0.83 10.07 4.56
CA SER A 35 0.12 11.11 4.14
C SER A 35 1.44 10.47 3.69
N PRO A 36 2.05 11.00 2.62
CA PRO A 36 3.40 10.67 2.21
C PRO A 36 4.44 11.13 3.25
N GLY A 37 5.74 11.12 2.93
CA GLY A 37 6.84 11.33 3.88
C GLY A 37 7.17 10.11 4.72
N VAL A 38 6.26 9.13 4.77
CA VAL A 38 6.50 7.79 5.29
C VAL A 38 7.70 7.13 4.62
N VAL A 39 8.58 6.52 5.42
CA VAL A 39 9.51 5.52 4.88
C VAL A 39 8.73 4.28 4.46
N TYR A 40 8.74 4.08 3.15
CA TYR A 40 8.52 2.79 2.51
C TYR A 40 9.78 2.43 1.68
N GLU A 41 10.10 1.16 1.46
CA GLU A 41 11.23 0.74 0.59
C GLU A 41 10.87 -0.56 -0.12
N ILE A 42 10.95 -0.60 -1.45
CA ILE A 42 10.56 -1.73 -2.31
C ILE A 42 11.73 -2.13 -3.19
N ILE A 43 12.51 -3.10 -2.76
CA ILE A 43 13.79 -3.49 -3.37
C ILE A 43 13.57 -4.60 -4.41
N VAL A 44 13.00 -4.23 -5.56
CA VAL A 44 12.70 -5.19 -6.64
C VAL A 44 13.81 -5.32 -7.67
N ASN A 45 14.25 -6.55 -7.82
CA ASN A 45 15.34 -6.97 -8.68
C ASN A 45 15.18 -8.47 -8.95
N GLY A 46 14.13 -8.85 -9.71
CA GLY A 46 13.88 -10.19 -10.28
C GLY A 46 13.95 -11.34 -9.28
N ASN A 47 15.16 -11.80 -9.04
CA ASN A 47 15.53 -12.81 -8.06
C ASN A 47 15.73 -12.18 -6.66
N LYS A 48 14.82 -11.28 -6.27
CA LYS A 48 14.83 -10.42 -5.08
C LYS A 48 13.61 -9.50 -5.16
N PHE A 49 12.61 -9.68 -4.30
CA PHE A 49 11.52 -8.71 -4.14
C PHE A 49 11.15 -8.61 -2.66
N THR A 50 11.28 -7.40 -2.09
CA THR A 50 10.92 -7.04 -0.70
C THR A 50 10.26 -5.68 -0.72
N PHE A 51 9.24 -5.48 0.11
CA PHE A 51 8.62 -4.19 0.36
C PHE A 51 8.44 -4.00 1.88
N LYS A 52 8.88 -2.86 2.42
CA LYS A 52 8.77 -2.52 3.83
C LYS A 52 8.10 -1.17 4.10
N SER A 53 7.58 -1.00 5.31
CA SER A 53 7.01 0.22 5.91
C SER A 53 7.76 0.52 7.22
N SER A 54 8.06 1.79 7.51
CA SER A 54 8.69 2.24 8.77
C SER A 54 7.91 3.41 9.42
N SER A 55 6.60 3.50 9.19
CA SER A 55 5.73 4.56 9.75
C SER A 55 5.34 4.22 11.21
N GLY A 56 6.33 4.05 12.08
CA GLY A 56 6.16 3.69 13.50
C GLY A 56 5.83 2.21 13.73
N MET A 57 5.12 1.58 12.80
CA MET A 57 5.22 0.14 12.57
C MET A 57 6.52 -0.16 11.82
N ASN A 58 7.26 -1.14 12.31
CA ASN A 58 8.33 -1.80 11.57
C ASN A 58 7.73 -2.99 10.81
N SER A 59 7.44 -2.83 9.52
CA SER A 59 6.85 -3.88 8.68
C SER A 59 7.80 -4.18 7.51
N THR A 60 8.13 -5.44 7.21
CA THR A 60 8.90 -5.81 6.01
C THR A 60 8.44 -7.16 5.51
N LEU A 61 7.92 -7.18 4.28
CA LEU A 61 7.42 -8.36 3.59
C LEU A 61 8.23 -8.60 2.31
N ILE A 62 8.05 -9.76 1.70
CA ILE A 62 8.83 -10.24 0.54
C ILE A 62 7.90 -10.69 -0.60
N VAL A 63 8.48 -11.32 -1.62
CA VAL A 63 7.78 -12.07 -2.66
C VAL A 63 6.67 -12.92 -2.03
N ASN A 64 5.46 -12.85 -2.59
CA ASN A 64 4.35 -13.78 -2.36
C ASN A 64 4.01 -14.19 -0.89
N GLU A 65 4.20 -13.26 0.05
CA GLU A 65 4.00 -13.44 1.50
C GLU A 65 2.75 -12.72 2.03
N GLU A 66 2.76 -12.25 3.28
CA GLU A 66 1.71 -11.55 3.99
C GLU A 66 2.34 -10.78 5.17
N VAL A 67 1.66 -9.74 5.67
CA VAL A 67 2.08 -8.85 6.77
C VAL A 67 0.89 -8.11 7.36
N GLU A 68 1.00 -7.65 8.62
CA GLU A 68 -0.04 -6.88 9.29
C GLU A 68 0.52 -5.60 9.92
N GLU A 69 -0.17 -4.47 9.70
CA GLU A 69 0.30 -3.16 10.12
C GLU A 69 -0.86 -2.31 10.67
N VAL A 70 -0.65 -1.66 11.83
CA VAL A 70 -1.62 -0.76 12.49
C VAL A 70 -1.04 0.63 12.60
N LEU A 71 -1.80 1.62 12.12
CA LEU A 71 -1.32 2.99 11.98
C LEU A 71 -2.04 3.93 12.96
N GLY A 72 -1.32 4.94 13.47
CA GLY A 72 -1.70 5.75 14.63
C GLY A 72 -2.47 7.04 14.34
N THR A 73 -2.18 7.75 13.23
CA THR A 73 -2.99 8.90 12.77
C THR A 73 -4.38 8.50 12.26
N VAL A 74 -4.49 7.22 11.96
CA VAL A 74 -5.54 6.50 11.22
C VAL A 74 -6.40 5.67 12.17
N ASN A 75 -5.82 5.32 13.33
CA ASN A 75 -6.38 4.46 14.36
C ASN A 75 -6.77 3.04 13.89
N MET A 76 -6.24 2.60 12.74
CA MET A 76 -6.72 1.43 11.99
C MET A 76 -5.67 0.35 11.81
N ASN A 77 -6.09 -0.87 12.14
CA ASN A 77 -5.33 -2.11 12.09
C ASN A 77 -5.77 -2.95 10.89
N ILE A 78 -4.87 -3.22 9.93
CA ILE A 78 -5.19 -3.93 8.69
C ILE A 78 -4.13 -4.97 8.32
N LYS A 79 -4.52 -5.94 7.49
CA LYS A 79 -3.61 -6.98 7.00
C LYS A 79 -3.46 -6.92 5.47
N SER A 80 -2.40 -7.53 4.97
CA SER A 80 -1.90 -7.37 3.61
C SER A 80 -1.27 -8.69 3.15
N PHE A 81 -1.74 -9.28 2.04
CA PHE A 81 -1.35 -10.63 1.62
C PHE A 81 -0.77 -10.60 0.19
N THR A 82 0.56 -10.54 0.07
CA THR A 82 1.26 -10.30 -1.20
C THR A 82 1.31 -11.56 -2.05
N LYS A 83 1.31 -11.36 -3.37
CA LYS A 83 1.41 -12.41 -4.37
C LYS A 83 2.02 -11.84 -5.64
N LEU A 84 3.06 -12.47 -6.15
CA LEU A 84 3.69 -12.02 -7.40
C LEU A 84 3.18 -12.85 -8.58
N GLU A 85 2.95 -12.17 -9.69
CA GLU A 85 2.40 -12.71 -10.93
C GLU A 85 3.34 -12.34 -12.10
N GLY A 86 4.66 -12.41 -11.87
CA GLY A 86 5.72 -12.15 -12.85
C GLY A 86 6.13 -10.67 -12.95
N SER A 87 5.52 -9.90 -13.86
CA SER A 87 5.84 -8.46 -14.05
C SER A 87 4.95 -7.50 -13.24
N LYS A 88 4.33 -8.01 -12.17
CA LYS A 88 3.45 -7.27 -11.27
C LYS A 88 3.17 -8.08 -10.00
N LEU A 89 3.34 -7.45 -8.83
CA LEU A 89 2.87 -7.99 -7.55
C LEU A 89 1.41 -7.56 -7.36
N VAL A 90 0.76 -8.22 -6.42
CA VAL A 90 -0.60 -8.01 -5.93
C VAL A 90 -0.47 -8.07 -4.40
N VAL A 91 -1.33 -7.41 -3.62
CA VAL A 91 -1.50 -7.71 -2.19
C VAL A 91 -2.99 -7.65 -1.84
N ASN A 92 -3.57 -8.63 -1.17
CA ASN A 92 -4.96 -8.52 -0.68
C ASN A 92 -5.00 -7.67 0.59
N SER A 93 -5.67 -6.53 0.52
CA SER A 93 -5.93 -5.62 1.63
C SER A 93 -7.20 -6.02 2.39
N GLU A 94 -7.02 -6.75 3.48
CA GLU A 94 -8.14 -7.14 4.33
C GLU A 94 -8.36 -6.17 5.48
N LEU A 95 -9.63 -5.90 5.75
CA LEU A 95 -10.13 -5.07 6.83
C LEU A 95 -10.96 -5.94 7.77
N PRO A 96 -10.47 -6.18 9.00
CA PRO A 96 -11.17 -6.95 10.02
C PRO A 96 -12.64 -6.54 10.22
N ASP A 97 -12.93 -5.22 10.15
CA ASP A 97 -14.27 -4.58 10.16
C ASP A 97 -15.34 -5.24 9.25
N GLY A 98 -14.91 -5.97 8.22
CA GLY A 98 -15.77 -6.75 7.33
C GLY A 98 -15.63 -6.37 5.86
N ARG A 99 -15.40 -5.08 5.57
CA ARG A 99 -15.28 -4.51 4.22
C ARG A 99 -13.88 -4.72 3.61
N LYS A 100 -13.46 -5.97 3.50
CA LYS A 100 -12.16 -6.38 2.93
C LYS A 100 -12.13 -6.15 1.40
N GLY A 101 -10.94 -5.99 0.83
CA GLY A 101 -10.78 -5.94 -0.63
C GLY A 101 -9.44 -6.47 -1.10
N THR A 102 -8.97 -5.95 -2.24
CA THR A 102 -7.74 -6.39 -2.91
C THR A 102 -6.95 -5.21 -3.44
N ARG A 103 -5.68 -5.43 -3.77
CA ARG A 103 -4.72 -4.36 -4.09
C ARG A 103 -3.69 -4.87 -5.10
N THR A 104 -3.32 -4.06 -6.09
CA THR A 104 -2.43 -4.39 -7.22
C THR A 104 -1.17 -3.53 -7.18
N TYR A 105 -0.01 -4.16 -7.25
CA TYR A 105 1.32 -3.57 -7.00
C TYR A 105 2.22 -3.74 -8.25
N GLU A 106 2.03 -2.87 -9.24
CA GLU A 106 2.93 -2.75 -10.41
C GLU A 106 4.35 -2.41 -9.94
N PHE A 107 5.35 -2.73 -10.77
CA PHE A 107 6.74 -2.38 -10.52
C PHE A 107 7.48 -2.01 -11.82
N CYS A 108 8.27 -0.94 -11.75
CA CYS A 108 8.99 -0.33 -12.87
C CYS A 108 10.05 0.63 -12.30
N ASP A 109 11.21 0.79 -12.93
CA ASP A 109 12.32 1.63 -12.42
C ASP A 109 11.84 3.02 -11.96
N LYS A 110 10.99 3.62 -12.79
CA LYS A 110 10.34 4.92 -12.62
C LYS A 110 9.19 4.93 -11.60
N GLY A 111 8.88 3.80 -10.95
CA GLY A 111 7.83 3.70 -9.93
C GLY A 111 7.16 2.33 -9.78
N PHE A 112 6.73 2.11 -8.55
CA PHE A 112 5.85 1.06 -8.08
C PHE A 112 4.49 1.69 -7.80
N VAL A 113 3.41 1.13 -8.31
CA VAL A 113 2.06 1.68 -8.14
C VAL A 113 1.20 0.69 -7.36
N LEU A 114 0.71 1.13 -6.19
CA LEU A 114 -0.16 0.41 -5.25
C LEU A 114 -1.58 0.95 -5.47
N THR A 115 -2.39 0.15 -6.16
CA THR A 115 -3.79 0.44 -6.46
C THR A 115 -4.70 -0.43 -5.61
N MET A 116 -5.77 0.11 -5.01
CA MET A 116 -6.78 -0.66 -4.26
C MET A 116 -8.09 -0.68 -5.03
N CYS A 117 -8.26 -1.65 -5.91
CA CYS A 117 -9.52 -1.88 -6.61
C CYS A 117 -10.51 -2.58 -5.67
N ALA A 118 -11.74 -2.10 -5.64
CA ALA A 118 -12.90 -2.79 -5.08
C ALA A 118 -13.91 -3.03 -6.24
N GLY A 119 -15.08 -3.61 -5.96
CA GLY A 119 -16.24 -3.48 -6.85
C GLY A 119 -16.94 -2.13 -6.66
N ASP A 120 -16.61 -1.46 -5.56
CA ASP A 120 -17.31 -0.32 -5.00
C ASP A 120 -16.61 1.01 -5.39
N MET A 121 -15.28 1.00 -5.44
CA MET A 121 -14.37 2.12 -5.72
C MET A 121 -13.01 1.58 -6.18
N VAL A 122 -12.03 2.45 -6.43
CA VAL A 122 -10.63 2.06 -6.69
C VAL A 122 -9.66 3.10 -6.09
N ALA A 123 -8.39 2.73 -6.01
CA ALA A 123 -7.33 3.63 -5.55
C ALA A 123 -5.99 3.49 -6.29
N LYS A 124 -5.06 4.44 -6.08
CA LYS A 124 -3.72 4.54 -6.70
C LYS A 124 -2.75 5.44 -5.89
N ARG A 125 -1.71 4.87 -5.27
CA ARG A 125 -0.50 5.62 -4.87
C ARG A 125 0.69 5.20 -5.71
N TYR A 126 1.79 5.93 -5.62
CA TYR A 126 3.06 5.52 -6.22
C TYR A 126 4.32 5.81 -5.38
N PHE A 127 5.15 4.78 -5.23
CA PHE A 127 6.44 4.80 -4.54
C PHE A 127 7.51 4.67 -5.64
N ILE A 128 8.49 5.58 -5.73
CA ILE A 128 9.53 5.62 -6.76
C ILE A 128 10.92 5.67 -6.12
N ARG A 129 11.99 5.36 -6.87
CA ARG A 129 13.38 5.29 -6.39
C ARG A 129 13.91 6.52 -5.63
N THR A 130 14.82 6.26 -4.69
CA THR A 130 15.41 7.17 -3.68
C THR A 130 16.31 8.25 -4.24
N MET A 1 22.97 -8.59 -6.32
CA MET A 1 22.87 -9.86 -7.13
C MET A 1 21.94 -9.80 -8.37
N VAL A 2 20.94 -8.92 -8.36
CA VAL A 2 20.04 -8.61 -9.47
C VAL A 2 19.70 -7.12 -9.43
N GLN A 3 19.54 -6.48 -10.59
CA GLN A 3 19.11 -5.09 -10.68
C GLN A 3 18.23 -4.89 -11.91
N LEU A 4 16.91 -4.95 -11.73
CA LEU A 4 15.93 -4.78 -12.81
C LEU A 4 15.46 -3.31 -12.86
N ALA A 5 15.11 -2.70 -11.72
CA ALA A 5 14.70 -1.30 -11.66
C ALA A 5 15.39 -0.52 -10.54
N GLY A 6 15.06 -0.82 -9.28
CA GLY A 6 15.52 -0.06 -8.12
C GLY A 6 14.46 0.07 -7.04
N THR A 7 14.31 1.27 -6.48
CA THR A 7 13.53 1.47 -5.26
C THR A 7 12.80 2.77 -5.29
N TYR A 8 11.55 2.70 -4.88
CA TYR A 8 10.58 3.79 -4.87
C TYR A 8 10.10 4.02 -3.45
N LYS A 9 10.13 5.27 -3.01
CA LYS A 9 9.52 5.70 -1.76
C LYS A 9 8.13 6.27 -2.03
N LEU A 10 7.20 6.29 -1.07
CA LEU A 10 5.95 7.04 -1.30
C LEU A 10 6.29 8.49 -1.64
N GLU A 11 5.69 9.00 -2.71
CA GLU A 11 5.77 10.41 -3.07
C GLU A 11 4.40 11.07 -2.92
N LYS A 12 3.39 10.54 -3.59
CA LYS A 12 2.05 11.15 -3.75
C LYS A 12 0.93 10.24 -3.27
N ASN A 13 -0.19 10.81 -2.81
CA ASN A 13 -1.35 10.05 -2.39
C ASN A 13 -2.67 10.62 -2.99
N GLU A 14 -3.61 9.79 -3.48
CA GLU A 14 -4.99 10.14 -3.89
C GLU A 14 -5.93 9.08 -3.34
N ASN A 15 -7.20 9.40 -3.09
CA ASN A 15 -8.25 8.41 -2.83
C ASN A 15 -8.00 7.48 -1.63
N PHE A 16 -6.94 7.71 -0.86
CA PHE A 16 -6.83 7.32 0.52
C PHE A 16 -8.13 7.68 1.22
N GLU A 17 -8.54 8.96 1.12
CA GLU A 17 -9.84 9.40 1.56
C GLU A 17 -10.99 8.61 0.92
N GLU A 18 -10.93 8.14 -0.33
CA GLU A 18 -12.01 7.34 -0.92
C GLU A 18 -12.21 6.04 -0.19
N TYR A 19 -11.26 5.10 -0.13
CA TYR A 19 -11.50 3.90 0.69
C TYR A 19 -11.68 4.35 2.13
N LEU A 20 -10.69 5.01 2.76
CA LEU A 20 -10.73 5.32 4.19
C LEU A 20 -12.04 6.05 4.62
N ALA A 21 -12.66 6.91 3.80
CA ALA A 21 -14.01 7.46 4.07
C ALA A 21 -15.18 6.56 3.62
N ALA A 22 -15.05 5.75 2.57
CA ALA A 22 -15.93 4.60 2.33
C ALA A 22 -16.02 3.68 3.57
N LEU A 23 -14.96 3.61 4.40
CA LEU A 23 -14.92 2.91 5.68
C LEU A 23 -15.32 3.80 6.89
N GLY A 24 -15.32 5.13 6.71
CA GLY A 24 -15.84 6.13 7.65
C GLY A 24 -14.81 7.04 8.33
N VAL A 25 -13.56 7.05 7.86
CA VAL A 25 -12.47 7.87 8.42
C VAL A 25 -12.58 9.37 8.00
N PRO A 26 -12.40 10.36 8.91
CA PRO A 26 -12.59 11.78 8.63
C PRO A 26 -11.55 12.36 7.66
N GLN A 27 -11.89 13.35 6.83
CA GLN A 27 -10.99 13.84 5.79
C GLN A 27 -9.77 14.60 6.32
N ASP A 28 -9.88 15.73 7.04
CA ASP A 28 -8.67 16.44 7.48
C ASP A 28 -7.80 15.57 8.41
N SER A 29 -8.43 14.62 9.11
CA SER A 29 -7.77 13.59 9.91
C SER A 29 -7.11 12.47 9.08
N ILE A 30 -7.69 12.06 7.94
CA ILE A 30 -7.15 10.98 7.07
C ILE A 30 -6.19 11.50 6.03
N LYS A 31 -6.40 12.73 5.58
CA LYS A 31 -5.54 13.42 4.64
C LYS A 31 -4.26 13.83 5.34
N LYS A 32 -4.24 14.03 6.67
CA LYS A 32 -3.02 14.07 7.47
C LYS A 32 -2.46 12.67 7.84
N ALA A 33 -3.24 11.60 7.69
CA ALA A 33 -2.86 10.25 8.10
C ALA A 33 -2.32 9.35 7.00
N ASN A 34 -2.89 9.46 5.81
CA ASN A 34 -2.36 8.95 4.56
C ASN A 34 -1.71 10.09 3.76
N SER A 35 -1.46 11.24 4.38
CA SER A 35 -0.58 12.25 3.76
C SER A 35 0.77 11.63 3.42
N PRO A 36 1.39 12.03 2.30
CA PRO A 36 2.73 11.61 1.98
C PRO A 36 3.73 12.17 3.02
N GLY A 37 5.02 11.88 2.86
CA GLY A 37 6.07 11.97 3.89
C GLY A 37 6.27 10.69 4.71
N VAL A 38 5.41 9.70 4.46
CA VAL A 38 5.60 8.28 4.79
C VAL A 38 6.80 7.68 4.08
N VAL A 39 7.68 7.05 4.83
CA VAL A 39 8.68 6.15 4.26
C VAL A 39 7.98 4.89 3.78
N TYR A 40 7.94 4.69 2.45
CA TYR A 40 7.33 3.50 1.86
C TYR A 40 8.25 2.88 0.79
N GLU A 41 9.27 2.12 1.19
CA GLU A 41 10.29 1.59 0.28
C GLU A 41 9.78 0.35 -0.44
N ILE A 42 9.32 0.52 -1.67
CA ILE A 42 9.10 -0.54 -2.66
C ILE A 42 10.37 -0.70 -3.49
N ILE A 43 11.18 -1.67 -3.12
CA ILE A 43 12.45 -2.01 -3.76
C ILE A 43 12.24 -3.24 -4.62
N VAL A 44 12.11 -3.03 -5.92
CA VAL A 44 11.97 -4.08 -6.92
C VAL A 44 13.19 -4.16 -7.82
N ASN A 45 13.58 -5.40 -8.08
CA ASN A 45 14.80 -5.76 -8.75
C ASN A 45 14.65 -7.25 -9.09
N GLY A 46 13.79 -7.63 -10.04
CA GLY A 46 13.61 -9.02 -10.50
C GLY A 46 13.57 -10.10 -9.41
N ASN A 47 14.71 -10.73 -9.15
CA ASN A 47 14.92 -11.74 -8.11
C ASN A 47 14.99 -11.14 -6.67
N LYS A 48 14.53 -9.90 -6.49
CA LYS A 48 14.43 -9.15 -5.24
C LYS A 48 13.22 -8.25 -5.32
N PHE A 49 12.18 -8.55 -4.55
CA PHE A 49 11.04 -7.65 -4.40
C PHE A 49 10.68 -7.57 -2.89
N THR A 50 10.76 -6.37 -2.31
CA THR A 50 10.39 -5.99 -0.93
C THR A 50 9.62 -4.68 -1.03
N PHE A 51 8.58 -4.52 -0.19
CA PHE A 51 7.82 -3.29 -0.12
C PHE A 51 7.42 -3.01 1.34
N LYS A 52 7.90 -1.93 1.96
CA LYS A 52 7.69 -1.67 3.38
C LYS A 52 7.22 -0.25 3.71
N SER A 53 6.38 -0.08 4.73
CA SER A 53 6.01 1.21 5.32
C SER A 53 6.74 1.41 6.66
N SER A 54 7.30 2.59 6.90
CA SER A 54 7.96 3.00 8.16
C SER A 54 7.26 4.22 8.80
N SER A 55 6.04 4.58 8.40
CA SER A 55 5.26 5.76 8.82
C SER A 55 4.72 5.72 10.26
N GLY A 56 5.47 5.07 11.14
CA GLY A 56 5.14 4.79 12.53
C GLY A 56 4.88 3.30 12.73
N MET A 57 4.18 2.67 11.80
CA MET A 57 4.05 1.22 11.75
C MET A 57 5.28 0.61 11.06
N ASN A 58 6.10 -0.13 11.80
CA ASN A 58 7.26 -0.85 11.28
C ASN A 58 6.87 -2.15 10.53
N SER A 59 6.44 -2.02 9.28
CA SER A 59 5.89 -3.13 8.49
C SER A 59 6.54 -3.29 7.11
N THR A 60 6.89 -4.52 6.72
CA THR A 60 7.44 -4.87 5.41
C THR A 60 6.72 -6.07 4.85
N LEU A 61 6.40 -6.00 3.57
CA LEU A 61 5.69 -7.00 2.77
C LEU A 61 6.61 -7.38 1.61
N ILE A 62 7.14 -8.60 1.67
CA ILE A 62 7.92 -9.21 0.59
C ILE A 62 7.02 -9.79 -0.53
N VAL A 63 7.58 -10.60 -1.42
CA VAL A 63 6.92 -11.24 -2.57
C VAL A 63 5.90 -12.27 -2.09
N ASN A 64 4.67 -12.23 -2.60
CA ASN A 64 3.65 -13.26 -2.35
C ASN A 64 3.50 -13.65 -0.86
N GLU A 65 3.18 -12.69 0.02
CA GLU A 65 3.07 -12.88 1.48
C GLU A 65 1.88 -12.11 2.07
N GLU A 66 1.76 -12.06 3.39
CA GLU A 66 0.69 -11.41 4.12
C GLU A 66 1.26 -10.49 5.20
N VAL A 67 0.42 -9.56 5.67
CA VAL A 67 0.87 -8.41 6.48
C VAL A 67 -0.29 -7.74 7.22
N GLU A 68 0.06 -7.10 8.32
CA GLU A 68 -0.85 -6.36 9.19
C GLU A 68 -0.22 -5.01 9.54
N GLU A 69 -0.95 -3.92 9.35
CA GLU A 69 -0.49 -2.59 9.75
C GLU A 69 -1.59 -1.86 10.50
N VAL A 70 -1.16 -1.09 11.49
CA VAL A 70 -1.93 0.03 12.00
C VAL A 70 -1.40 1.34 11.39
N LEU A 71 -2.18 2.42 11.42
CA LEU A 71 -1.77 3.78 11.05
C LEU A 71 -1.89 4.75 12.24
N GLY A 72 -1.08 5.82 12.28
CA GLY A 72 -0.94 6.70 13.44
C GLY A 72 -1.99 7.80 13.54
N THR A 73 -2.16 8.62 12.49
CA THR A 73 -3.08 9.78 12.48
C THR A 73 -4.53 9.41 12.18
N VAL A 74 -4.78 8.17 11.79
CA VAL A 74 -6.09 7.59 11.48
C VAL A 74 -6.48 6.44 12.40
N ASN A 75 -5.49 5.75 12.99
CA ASN A 75 -5.73 4.59 13.85
C ASN A 75 -6.25 3.37 13.07
N MET A 76 -6.19 3.34 11.73
CA MET A 76 -6.62 2.21 10.88
C MET A 76 -5.73 0.99 11.08
N ASN A 77 -6.24 -0.04 11.75
CA ASN A 77 -5.66 -1.38 11.91
C ASN A 77 -6.28 -2.35 10.90
N ILE A 78 -5.71 -2.34 9.69
CA ILE A 78 -6.21 -3.12 8.57
C ILE A 78 -5.22 -4.21 8.19
N LYS A 79 -5.71 -5.21 7.47
CA LYS A 79 -4.86 -6.30 6.99
C LYS A 79 -4.67 -6.26 5.49
N SER A 80 -3.62 -6.94 5.06
CA SER A 80 -3.14 -6.90 3.71
C SER A 80 -2.54 -8.27 3.31
N PHE A 81 -2.73 -8.67 2.05
CA PHE A 81 -2.32 -9.99 1.54
C PHE A 81 -1.66 -9.80 0.17
N THR A 82 -0.34 -9.67 0.14
CA THR A 82 0.47 -9.39 -1.03
C THR A 82 0.65 -10.61 -1.91
N LYS A 83 0.82 -10.36 -3.20
CA LYS A 83 0.93 -11.36 -4.24
C LYS A 83 1.52 -10.75 -5.52
N LEU A 84 2.74 -11.14 -5.86
CA LEU A 84 3.51 -10.60 -6.97
C LEU A 84 3.36 -11.46 -8.22
N GLU A 85 3.21 -10.78 -9.34
CA GLU A 85 2.84 -11.37 -10.62
C GLU A 85 3.79 -10.90 -11.73
N GLY A 86 5.09 -10.97 -11.40
CA GLY A 86 6.17 -10.54 -12.28
C GLY A 86 6.29 -9.03 -12.31
N SER A 87 5.76 -8.41 -13.35
CA SER A 87 5.86 -6.97 -13.61
C SER A 87 4.70 -6.16 -13.04
N LYS A 88 4.09 -6.64 -11.95
CA LYS A 88 3.04 -5.96 -11.19
C LYS A 88 2.81 -6.73 -9.89
N LEU A 89 2.65 -6.03 -8.77
CA LEU A 89 2.34 -6.63 -7.49
C LEU A 89 0.84 -6.40 -7.22
N VAL A 90 0.16 -7.28 -6.51
CA VAL A 90 -1.19 -7.04 -6.00
C VAL A 90 -1.19 -7.25 -4.48
N VAL A 91 -2.06 -6.59 -3.70
CA VAL A 91 -2.25 -6.88 -2.27
C VAL A 91 -3.74 -6.82 -1.91
N ASN A 92 -4.35 -7.89 -1.42
CA ASN A 92 -5.76 -7.84 -1.03
C ASN A 92 -5.91 -7.19 0.37
N SER A 93 -6.55 -6.02 0.44
CA SER A 93 -6.67 -5.26 1.69
C SER A 93 -8.04 -5.45 2.33
N GLU A 94 -8.05 -6.01 3.52
CA GLU A 94 -9.26 -6.21 4.29
C GLU A 94 -9.45 -5.06 5.26
N LEU A 95 -10.67 -4.56 5.28
CA LEU A 95 -11.09 -3.50 6.17
C LEU A 95 -12.05 -4.16 7.17
N PRO A 96 -11.59 -4.36 8.42
CA PRO A 96 -12.34 -5.07 9.45
C PRO A 96 -13.76 -4.56 9.70
N ASP A 97 -14.02 -3.28 9.41
CA ASP A 97 -15.33 -2.62 9.46
C ASP A 97 -16.37 -3.15 8.46
N GLY A 98 -16.01 -4.14 7.63
CA GLY A 98 -16.91 -4.88 6.72
C GLY A 98 -16.69 -4.58 5.24
N ARG A 99 -16.12 -3.41 4.94
CA ARG A 99 -15.95 -2.86 3.58
C ARG A 99 -14.55 -3.15 3.02
N LYS A 100 -14.09 -4.40 3.09
CA LYS A 100 -12.85 -4.85 2.43
C LYS A 100 -12.86 -4.62 0.90
N GLY A 101 -11.68 -4.69 0.28
CA GLY A 101 -11.51 -4.58 -1.17
C GLY A 101 -10.21 -5.24 -1.64
N THR A 102 -9.70 -4.89 -2.82
CA THR A 102 -8.43 -5.43 -3.33
C THR A 102 -7.51 -4.29 -3.78
N ARG A 103 -6.35 -4.19 -3.13
CA ARG A 103 -5.29 -3.26 -3.52
C ARG A 103 -4.43 -3.87 -4.66
N THR A 104 -3.97 -3.08 -5.64
CA THR A 104 -3.06 -3.54 -6.71
C THR A 104 -1.96 -2.53 -6.98
N TYR A 105 -0.72 -3.00 -6.97
CA TYR A 105 0.48 -2.18 -6.93
C TYR A 105 1.35 -2.32 -8.18
N GLU A 106 1.16 -1.41 -9.15
CA GLU A 106 1.84 -1.53 -10.45
C GLU A 106 3.32 -1.30 -10.30
N PHE A 107 4.08 -2.11 -11.02
CA PHE A 107 5.53 -2.10 -11.02
C PHE A 107 6.08 -1.24 -12.18
N CYS A 108 6.89 -0.25 -11.80
CA CYS A 108 7.57 0.68 -12.70
C CYS A 108 8.70 1.42 -11.96
N ASP A 109 9.78 1.74 -12.66
CA ASP A 109 10.94 2.41 -12.07
C ASP A 109 10.63 3.86 -11.69
N LYS A 110 10.05 4.58 -12.65
CA LYS A 110 9.56 5.95 -12.50
C LYS A 110 8.31 6.05 -11.61
N GLY A 111 7.91 5.03 -10.85
CA GLY A 111 6.74 5.07 -9.97
C GLY A 111 6.04 3.73 -9.76
N PHE A 112 5.45 3.53 -8.59
CA PHE A 112 4.73 2.35 -8.17
C PHE A 112 3.38 2.78 -7.65
N VAL A 113 2.29 2.34 -8.28
CA VAL A 113 0.98 2.88 -7.92
C VAL A 113 0.25 1.94 -6.98
N LEU A 114 0.17 2.35 -5.72
CA LEU A 114 -0.67 1.83 -4.66
C LEU A 114 -2.15 2.08 -5.00
N THR A 115 -2.85 1.19 -5.71
CA THR A 115 -4.30 1.32 -5.95
C THR A 115 -5.10 0.39 -5.04
N MET A 116 -6.35 0.72 -4.71
CA MET A 116 -7.35 -0.01 -3.91
C MET A 116 -8.66 0.01 -4.68
N CYS A 117 -8.95 -1.10 -5.36
CA CYS A 117 -10.19 -1.31 -6.08
C CYS A 117 -11.28 -1.89 -5.15
N ALA A 118 -12.52 -1.48 -5.38
CA ALA A 118 -13.73 -2.06 -4.83
C ALA A 118 -14.82 -2.13 -5.90
N GLY A 119 -15.74 -3.07 -5.75
CA GLY A 119 -17.05 -3.02 -6.40
C GLY A 119 -17.89 -1.81 -5.98
N ASP A 120 -17.45 -1.02 -5.01
CA ASP A 120 -18.05 0.24 -4.56
C ASP A 120 -17.28 1.46 -5.09
N MET A 121 -15.97 1.37 -5.30
CA MET A 121 -15.08 2.51 -5.60
C MET A 121 -13.66 2.12 -6.08
N VAL A 122 -12.74 3.08 -6.19
CA VAL A 122 -11.36 2.86 -6.62
C VAL A 122 -10.51 4.01 -6.11
N ALA A 123 -9.27 3.69 -5.77
CA ALA A 123 -8.38 4.62 -5.13
C ALA A 123 -6.92 4.40 -5.46
N LYS A 124 -6.12 5.43 -5.74
CA LYS A 124 -4.72 5.27 -6.14
C LYS A 124 -3.80 6.33 -5.56
N ARG A 125 -2.62 5.91 -5.14
CA ARG A 125 -1.56 6.74 -4.58
C ARG A 125 -0.23 6.22 -5.15
N TYR A 126 0.80 7.03 -5.34
CA TYR A 126 1.99 6.61 -6.11
C TYR A 126 3.34 6.96 -5.49
N PHE A 127 4.18 5.92 -5.49
CA PHE A 127 5.42 5.82 -4.75
C PHE A 127 6.56 5.74 -5.75
N ILE A 128 7.44 6.72 -5.82
CA ILE A 128 8.41 6.90 -6.89
C ILE A 128 9.83 6.93 -6.31
N ARG A 129 10.81 6.53 -7.12
CA ARG A 129 12.23 6.57 -6.81
C ARG A 129 12.66 7.86 -6.10
N THR A 130 13.48 7.62 -5.06
CA THR A 130 14.00 8.56 -4.04
C THR A 130 14.69 9.79 -4.60
N MET A 1 20.53 -7.70 -5.24
CA MET A 1 21.36 -8.35 -6.30
C MET A 1 20.83 -8.21 -7.74
N VAL A 2 19.73 -8.88 -8.11
CA VAL A 2 18.96 -8.54 -9.33
C VAL A 2 18.65 -7.04 -9.36
N GLN A 3 18.57 -6.46 -10.56
CA GLN A 3 17.99 -5.15 -10.80
C GLN A 3 16.94 -5.27 -11.93
N LEU A 4 15.65 -4.96 -11.66
CA LEU A 4 14.60 -4.90 -12.69
C LEU A 4 14.33 -3.45 -13.07
N ALA A 5 14.10 -2.59 -12.07
CA ALA A 5 13.68 -1.21 -12.26
C ALA A 5 14.42 -0.19 -11.38
N GLY A 6 14.65 -0.53 -10.10
CA GLY A 6 15.16 0.40 -9.08
C GLY A 6 14.36 0.32 -7.78
N THR A 7 14.59 1.27 -6.86
CA THR A 7 13.88 1.38 -5.57
C THR A 7 13.03 2.63 -5.55
N TYR A 8 11.89 2.51 -4.91
CA TYR A 8 10.95 3.61 -4.74
C TYR A 8 10.73 3.92 -3.26
N LYS A 9 10.45 5.18 -2.98
CA LYS A 9 9.97 5.66 -1.70
C LYS A 9 8.57 6.26 -1.89
N LEU A 10 7.86 6.63 -0.83
CA LEU A 10 6.65 7.44 -0.98
C LEU A 10 6.96 8.68 -1.84
N GLU A 11 6.03 9.08 -2.72
CA GLU A 11 5.91 10.45 -3.23
C GLU A 11 4.58 11.01 -2.72
N LYS A 12 3.47 10.45 -3.20
CA LYS A 12 2.13 10.94 -2.93
C LYS A 12 1.15 9.81 -2.57
N ASN A 13 -0.08 10.20 -2.29
CA ASN A 13 -1.22 9.33 -1.99
C ASN A 13 -2.47 10.01 -2.59
N GLU A 14 -3.47 9.26 -3.09
CA GLU A 14 -4.84 9.78 -3.37
C GLU A 14 -5.85 8.73 -2.89
N ASN A 15 -7.11 9.11 -2.67
CA ASN A 15 -8.26 8.19 -2.66
C ASN A 15 -8.24 7.07 -1.59
N PHE A 16 -7.22 7.06 -0.73
CA PHE A 16 -7.29 6.63 0.66
C PHE A 16 -8.59 7.15 1.30
N GLU A 17 -9.01 8.37 0.96
CA GLU A 17 -10.23 8.94 1.50
C GLU A 17 -11.45 8.11 1.12
N GLU A 18 -11.63 7.81 -0.16
CA GLU A 18 -12.77 7.04 -0.64
C GLU A 18 -12.94 5.69 0.06
N TYR A 19 -11.90 4.83 0.10
CA TYR A 19 -12.09 3.57 0.84
C TYR A 19 -12.25 3.82 2.33
N LEU A 20 -11.40 4.61 3.01
CA LEU A 20 -11.51 4.91 4.45
C LEU A 20 -12.84 5.60 4.83
N ALA A 21 -13.48 6.30 3.90
CA ALA A 21 -14.78 6.96 4.03
C ALA A 21 -15.95 6.04 3.63
N ALA A 22 -15.73 5.06 2.74
CA ALA A 22 -16.61 3.90 2.58
C ALA A 22 -16.61 3.01 3.84
N LEU A 23 -15.62 3.14 4.74
CA LEU A 23 -15.65 2.63 6.12
C LEU A 23 -16.02 3.72 7.15
N GLY A 24 -16.22 4.97 6.72
CA GLY A 24 -16.82 6.04 7.51
C GLY A 24 -15.88 6.96 8.28
N VAL A 25 -14.56 6.90 8.08
CA VAL A 25 -13.61 7.82 8.74
C VAL A 25 -13.79 9.27 8.21
N PRO A 26 -13.60 10.35 9.01
CA PRO A 26 -13.77 11.74 8.57
C PRO A 26 -12.68 12.24 7.62
N GLN A 27 -13.06 13.01 6.59
CA GLN A 27 -12.20 13.40 5.47
C GLN A 27 -10.89 14.13 5.87
N ASP A 28 -10.94 15.17 6.70
CA ASP A 28 -9.71 15.91 7.05
C ASP A 28 -8.87 15.17 8.09
N SER A 29 -9.46 14.22 8.84
CA SER A 29 -8.69 13.22 9.59
C SER A 29 -8.06 12.15 8.68
N ILE A 30 -8.70 11.86 7.54
CA ILE A 30 -8.31 10.90 6.50
C ILE A 30 -7.06 11.38 5.74
N LYS A 31 -7.01 12.67 5.36
CA LYS A 31 -5.90 13.29 4.62
C LYS A 31 -4.64 13.48 5.49
N LYS A 32 -4.78 13.33 6.82
CA LYS A 32 -3.69 13.21 7.80
C LYS A 32 -3.57 11.79 8.41
N ALA A 33 -4.35 10.81 7.92
CA ALA A 33 -4.27 9.39 8.30
C ALA A 33 -3.58 8.53 7.24
N ASN A 34 -3.68 8.97 5.99
CA ASN A 34 -2.94 8.46 4.84
C ASN A 34 -2.20 9.63 4.15
N SER A 35 -1.78 10.61 4.94
CA SER A 35 -0.87 11.68 4.54
C SER A 35 0.42 11.09 3.95
N PRO A 36 1.11 11.82 3.05
CA PRO A 36 2.43 11.47 2.58
C PRO A 36 3.45 11.63 3.73
N GLY A 37 4.76 11.69 3.42
CA GLY A 37 5.82 11.74 4.43
C GLY A 37 6.02 10.46 5.23
N VAL A 38 5.16 9.46 5.00
CA VAL A 38 5.43 8.06 5.33
C VAL A 38 6.66 7.62 4.55
N VAL A 39 7.59 6.98 5.23
CA VAL A 39 8.62 6.15 4.62
C VAL A 39 7.95 4.84 4.20
N TYR A 40 7.41 4.82 2.98
CA TYR A 40 7.25 3.56 2.24
C TYR A 40 8.57 3.27 1.53
N GLU A 41 9.08 2.02 1.56
CA GLU A 41 10.24 1.59 0.77
C GLU A 41 9.82 0.37 -0.05
N ILE A 42 10.04 0.40 -1.36
CA ILE A 42 9.46 -0.57 -2.29
C ILE A 42 10.51 -0.91 -3.35
N ILE A 43 11.11 -2.09 -3.20
CA ILE A 43 12.34 -2.47 -3.90
C ILE A 43 11.99 -3.59 -4.88
N VAL A 44 11.83 -3.30 -6.19
CA VAL A 44 11.47 -4.34 -7.17
C VAL A 44 12.56 -4.65 -8.20
N ASN A 45 12.90 -5.93 -8.24
CA ASN A 45 14.00 -6.54 -8.95
C ASN A 45 13.72 -8.03 -9.29
N GLY A 46 12.54 -8.36 -9.83
CA GLY A 46 12.21 -9.71 -10.34
C GLY A 46 12.29 -10.78 -9.25
N ASN A 47 13.43 -11.46 -9.14
CA ASN A 47 13.74 -12.39 -8.04
C ASN A 47 14.13 -11.66 -6.72
N LYS A 48 13.59 -10.46 -6.48
CA LYS A 48 13.76 -9.63 -5.29
C LYS A 48 12.63 -8.59 -5.28
N PHE A 49 11.67 -8.72 -4.36
CA PHE A 49 10.57 -7.77 -4.18
C PHE A 49 10.30 -7.56 -2.66
N THR A 50 10.40 -6.33 -2.12
CA THR A 50 10.13 -5.97 -0.70
C THR A 50 9.39 -4.65 -0.61
N PHE A 51 8.27 -4.60 0.12
CA PHE A 51 7.33 -3.47 0.15
C PHE A 51 6.95 -3.08 1.60
N LYS A 52 7.60 -2.08 2.18
CA LYS A 52 7.49 -1.74 3.60
C LYS A 52 6.83 -0.37 3.87
N SER A 53 6.26 -0.19 5.05
CA SER A 53 5.77 1.05 5.65
C SER A 53 6.57 1.32 6.95
N SER A 54 6.98 2.56 7.23
CA SER A 54 7.83 2.88 8.40
C SER A 54 7.33 4.11 9.19
N SER A 55 6.08 4.54 9.02
CA SER A 55 5.49 5.77 9.60
C SER A 55 5.20 5.73 11.11
N GLY A 56 5.71 4.72 11.81
CA GLY A 56 5.52 4.47 13.24
C GLY A 56 5.17 3.01 13.52
N MET A 57 4.55 2.36 12.54
CA MET A 57 4.45 0.91 12.40
C MET A 57 5.70 0.40 11.65
N ASN A 58 6.39 -0.60 12.19
CA ASN A 58 7.61 -1.18 11.60
C ASN A 58 7.27 -2.29 10.57
N SER A 59 6.48 -1.94 9.57
CA SER A 59 5.80 -2.87 8.66
C SER A 59 6.66 -3.23 7.45
N THR A 60 7.12 -4.48 7.29
CA THR A 60 7.77 -4.93 6.04
C THR A 60 7.28 -6.31 5.64
N LEU A 61 7.02 -6.46 4.34
CA LEU A 61 6.64 -7.69 3.68
C LEU A 61 7.47 -7.84 2.39
N ILE A 62 7.75 -9.08 2.00
CA ILE A 62 8.53 -9.45 0.82
C ILE A 62 7.53 -9.87 -0.28
N VAL A 63 7.71 -11.01 -0.96
CA VAL A 63 6.81 -11.43 -2.05
C VAL A 63 5.70 -12.31 -1.49
N ASN A 64 4.51 -12.28 -2.10
CA ASN A 64 3.49 -13.31 -1.95
C ASN A 64 3.18 -13.65 -0.47
N GLU A 65 2.79 -12.67 0.34
CA GLU A 65 2.59 -12.88 1.78
C GLU A 65 1.40 -12.09 2.35
N GLU A 66 1.42 -11.67 3.63
CA GLU A 66 0.37 -10.85 4.22
C GLU A 66 0.85 -10.16 5.50
N VAL A 67 0.24 -9.04 5.86
CA VAL A 67 0.62 -8.25 7.05
C VAL A 67 -0.56 -7.50 7.66
N GLU A 68 -0.42 -7.09 8.92
CA GLU A 68 -1.35 -6.23 9.66
C GLU A 68 -0.63 -4.95 10.14
N GLU A 69 -1.30 -3.80 10.05
CA GLU A 69 -0.75 -2.51 10.46
C GLU A 69 -1.86 -1.52 10.85
N VAL A 70 -1.66 -0.81 11.95
CA VAL A 70 -2.50 0.32 12.38
C VAL A 70 -2.07 1.64 11.68
N LEU A 71 -2.94 2.68 11.63
CA LEU A 71 -2.59 4.04 11.17
C LEU A 71 -2.95 5.12 12.21
N GLY A 72 -2.25 6.27 12.13
CA GLY A 72 -2.13 7.29 13.18
C GLY A 72 -3.44 7.98 13.59
N THR A 73 -3.90 8.96 12.78
CA THR A 73 -5.06 9.83 13.10
C THR A 73 -6.36 9.05 13.24
N VAL A 74 -6.64 8.31 12.18
CA VAL A 74 -7.73 7.35 11.98
C VAL A 74 -7.84 6.28 13.09
N ASN A 75 -6.72 5.94 13.75
CA ASN A 75 -6.67 5.05 14.92
C ASN A 75 -7.19 3.63 14.63
N MET A 76 -7.12 3.14 13.38
CA MET A 76 -7.61 1.81 12.98
C MET A 76 -6.49 0.84 12.57
N ASN A 77 -6.74 -0.45 12.79
CA ASN A 77 -5.97 -1.64 12.43
C ASN A 77 -6.66 -2.43 11.29
N ILE A 78 -5.91 -2.84 10.25
CA ILE A 78 -6.40 -3.55 9.04
C ILE A 78 -5.31 -4.47 8.48
N LYS A 79 -5.71 -5.38 7.58
CA LYS A 79 -4.81 -6.36 6.97
C LYS A 79 -4.69 -6.26 5.45
N SER A 80 -3.53 -6.67 4.94
CA SER A 80 -3.14 -6.64 3.53
C SER A 80 -2.48 -7.98 3.13
N PHE A 81 -3.03 -8.67 2.12
CA PHE A 81 -2.56 -9.98 1.64
C PHE A 81 -1.93 -9.86 0.26
N THR A 82 -0.60 -9.85 0.18
CA THR A 82 0.17 -9.53 -1.03
C THR A 82 0.33 -10.76 -1.91
N LYS A 83 0.21 -10.57 -3.22
CA LYS A 83 0.28 -11.63 -4.24
C LYS A 83 0.82 -11.07 -5.55
N LEU A 84 1.87 -11.67 -6.10
CA LEU A 84 2.52 -11.25 -7.34
C LEU A 84 1.72 -11.78 -8.54
N GLU A 85 1.53 -10.97 -9.58
CA GLU A 85 0.92 -11.39 -10.85
C GLU A 85 1.78 -10.92 -12.03
N GLY A 86 2.82 -11.70 -12.32
CA GLY A 86 3.74 -11.39 -13.42
C GLY A 86 4.64 -10.21 -13.09
N SER A 87 4.33 -9.06 -13.68
CA SER A 87 5.14 -7.84 -13.64
C SER A 87 4.50 -6.73 -12.79
N LYS A 88 3.67 -7.10 -11.81
CA LYS A 88 2.90 -6.20 -10.95
C LYS A 88 2.37 -6.95 -9.70
N LEU A 89 2.05 -6.28 -8.60
CA LEU A 89 1.61 -6.93 -7.36
C LEU A 89 0.12 -6.63 -7.06
N VAL A 90 -0.55 -7.49 -6.31
CA VAL A 90 -1.88 -7.31 -5.73
C VAL A 90 -1.73 -7.29 -4.20
N VAL A 91 -2.55 -6.54 -3.45
CA VAL A 91 -2.76 -6.78 -2.00
C VAL A 91 -4.24 -6.82 -1.67
N ASN A 92 -4.77 -7.95 -1.20
CA ASN A 92 -6.14 -8.04 -0.71
C ASN A 92 -6.24 -7.21 0.59
N SER A 93 -6.96 -6.09 0.59
CA SER A 93 -7.07 -5.23 1.80
C SER A 93 -8.39 -5.49 2.51
N GLU A 94 -8.32 -6.09 3.70
CA GLU A 94 -9.49 -6.37 4.53
C GLU A 94 -9.67 -5.26 5.56
N LEU A 95 -10.89 -4.74 5.63
CA LEU A 95 -11.27 -3.64 6.50
C LEU A 95 -12.27 -4.21 7.53
N PRO A 96 -11.85 -4.46 8.79
CA PRO A 96 -12.64 -5.14 9.82
C PRO A 96 -14.03 -4.57 10.15
N ASP A 97 -14.34 -3.33 9.79
CA ASP A 97 -15.71 -2.79 9.88
C ASP A 97 -16.70 -3.51 8.93
N GLY A 98 -16.20 -4.38 8.06
CA GLY A 98 -16.99 -5.28 7.19
C GLY A 98 -16.79 -5.00 5.70
N ARG A 99 -16.29 -3.81 5.37
CA ARG A 99 -16.16 -3.25 4.01
C ARG A 99 -14.77 -3.54 3.40
N LYS A 100 -14.33 -4.80 3.47
CA LYS A 100 -13.12 -5.31 2.79
C LYS A 100 -13.16 -5.13 1.26
N GLY A 101 -11.99 -5.02 0.62
CA GLY A 101 -11.83 -4.85 -0.84
C GLY A 101 -10.55 -5.50 -1.36
N THR A 102 -10.10 -5.15 -2.58
CA THR A 102 -8.81 -5.59 -3.12
C THR A 102 -8.00 -4.40 -3.61
N ARG A 103 -6.78 -4.25 -3.08
CA ARG A 103 -5.76 -3.33 -3.59
C ARG A 103 -4.86 -3.99 -4.66
N THR A 104 -4.28 -3.19 -5.55
CA THR A 104 -3.37 -3.58 -6.63
C THR A 104 -2.22 -2.58 -6.68
N TYR A 105 -0.99 -3.09 -6.65
CA TYR A 105 0.26 -2.37 -6.49
C TYR A 105 1.15 -2.54 -7.76
N GLU A 106 0.89 -1.77 -8.82
CA GLU A 106 1.79 -1.76 -9.99
C GLU A 106 3.14 -1.21 -9.56
N PHE A 107 4.22 -1.80 -10.07
CA PHE A 107 5.59 -1.52 -9.69
C PHE A 107 6.47 -1.21 -10.91
N CYS A 108 7.10 -0.04 -10.89
CA CYS A 108 7.76 0.57 -12.04
C CYS A 108 8.72 1.67 -11.58
N ASP A 109 9.82 1.90 -12.31
CA ASP A 109 10.81 2.95 -11.97
C ASP A 109 10.13 4.31 -11.76
N LYS A 110 9.26 4.69 -12.69
CA LYS A 110 8.50 5.93 -12.61
C LYS A 110 7.33 5.92 -11.60
N GLY A 111 7.11 4.84 -10.84
CA GLY A 111 6.16 4.82 -9.72
C GLY A 111 5.49 3.49 -9.39
N PHE A 112 5.18 3.34 -8.10
CA PHE A 112 4.59 2.19 -7.46
C PHE A 112 3.20 2.56 -6.94
N VAL A 113 2.14 2.07 -7.58
CA VAL A 113 0.80 2.69 -7.41
C VAL A 113 -0.17 1.76 -6.70
N LEU A 114 -0.70 2.21 -5.56
CA LEU A 114 -1.55 1.48 -4.63
C LEU A 114 -3.02 1.76 -4.96
N THR A 115 -3.60 1.07 -5.94
CA THR A 115 -5.00 1.18 -6.37
C THR A 115 -5.90 0.30 -5.48
N MET A 116 -7.17 0.63 -5.24
CA MET A 116 -8.15 -0.24 -4.52
C MET A 116 -9.48 -0.29 -5.24
N CYS A 117 -9.76 -1.34 -6.01
CA CYS A 117 -11.04 -1.49 -6.72
C CYS A 117 -12.11 -2.11 -5.81
N ALA A 118 -13.19 -1.36 -5.59
CA ALA A 118 -14.42 -1.84 -4.97
C ALA A 118 -15.55 -1.85 -6.02
N GLY A 119 -16.70 -2.47 -5.72
CA GLY A 119 -17.90 -2.30 -6.53
C GLY A 119 -18.44 -0.86 -6.45
N ASP A 120 -18.28 -0.25 -5.27
CA ASP A 120 -18.68 1.12 -4.94
C ASP A 120 -17.78 2.15 -5.65
N MET A 121 -16.46 2.09 -5.43
CA MET A 121 -15.46 3.11 -5.85
C MET A 121 -14.11 2.48 -6.29
N VAL A 122 -13.13 3.30 -6.66
CA VAL A 122 -11.75 2.86 -6.99
C VAL A 122 -10.74 3.85 -6.43
N ALA A 123 -9.78 3.36 -5.64
CA ALA A 123 -8.69 4.16 -5.05
C ALA A 123 -7.37 4.02 -5.80
N LYS A 124 -6.37 4.85 -5.49
CA LYS A 124 -5.07 4.96 -6.15
C LYS A 124 -4.16 6.01 -5.48
N ARG A 125 -3.00 5.57 -4.99
CA ARG A 125 -1.94 6.28 -4.24
C ARG A 125 -0.60 5.99 -4.94
N TYR A 126 0.54 6.65 -4.66
CA TYR A 126 1.79 6.33 -5.41
C TYR A 126 3.15 6.70 -4.79
N PHE A 127 4.06 5.73 -4.81
CA PHE A 127 5.41 5.80 -4.25
C PHE A 127 6.46 5.73 -5.40
N ILE A 128 7.35 6.72 -5.60
CA ILE A 128 8.32 6.76 -6.74
C ILE A 128 9.77 6.88 -6.22
N ARG A 129 10.79 6.63 -7.06
CA ARG A 129 12.20 6.67 -6.67
C ARG A 129 12.64 7.93 -5.94
N THR A 130 13.52 7.68 -4.97
CA THR A 130 14.18 8.59 -4.04
C THR A 130 14.97 9.69 -4.72
N MET A 1 22.97 -9.28 -8.08
CA MET A 1 22.70 -10.42 -9.01
C MET A 1 21.64 -10.10 -10.10
N VAL A 2 20.36 -10.40 -9.88
CA VAL A 2 19.24 -10.17 -10.80
C VAL A 2 18.77 -8.71 -10.64
N GLN A 3 18.46 -8.03 -11.75
CA GLN A 3 18.00 -6.64 -11.75
C GLN A 3 17.03 -6.41 -12.91
N LEU A 4 15.71 -6.47 -12.66
CA LEU A 4 14.68 -6.33 -13.72
C LEU A 4 14.28 -4.87 -13.97
N ALA A 5 14.26 -4.07 -12.92
CA ALA A 5 13.86 -2.67 -12.96
C ALA A 5 14.76 -1.84 -12.04
N GLY A 6 14.68 -2.07 -10.73
CA GLY A 6 15.31 -1.20 -9.74
C GLY A 6 14.70 -1.38 -8.36
N THR A 7 14.29 -0.25 -7.80
CA THR A 7 13.85 -0.07 -6.41
C THR A 7 13.03 1.20 -6.35
N TYR A 8 11.95 1.20 -5.59
CA TYR A 8 11.03 2.33 -5.45
C TYR A 8 10.70 2.62 -3.97
N LYS A 9 10.45 3.89 -3.61
CA LYS A 9 9.84 4.24 -2.32
C LYS A 9 8.83 5.38 -2.41
N LEU A 10 8.02 5.61 -1.38
CA LEU A 10 6.85 6.48 -1.50
C LEU A 10 7.16 7.87 -2.09
N GLU A 11 6.41 8.30 -3.12
CA GLU A 11 6.39 9.68 -3.60
C GLU A 11 5.02 10.36 -3.38
N LYS A 12 3.92 9.64 -3.60
CA LYS A 12 2.52 10.13 -3.48
C LYS A 12 1.56 8.97 -3.14
N ASN A 13 0.45 9.23 -2.45
CA ASN A 13 -0.66 8.27 -2.29
C ASN A 13 -1.99 8.97 -2.55
N GLU A 14 -2.84 8.40 -3.41
CA GLU A 14 -4.19 8.87 -3.73
C GLU A 14 -5.18 7.71 -3.54
N ASN A 15 -6.42 7.99 -3.17
CA ASN A 15 -7.54 7.04 -3.08
C ASN A 15 -7.33 5.83 -2.14
N PHE A 16 -6.22 5.72 -1.39
CA PHE A 16 -6.24 4.95 -0.13
C PHE A 16 -7.45 5.45 0.68
N GLU A 17 -7.73 6.76 0.56
CA GLU A 17 -8.90 7.45 1.07
C GLU A 17 -10.25 6.97 0.50
N GLU A 18 -10.33 6.48 -0.74
CA GLU A 18 -11.61 6.03 -1.30
C GLU A 18 -12.00 4.67 -0.77
N TYR A 19 -11.06 3.70 -0.70
CA TYR A 19 -11.39 2.52 0.10
C TYR A 19 -11.58 2.90 1.56
N LEU A 20 -10.63 3.54 2.26
CA LEU A 20 -10.76 3.85 3.69
C LEU A 20 -12.07 4.64 4.03
N ALA A 21 -12.62 5.47 3.12
CA ALA A 21 -13.92 6.14 3.32
C ALA A 21 -15.08 5.19 3.04
N ALA A 22 -15.00 4.34 2.01
CA ALA A 22 -15.91 3.20 1.79
C ALA A 22 -15.82 2.09 2.88
N LEU A 23 -14.91 2.21 3.84
CA LEU A 23 -14.83 1.43 5.10
C LEU A 23 -15.27 2.24 6.34
N GLY A 24 -15.44 3.56 6.21
CA GLY A 24 -15.90 4.44 7.28
C GLY A 24 -14.80 5.09 8.12
N VAL A 25 -13.69 5.49 7.49
CA VAL A 25 -12.66 6.36 8.09
C VAL A 25 -12.92 7.87 7.72
N PRO A 26 -12.92 8.83 8.67
CA PRO A 26 -13.26 10.25 8.46
C PRO A 26 -12.36 11.04 7.51
N GLN A 27 -12.91 11.86 6.60
CA GLN A 27 -12.16 12.52 5.51
C GLN A 27 -10.90 13.33 5.89
N ASP A 28 -10.82 13.96 7.06
CA ASP A 28 -9.62 14.69 7.50
C ASP A 28 -8.72 13.87 8.45
N SER A 29 -9.16 12.68 8.86
CA SER A 29 -8.34 11.69 9.55
C SER A 29 -7.69 10.73 8.55
N ILE A 30 -8.49 10.20 7.64
CA ILE A 30 -8.10 9.42 6.47
C ILE A 30 -7.19 10.20 5.54
N LYS A 31 -7.40 11.49 5.25
CA LYS A 31 -6.51 12.22 4.34
C LYS A 31 -5.18 12.60 5.03
N LYS A 32 -5.13 12.81 6.36
CA LYS A 32 -3.85 12.94 7.08
C LYS A 32 -3.13 11.60 7.30
N ALA A 33 -3.89 10.51 7.35
CA ALA A 33 -3.40 9.14 7.41
C ALA A 33 -2.78 8.71 6.09
N ASN A 34 -3.62 8.73 5.07
CA ASN A 34 -3.34 8.26 3.75
C ASN A 34 -2.54 9.28 2.94
N SER A 35 -2.39 10.48 3.48
CA SER A 35 -1.19 11.30 3.29
C SER A 35 0.02 10.38 3.14
N PRO A 36 0.80 10.55 2.06
CA PRO A 36 2.02 9.80 1.86
C PRO A 36 3.10 10.27 2.86
N GLY A 37 4.33 10.60 2.45
CA GLY A 37 5.43 10.90 3.38
C GLY A 37 6.02 9.68 4.07
N VAL A 38 5.25 8.59 4.22
CA VAL A 38 5.71 7.25 4.64
C VAL A 38 6.97 6.85 3.85
N VAL A 39 7.98 6.26 4.48
CA VAL A 39 9.03 5.54 3.73
C VAL A 39 8.50 4.16 3.35
N TYR A 40 8.09 3.96 2.09
CA TYR A 40 7.58 2.66 1.62
C TYR A 40 8.57 1.93 0.68
N GLU A 41 9.56 1.25 1.25
CA GLU A 41 10.71 0.68 0.53
C GLU A 41 10.32 -0.61 -0.20
N ILE A 42 10.32 -0.58 -1.53
CA ILE A 42 10.02 -1.74 -2.37
C ILE A 42 11.19 -1.98 -3.33
N ILE A 43 11.91 -3.09 -3.13
CA ILE A 43 13.04 -3.48 -3.99
C ILE A 43 12.60 -4.65 -4.87
N VAL A 44 12.52 -4.46 -6.19
CA VAL A 44 12.03 -5.51 -7.12
C VAL A 44 12.90 -5.71 -8.33
N ASN A 45 13.13 -6.99 -8.63
CA ASN A 45 14.09 -7.48 -9.60
C ASN A 45 13.92 -8.99 -9.78
N GLY A 46 12.92 -9.37 -10.58
CA GLY A 46 12.62 -10.73 -11.02
C GLY A 46 12.54 -11.74 -9.88
N ASN A 47 13.64 -12.48 -9.70
CA ASN A 47 13.80 -13.48 -8.65
C ASN A 47 13.88 -12.91 -7.21
N LYS A 48 13.62 -11.61 -7.02
CA LYS A 48 13.81 -10.87 -5.78
C LYS A 48 12.77 -9.74 -5.65
N PHE A 49 11.71 -9.92 -4.84
CA PHE A 49 10.73 -8.86 -4.56
C PHE A 49 10.51 -8.68 -3.04
N THR A 50 10.72 -7.46 -2.53
CA THR A 50 10.53 -7.04 -1.13
C THR A 50 9.78 -5.72 -1.13
N PHE A 51 8.93 -5.48 -0.14
CA PHE A 51 8.05 -4.32 -0.04
C PHE A 51 7.79 -4.03 1.44
N LYS A 52 7.97 -2.79 1.91
CA LYS A 52 7.87 -2.48 3.34
C LYS A 52 7.43 -1.04 3.64
N SER A 53 6.69 -0.79 4.71
CA SER A 53 6.52 0.55 5.27
C SER A 53 7.42 0.75 6.50
N SER A 54 7.96 1.96 6.62
CA SER A 54 8.91 2.41 7.65
C SER A 54 8.42 3.72 8.32
N SER A 55 7.12 4.02 8.26
CA SER A 55 6.45 5.21 8.81
C SER A 55 6.21 5.17 10.33
N GLY A 56 7.18 4.68 11.08
CA GLY A 56 7.10 4.49 12.53
C GLY A 56 6.70 3.06 12.89
N MET A 57 5.70 2.51 12.20
CA MET A 57 5.52 1.07 12.02
C MET A 57 6.64 0.52 11.14
N ASN A 58 7.33 -0.51 11.64
CA ASN A 58 8.26 -1.31 10.83
C ASN A 58 7.53 -2.53 10.28
N SER A 59 7.21 -2.49 8.98
CA SER A 59 6.33 -3.49 8.37
C SER A 59 6.89 -3.95 7.03
N THR A 60 7.54 -5.12 6.96
CA THR A 60 8.14 -5.64 5.71
C THR A 60 7.52 -6.97 5.32
N LEU A 61 7.42 -7.17 4.01
CA LEU A 61 6.93 -8.37 3.36
C LEU A 61 7.76 -8.63 2.09
N ILE A 62 7.54 -9.78 1.45
CA ILE A 62 8.28 -10.24 0.28
C ILE A 62 7.34 -10.75 -0.83
N VAL A 63 7.91 -11.38 -1.86
CA VAL A 63 7.18 -12.07 -2.95
C VAL A 63 6.07 -12.94 -2.37
N ASN A 64 4.86 -12.80 -2.93
CA ASN A 64 3.71 -13.69 -2.73
C ASN A 64 3.36 -14.14 -1.29
N GLU A 65 3.63 -13.28 -0.30
CA GLU A 65 3.42 -13.46 1.15
C GLU A 65 2.25 -12.62 1.70
N GLU A 66 2.21 -12.31 3.00
CA GLU A 66 1.11 -11.59 3.65
C GLU A 66 1.61 -10.72 4.80
N VAL A 67 0.86 -9.69 5.18
CA VAL A 67 1.28 -8.72 6.21
C VAL A 67 0.08 -8.13 6.96
N GLU A 68 0.36 -7.57 8.14
CA GLU A 68 -0.63 -7.00 9.05
C GLU A 68 -0.13 -5.73 9.73
N GLU A 69 -0.96 -4.68 9.79
CA GLU A 69 -0.56 -3.36 10.32
C GLU A 69 -1.80 -2.55 10.71
N VAL A 70 -1.65 -1.82 11.81
CA VAL A 70 -2.58 -0.78 12.25
C VAL A 70 -1.99 0.58 11.95
N LEU A 71 -2.71 1.37 11.15
CA LEU A 71 -2.35 2.74 10.82
C LEU A 71 -2.83 3.68 11.96
N GLY A 72 -1.95 4.54 12.47
CA GLY A 72 -2.18 5.32 13.71
C GLY A 72 -2.89 6.66 13.52
N THR A 73 -2.72 7.35 12.38
CA THR A 73 -3.42 8.62 12.03
C THR A 73 -4.92 8.45 11.72
N VAL A 74 -5.40 7.22 11.86
CA VAL A 74 -6.51 6.56 11.16
C VAL A 74 -7.25 5.57 12.08
N ASN A 75 -6.57 5.08 13.12
CA ASN A 75 -7.02 4.07 14.07
C ASN A 75 -7.45 2.72 13.45
N MET A 76 -7.02 2.43 12.21
CA MET A 76 -7.51 1.29 11.44
C MET A 76 -6.51 0.16 11.32
N ASN A 77 -6.93 -1.03 11.73
CA ASN A 77 -6.16 -2.27 11.79
C ASN A 77 -6.64 -3.21 10.69
N ILE A 78 -5.76 -3.58 9.75
CA ILE A 78 -6.12 -4.35 8.55
C ILE A 78 -5.01 -5.30 8.12
N LYS A 79 -5.30 -6.08 7.07
CA LYS A 79 -4.34 -6.98 6.46
C LYS A 79 -4.25 -6.89 4.94
N SER A 80 -3.12 -7.35 4.42
CA SER A 80 -2.76 -7.31 3.01
C SER A 80 -2.08 -8.62 2.63
N PHE A 81 -2.54 -9.24 1.53
CA PHE A 81 -2.12 -10.57 1.12
C PHE A 81 -1.48 -10.52 -0.26
N THR A 82 -0.15 -10.41 -0.30
CA THR A 82 0.64 -10.25 -1.52
C THR A 82 0.62 -11.54 -2.31
N LYS A 83 0.41 -11.43 -3.62
CA LYS A 83 0.53 -12.56 -4.54
C LYS A 83 1.17 -12.05 -5.84
N LEU A 84 2.17 -12.76 -6.34
CA LEU A 84 2.86 -12.38 -7.56
C LEU A 84 2.15 -13.02 -8.75
N GLU A 85 1.91 -12.25 -9.80
CA GLU A 85 1.31 -12.70 -11.05
C GLU A 85 2.24 -12.24 -12.19
N GLY A 86 3.35 -12.97 -12.37
CA GLY A 86 4.30 -12.78 -13.46
C GLY A 86 5.07 -11.47 -13.40
N SER A 87 4.56 -10.45 -14.08
CA SER A 87 5.15 -9.11 -14.20
C SER A 87 4.33 -8.02 -13.48
N LYS A 88 3.69 -8.41 -12.36
CA LYS A 88 2.92 -7.53 -11.48
C LYS A 88 2.62 -8.22 -10.14
N LEU A 89 2.63 -7.49 -9.02
CA LEU A 89 2.15 -8.00 -7.72
C LEU A 89 0.67 -7.62 -7.57
N VAL A 90 -0.10 -8.47 -6.88
CA VAL A 90 -1.43 -8.14 -6.34
C VAL A 90 -1.34 -8.18 -4.81
N VAL A 91 -2.30 -7.59 -4.11
CA VAL A 91 -2.36 -7.60 -2.64
C VAL A 91 -3.82 -7.59 -2.19
N ASN A 92 -4.35 -8.72 -1.76
CA ASN A 92 -5.74 -8.80 -1.35
C ASN A 92 -5.91 -8.06 0.00
N SER A 93 -6.62 -6.94 0.02
CA SER A 93 -6.83 -6.14 1.23
C SER A 93 -8.01 -6.69 2.02
N GLU A 94 -7.79 -7.17 3.23
CA GLU A 94 -8.86 -7.60 4.12
C GLU A 94 -9.11 -6.53 5.18
N LEU A 95 -10.39 -6.17 5.34
CA LEU A 95 -10.84 -5.09 6.19
C LEU A 95 -11.80 -5.71 7.22
N PRO A 96 -11.32 -6.01 8.45
CA PRO A 96 -12.00 -6.88 9.41
C PRO A 96 -13.47 -6.54 9.64
N ASP A 97 -13.81 -5.26 9.68
CA ASP A 97 -15.15 -4.68 9.86
C ASP A 97 -16.26 -5.27 8.97
N GLY A 98 -15.92 -5.82 7.80
CA GLY A 98 -16.85 -6.47 6.88
C GLY A 98 -16.78 -6.03 5.42
N ARG A 99 -15.93 -5.07 5.07
CA ARG A 99 -15.84 -4.49 3.71
C ARG A 99 -14.54 -4.87 2.97
N LYS A 100 -14.38 -6.14 2.59
CA LYS A 100 -13.19 -6.66 1.89
C LYS A 100 -12.89 -5.94 0.55
N GLY A 101 -11.62 -5.94 0.10
CA GLY A 101 -11.21 -5.40 -1.22
C GLY A 101 -10.02 -6.11 -1.86
N THR A 102 -9.66 -5.74 -3.09
CA THR A 102 -8.50 -6.30 -3.80
C THR A 102 -7.60 -5.19 -4.32
N ARG A 103 -6.41 -5.11 -3.74
CA ARG A 103 -5.35 -4.16 -4.08
C ARG A 103 -4.43 -4.80 -5.14
N THR A 104 -3.81 -3.99 -6.01
CA THR A 104 -2.96 -4.43 -7.12
C THR A 104 -1.79 -3.48 -7.29
N TYR A 105 -0.59 -4.04 -7.34
CA TYR A 105 0.67 -3.34 -7.11
C TYR A 105 1.65 -3.56 -8.30
N GLU A 106 1.58 -2.70 -9.32
CA GLU A 106 2.50 -2.74 -10.48
C GLU A 106 3.91 -2.30 -10.07
N PHE A 107 4.92 -2.69 -10.86
CA PHE A 107 6.31 -2.38 -10.57
C PHE A 107 7.09 -1.92 -11.81
N CYS A 108 7.59 -0.69 -11.74
CA CYS A 108 8.31 0.01 -12.82
C CYS A 108 9.30 0.99 -12.18
N ASP A 109 10.47 1.24 -12.79
CA ASP A 109 11.54 2.09 -12.22
C ASP A 109 11.08 3.55 -11.99
N LYS A 110 10.25 4.06 -12.89
CA LYS A 110 9.57 5.35 -12.76
C LYS A 110 8.34 5.31 -11.81
N GLY A 111 8.10 4.20 -11.07
CA GLY A 111 7.03 4.08 -10.07
C GLY A 111 6.37 2.70 -9.95
N PHE A 112 6.35 2.20 -8.73
CA PHE A 112 5.35 1.31 -8.13
C PHE A 112 4.00 2.04 -8.06
N VAL A 113 2.86 1.34 -8.21
CA VAL A 113 1.53 1.96 -8.07
C VAL A 113 0.53 1.00 -7.40
N LEU A 114 -0.02 1.45 -6.28
CA LEU A 114 -0.90 0.70 -5.38
C LEU A 114 -2.36 1.01 -5.70
N THR A 115 -2.98 0.24 -6.60
CA THR A 115 -4.40 0.38 -6.97
C THR A 115 -5.27 -0.44 -6.02
N MET A 116 -6.54 -0.12 -5.82
CA MET A 116 -7.53 -1.00 -5.17
C MET A 116 -8.85 -0.96 -5.91
N CYS A 117 -9.27 -2.07 -6.52
CA CYS A 117 -10.52 -2.12 -7.27
C CYS A 117 -11.67 -2.66 -6.39
N ALA A 118 -12.69 -1.83 -6.18
CA ALA A 118 -13.96 -2.26 -5.62
C ALA A 118 -14.97 -2.54 -6.75
N GLY A 119 -16.11 -3.14 -6.40
CA GLY A 119 -17.32 -3.07 -7.24
C GLY A 119 -17.98 -1.69 -7.19
N ASP A 120 -17.64 -0.88 -6.17
CA ASP A 120 -18.28 0.38 -5.81
C ASP A 120 -17.46 1.62 -6.23
N MET A 121 -16.12 1.51 -6.21
CA MET A 121 -15.13 2.56 -6.49
C MET A 121 -13.79 1.93 -6.97
N VAL A 122 -12.73 2.71 -7.10
CA VAL A 122 -11.36 2.23 -7.34
C VAL A 122 -10.38 3.06 -6.49
N ALA A 123 -9.08 2.82 -6.62
CA ALA A 123 -8.04 3.59 -5.96
C ALA A 123 -6.68 3.47 -6.64
N LYS A 124 -5.76 4.42 -6.45
CA LYS A 124 -4.38 4.40 -6.97
C LYS A 124 -3.43 5.36 -6.24
N ARG A 125 -2.37 4.82 -5.66
CA ARG A 125 -1.29 5.47 -4.90
C ARG A 125 0.06 5.13 -5.57
N TYR A 126 1.23 5.68 -5.21
CA TYR A 126 2.49 5.36 -5.90
C TYR A 126 3.85 5.64 -5.20
N PHE A 127 4.73 4.63 -5.24
CA PHE A 127 6.09 4.66 -4.68
C PHE A 127 7.10 4.67 -5.83
N ILE A 128 7.99 5.66 -5.98
CA ILE A 128 9.00 5.74 -7.06
C ILE A 128 10.42 5.78 -6.46
N ARG A 129 11.45 5.39 -7.22
CA ARG A 129 12.85 5.31 -6.78
C ARG A 129 13.32 6.32 -5.72
N THR A 130 14.06 5.79 -4.73
CA THR A 130 14.93 6.55 -3.82
C THR A 130 15.83 7.47 -4.62
N MET A 1 19.30 -7.22 -4.05
CA MET A 1 20.10 -7.96 -5.08
C MET A 1 19.67 -7.69 -6.55
N VAL A 2 18.67 -8.37 -7.11
CA VAL A 2 18.15 -8.11 -8.47
C VAL A 2 17.79 -6.62 -8.64
N GLN A 3 17.88 -6.13 -9.88
CA GLN A 3 17.44 -4.80 -10.28
C GLN A 3 16.55 -4.95 -11.54
N LEU A 4 15.27 -4.52 -11.48
CA LEU A 4 14.34 -4.50 -12.62
C LEU A 4 13.80 -3.10 -12.93
N ALA A 5 13.56 -2.30 -11.90
CA ALA A 5 13.00 -0.96 -12.04
C ALA A 5 13.78 0.05 -11.19
N GLY A 6 13.62 0.05 -9.85
CA GLY A 6 14.35 0.95 -8.95
C GLY A 6 13.88 0.79 -7.50
N THR A 7 13.63 1.89 -6.78
CA THR A 7 13.08 1.93 -5.40
C THR A 7 12.31 3.22 -5.15
N TYR A 8 11.11 3.10 -4.53
CA TYR A 8 10.13 4.18 -4.35
C TYR A 8 9.71 4.40 -2.89
N LYS A 9 9.56 5.66 -2.49
CA LYS A 9 9.00 6.07 -1.20
C LYS A 9 7.63 6.75 -1.40
N LEU A 10 6.88 7.10 -0.34
CA LEU A 10 5.59 7.77 -0.53
C LEU A 10 5.75 9.29 -0.71
N GLU A 11 5.46 9.76 -1.94
CA GLU A 11 5.30 11.18 -2.26
C GLU A 11 3.81 11.62 -2.31
N LYS A 12 2.90 10.76 -2.79
CA LYS A 12 1.53 11.14 -3.09
C LYS A 12 0.54 10.03 -2.75
N ASN A 13 -0.68 10.42 -2.44
CA ASN A 13 -1.78 9.52 -2.16
C ASN A 13 -3.08 10.20 -2.64
N GLU A 14 -4.07 9.45 -3.12
CA GLU A 14 -5.41 9.93 -3.48
C GLU A 14 -6.43 8.81 -3.19
N ASN A 15 -7.68 9.18 -2.94
CA ASN A 15 -8.85 8.30 -2.76
C ASN A 15 -8.74 7.26 -1.60
N PHE A 16 -7.65 7.26 -0.84
CA PHE A 16 -7.52 6.60 0.47
C PHE A 16 -8.70 7.01 1.38
N GLU A 17 -9.10 8.27 1.28
CA GLU A 17 -10.19 8.90 1.98
C GLU A 17 -11.55 8.36 1.53
N GLU A 18 -11.70 7.79 0.35
CA GLU A 18 -13.00 7.31 -0.14
C GLU A 18 -13.30 5.88 0.30
N TYR A 19 -12.34 4.95 0.30
CA TYR A 19 -12.57 3.70 1.04
C TYR A 19 -12.62 4.00 2.53
N LEU A 20 -11.63 4.66 3.14
CA LEU A 20 -11.65 4.94 4.59
C LEU A 20 -12.87 5.79 5.04
N ALA A 21 -13.47 6.66 4.21
CA ALA A 21 -14.77 7.29 4.49
C ALA A 21 -15.99 6.42 4.13
N ALA A 22 -15.91 5.47 3.21
CA ALA A 22 -16.91 4.39 3.10
C ALA A 22 -16.98 3.56 4.41
N LEU A 23 -15.85 3.41 5.12
CA LEU A 23 -15.77 2.85 6.49
C LEU A 23 -16.12 3.89 7.58
N GLY A 24 -16.26 5.16 7.20
CA GLY A 24 -16.80 6.26 8.01
C GLY A 24 -15.81 7.30 8.54
N VAL A 25 -14.53 7.23 8.18
CA VAL A 25 -13.52 8.15 8.72
C VAL A 25 -13.66 9.59 8.15
N PRO A 26 -13.58 10.66 8.98
CA PRO A 26 -13.69 12.06 8.55
C PRO A 26 -12.69 12.48 7.47
N GLN A 27 -13.13 13.16 6.41
CA GLN A 27 -12.26 13.67 5.32
C GLN A 27 -10.97 14.36 5.79
N ASP A 28 -11.01 15.35 6.69
CA ASP A 28 -9.80 16.10 7.07
C ASP A 28 -9.03 15.48 8.25
N SER A 29 -9.57 14.43 8.91
CA SER A 29 -8.81 13.54 9.82
C SER A 29 -8.13 12.39 9.06
N ILE A 30 -8.77 11.88 8.00
CA ILE A 30 -8.23 10.79 7.19
C ILE A 30 -7.16 11.32 6.22
N LYS A 31 -7.39 12.48 5.60
CA LYS A 31 -6.41 13.15 4.75
C LYS A 31 -5.11 13.48 5.51
N LYS A 32 -5.17 13.80 6.81
CA LYS A 32 -3.96 13.96 7.64
C LYS A 32 -3.36 12.64 8.16
N ALA A 33 -3.98 11.49 7.86
CA ALA A 33 -3.52 10.17 8.28
C ALA A 33 -2.89 9.38 7.14
N ASN A 34 -3.55 9.41 5.98
CA ASN A 34 -3.03 8.90 4.72
C ASN A 34 -2.43 10.05 3.85
N SER A 35 -2.02 11.15 4.50
CA SER A 35 -1.15 12.17 3.92
C SER A 35 0.19 11.54 3.50
N PRO A 36 0.87 12.08 2.47
CA PRO A 36 2.23 11.68 2.16
C PRO A 36 3.20 12.22 3.22
N GLY A 37 4.50 12.04 3.00
CA GLY A 37 5.53 12.32 4.02
C GLY A 37 5.76 11.12 4.91
N VAL A 38 4.73 10.30 5.11
CA VAL A 38 4.86 8.88 5.47
C VAL A 38 6.00 8.26 4.69
N VAL A 39 6.93 7.64 5.41
CA VAL A 39 7.90 6.71 4.83
C VAL A 39 7.15 5.43 4.47
N TYR A 40 7.05 5.16 3.17
CA TYR A 40 6.48 3.93 2.62
C TYR A 40 7.49 3.36 1.61
N GLU A 41 8.41 2.48 2.02
CA GLU A 41 9.46 1.93 1.15
C GLU A 41 8.87 0.77 0.33
N ILE A 42 8.75 0.95 -0.97
CA ILE A 42 8.50 -0.14 -1.93
C ILE A 42 9.77 -0.31 -2.73
N ILE A 43 10.25 -1.54 -2.79
CA ILE A 43 11.37 -1.96 -3.63
C ILE A 43 10.82 -3.09 -4.50
N VAL A 44 10.85 -2.89 -5.82
CA VAL A 44 10.54 -3.93 -6.80
C VAL A 44 11.64 -4.10 -7.83
N ASN A 45 12.03 -5.37 -7.97
CA ASN A 45 13.13 -5.83 -8.78
C ASN A 45 12.96 -7.34 -9.07
N GLY A 46 11.90 -7.73 -9.80
CA GLY A 46 11.65 -9.10 -10.26
C GLY A 46 11.60 -10.11 -9.12
N ASN A 47 12.69 -10.84 -8.91
CA ASN A 47 12.86 -11.77 -7.77
C ASN A 47 13.21 -11.03 -6.45
N LYS A 48 12.59 -9.88 -6.22
CA LYS A 48 12.79 -8.99 -5.08
C LYS A 48 11.68 -7.94 -5.03
N PHE A 49 10.57 -8.24 -4.34
CA PHE A 49 9.52 -7.27 -4.05
C PHE A 49 9.33 -7.16 -2.51
N THR A 50 9.45 -5.95 -1.95
CA THR A 50 9.29 -5.63 -0.50
C THR A 50 8.54 -4.31 -0.39
N PHE A 51 7.58 -4.23 0.53
CA PHE A 51 6.69 -3.09 0.70
C PHE A 51 6.55 -2.82 2.20
N LYS A 52 6.73 -1.58 2.64
CA LYS A 52 6.75 -1.29 4.08
C LYS A 52 6.35 0.13 4.39
N SER A 53 5.77 0.35 5.56
CA SER A 53 5.40 1.66 6.05
C SER A 53 5.99 1.88 7.45
N SER A 54 6.43 3.11 7.72
CA SER A 54 7.15 3.48 8.94
C SER A 54 6.57 4.74 9.59
N SER A 55 5.33 5.12 9.25
CA SER A 55 4.69 6.37 9.68
C SER A 55 4.09 6.30 11.09
N GLY A 56 4.78 5.61 11.99
CA GLY A 56 4.33 5.30 13.34
C GLY A 56 4.02 3.81 13.50
N MET A 57 3.38 3.19 12.51
CA MET A 57 3.37 1.73 12.43
C MET A 57 4.67 1.26 11.77
N ASN A 58 5.36 0.29 12.38
CA ASN A 58 6.59 -0.31 11.87
C ASN A 58 6.24 -1.63 11.14
N SER A 59 5.82 -1.53 9.89
CA SER A 59 5.17 -2.64 9.15
C SER A 59 5.93 -2.96 7.85
N THR A 60 6.40 -4.20 7.60
CA THR A 60 7.23 -4.55 6.42
C THR A 60 6.99 -5.96 5.88
N LEU A 61 6.34 -6.02 4.72
CA LEU A 61 5.97 -7.25 4.01
C LEU A 61 6.80 -7.45 2.74
N ILE A 62 6.55 -8.55 2.04
CA ILE A 62 7.28 -8.98 0.82
C ILE A 62 6.35 -9.51 -0.28
N VAL A 63 6.94 -10.02 -1.37
CA VAL A 63 6.28 -10.78 -2.45
C VAL A 63 5.26 -11.77 -1.87
N ASN A 64 4.00 -11.68 -2.30
CA ASN A 64 2.92 -12.64 -2.04
C ASN A 64 2.73 -13.09 -0.56
N GLU A 65 2.80 -12.15 0.38
CA GLU A 65 2.60 -12.36 1.82
C GLU A 65 1.39 -11.58 2.36
N GLU A 66 1.28 -11.41 3.67
CA GLU A 66 0.17 -10.76 4.36
C GLU A 66 0.73 -9.72 5.34
N VAL A 67 -0.12 -8.79 5.81
CA VAL A 67 0.21 -7.78 6.82
C VAL A 67 -1.03 -7.35 7.60
N GLU A 68 -0.82 -7.00 8.87
CA GLU A 68 -1.78 -6.30 9.71
C GLU A 68 -1.16 -4.97 10.18
N GLU A 69 -1.99 -3.92 10.17
CA GLU A 69 -1.55 -2.59 10.58
C GLU A 69 -2.72 -1.70 10.98
N VAL A 70 -2.41 -0.82 11.92
CA VAL A 70 -3.30 0.27 12.34
C VAL A 70 -2.71 1.61 11.86
N LEU A 71 -3.56 2.63 11.76
CA LEU A 71 -3.17 3.97 11.31
C LEU A 71 -3.27 4.99 12.45
N GLY A 72 -2.31 5.90 12.59
CA GLY A 72 -2.23 6.82 13.73
C GLY A 72 -3.32 7.89 13.76
N THR A 73 -3.45 8.70 12.70
CA THR A 73 -4.35 9.88 12.67
C THR A 73 -5.79 9.58 12.26
N VAL A 74 -6.08 8.33 11.90
CA VAL A 74 -7.42 7.79 11.63
C VAL A 74 -7.83 6.71 12.65
N ASN A 75 -6.87 6.13 13.41
CA ASN A 75 -7.08 5.07 14.41
C ASN A 75 -7.80 3.81 13.85
N MET A 76 -7.73 3.60 12.54
CA MET A 76 -8.32 2.45 11.83
C MET A 76 -7.34 1.30 11.77
N ASN A 77 -7.81 0.13 12.19
CA ASN A 77 -7.08 -1.13 12.27
C ASN A 77 -7.57 -2.06 11.15
N ILE A 78 -6.75 -2.26 10.10
CA ILE A 78 -7.13 -3.02 8.91
C ILE A 78 -6.15 -4.17 8.66
N LYS A 79 -6.44 -4.97 7.64
CA LYS A 79 -5.52 -6.01 7.20
C LYS A 79 -5.37 -6.03 5.69
N SER A 80 -4.33 -6.71 5.20
CA SER A 80 -3.87 -6.53 3.83
C SER A 80 -3.11 -7.77 3.35
N PHE A 81 -3.48 -8.33 2.20
CA PHE A 81 -3.04 -9.66 1.73
C PHE A 81 -2.43 -9.57 0.34
N THR A 82 -1.10 -9.49 0.26
CA THR A 82 -0.35 -9.29 -0.97
C THR A 82 -0.32 -10.59 -1.77
N LYS A 83 -0.42 -10.45 -3.08
CA LYS A 83 -0.37 -11.54 -4.05
C LYS A 83 0.29 -11.00 -5.31
N LEU A 84 1.34 -11.66 -5.80
CA LEU A 84 2.02 -11.21 -7.01
C LEU A 84 1.34 -11.80 -8.25
N GLU A 85 1.13 -10.96 -9.25
CA GLU A 85 0.47 -11.25 -10.52
C GLU A 85 1.44 -10.85 -11.63
N GLY A 86 2.61 -11.50 -11.62
CA GLY A 86 3.72 -11.32 -12.57
C GLY A 86 4.26 -9.90 -12.61
N SER A 87 3.80 -9.09 -13.56
CA SER A 87 4.22 -7.70 -13.71
C SER A 87 3.29 -6.70 -12.99
N LYS A 88 2.56 -7.15 -11.95
CA LYS A 88 1.88 -6.29 -10.97
C LYS A 88 1.62 -7.03 -9.64
N LEU A 89 1.72 -6.35 -8.50
CA LEU A 89 1.28 -6.86 -7.20
C LEU A 89 -0.20 -6.50 -6.98
N VAL A 90 -0.96 -7.43 -6.42
CA VAL A 90 -2.32 -7.25 -5.89
C VAL A 90 -2.26 -7.27 -4.36
N VAL A 91 -3.24 -6.69 -3.67
CA VAL A 91 -3.27 -6.60 -2.20
C VAL A 91 -4.72 -6.61 -1.71
N ASN A 92 -5.24 -7.74 -1.27
CA ASN A 92 -6.60 -7.80 -0.74
C ASN A 92 -6.68 -7.05 0.60
N SER A 93 -7.11 -5.78 0.55
CA SER A 93 -7.27 -4.95 1.73
C SER A 93 -8.63 -5.23 2.34
N GLU A 94 -8.61 -5.82 3.52
CA GLU A 94 -9.80 -6.16 4.28
C GLU A 94 -10.02 -5.10 5.36
N LEU A 95 -11.28 -4.70 5.50
CA LEU A 95 -11.73 -3.64 6.37
C LEU A 95 -12.71 -4.28 7.39
N PRO A 96 -12.25 -4.56 8.64
CA PRO A 96 -12.97 -5.38 9.61
C PRO A 96 -14.30 -4.80 10.12
N ASP A 97 -14.61 -3.54 9.81
CA ASP A 97 -15.94 -2.94 10.00
C ASP A 97 -17.03 -3.61 9.16
N GLY A 98 -16.65 -4.30 8.07
CA GLY A 98 -17.52 -5.07 7.19
C GLY A 98 -17.29 -4.81 5.70
N ARG A 99 -16.86 -3.60 5.32
CA ARG A 99 -16.73 -3.17 3.92
C ARG A 99 -15.43 -3.65 3.26
N LYS A 100 -15.19 -4.97 3.30
CA LYS A 100 -14.01 -5.61 2.71
C LYS A 100 -13.96 -5.47 1.17
N GLY A 101 -12.75 -5.19 0.65
CA GLY A 101 -12.50 -4.94 -0.77
C GLY A 101 -11.18 -5.52 -1.27
N THR A 102 -10.64 -4.97 -2.36
CA THR A 102 -9.36 -5.38 -2.95
C THR A 102 -8.56 -4.17 -3.39
N ARG A 103 -7.36 -3.98 -2.82
CA ARG A 103 -6.33 -3.10 -3.38
C ARG A 103 -5.55 -3.82 -4.49
N THR A 104 -5.00 -3.07 -5.44
CA THR A 104 -4.02 -3.53 -6.42
C THR A 104 -2.96 -2.47 -6.62
N TYR A 105 -1.72 -2.87 -6.50
CA TYR A 105 -0.56 -1.98 -6.46
C TYR A 105 0.29 -2.23 -7.71
N GLU A 106 0.13 -1.42 -8.76
CA GLU A 106 0.92 -1.57 -10.01
C GLU A 106 2.38 -1.17 -9.79
N PHE A 107 3.30 -1.56 -10.70
CA PHE A 107 4.69 -1.10 -10.62
C PHE A 107 5.15 -0.31 -11.86
N CYS A 108 5.97 0.70 -11.58
CA CYS A 108 6.55 1.64 -12.53
C CYS A 108 7.82 2.26 -11.89
N ASP A 109 8.88 2.51 -12.66
CA ASP A 109 10.09 3.15 -12.11
C ASP A 109 9.86 4.61 -11.69
N LYS A 110 8.87 5.27 -12.30
CA LYS A 110 8.36 6.56 -11.82
C LYS A 110 7.22 6.43 -10.78
N GLY A 111 6.81 5.23 -10.34
CA GLY A 111 5.80 5.10 -9.28
C GLY A 111 5.17 3.74 -9.04
N PHE A 112 4.50 3.62 -7.90
CA PHE A 112 3.77 2.43 -7.48
C PHE A 112 2.36 2.85 -7.12
N VAL A 113 1.41 2.68 -8.03
CA VAL A 113 0.04 3.18 -7.82
C VAL A 113 -0.83 2.15 -7.11
N LEU A 114 -1.17 2.50 -5.86
CA LEU A 114 -1.98 1.79 -4.89
C LEU A 114 -3.47 2.07 -5.14
N THR A 115 -4.12 1.28 -6.00
CA THR A 115 -5.57 1.40 -6.27
C THR A 115 -6.38 0.49 -5.36
N MET A 116 -7.69 0.74 -5.20
CA MET A 116 -8.65 -0.14 -4.49
C MET A 116 -9.97 -0.15 -5.26
N CYS A 117 -10.38 -1.28 -5.84
CA CYS A 117 -11.65 -1.33 -6.58
C CYS A 117 -12.80 -1.78 -5.66
N ALA A 118 -13.92 -1.07 -5.73
CA ALA A 118 -15.16 -1.40 -5.04
C ALA A 118 -16.35 -1.32 -6.01
N GLY A 119 -17.47 -1.96 -5.67
CA GLY A 119 -18.71 -1.79 -6.43
C GLY A 119 -19.16 -0.33 -6.45
N ASP A 120 -18.97 0.34 -5.32
CA ASP A 120 -19.46 1.70 -5.07
C ASP A 120 -18.43 2.80 -5.47
N MET A 121 -17.11 2.55 -5.39
CA MET A 121 -16.03 3.55 -5.65
C MET A 121 -14.74 2.91 -6.19
N VAL A 122 -13.74 3.71 -6.60
CA VAL A 122 -12.39 3.22 -6.99
C VAL A 122 -11.30 4.16 -6.47
N ALA A 123 -10.30 3.61 -5.79
CA ALA A 123 -9.17 4.34 -5.22
C ALA A 123 -7.88 4.25 -6.01
N LYS A 124 -6.91 5.12 -5.70
CA LYS A 124 -5.69 5.44 -6.48
C LYS A 124 -4.74 6.35 -5.66
N ARG A 125 -3.73 5.78 -5.00
CA ARG A 125 -2.70 6.44 -4.19
C ARG A 125 -1.32 6.13 -4.82
N TYR A 126 -0.18 6.79 -4.54
CA TYR A 126 1.06 6.53 -5.34
C TYR A 126 2.46 6.83 -4.73
N PHE A 127 3.29 5.78 -4.63
CA PHE A 127 4.65 5.83 -4.06
C PHE A 127 5.71 5.99 -5.17
N ILE A 128 6.53 7.04 -5.16
CA ILE A 128 7.49 7.37 -6.23
C ILE A 128 8.93 7.43 -5.69
N ARG A 129 9.89 7.20 -6.59
CA ARG A 129 11.34 7.19 -6.31
C ARG A 129 11.82 8.33 -5.41
N THR A 130 12.74 7.94 -4.52
CA THR A 130 13.45 8.80 -3.54
C THR A 130 14.23 9.90 -4.22
#